data_8WC1
# 
_entry.id   8WC1 
# 
_audit_conform.dict_name       mmcif_pdbx.dic 
_audit_conform.dict_version    5.395 
_audit_conform.dict_location   http://mmcif.pdb.org/dictionaries/ascii/mmcif_pdbx.dic 
# 
loop_
_database_2.database_id 
_database_2.database_code 
_database_2.pdbx_database_accession 
_database_2.pdbx_DOI 
PDB   8WC1         pdb_00008wc1 10.2210/pdb8wc1/pdb 
WWPDB D_1300039254 ?            ?                   
# 
_pdbx_audit_revision_history.ordinal             1 
_pdbx_audit_revision_history.data_content_type   'Structure model' 
_pdbx_audit_revision_history.major_revision      1 
_pdbx_audit_revision_history.minor_revision      0 
_pdbx_audit_revision_history.revision_date       2024-09-18 
# 
_pdbx_audit_revision_details.ordinal             1 
_pdbx_audit_revision_details.revision_ordinal    1 
_pdbx_audit_revision_details.data_content_type   'Structure model' 
_pdbx_audit_revision_details.provider            repository 
_pdbx_audit_revision_details.type                'Initial release' 
_pdbx_audit_revision_details.description         ? 
_pdbx_audit_revision_details.details             ? 
# 
_pdbx_database_status.status_code                     REL 
_pdbx_database_status.status_code_sf                  REL 
_pdbx_database_status.status_code_mr                  ? 
_pdbx_database_status.entry_id                        8WC1 
_pdbx_database_status.recvd_initial_deposition_date   2023-09-11 
_pdbx_database_status.SG_entry                        N 
_pdbx_database_status.deposit_site                    PDBJ 
_pdbx_database_status.process_site                    PDBC 
_pdbx_database_status.status_code_cs                  ? 
_pdbx_database_status.status_code_nmr_data            ? 
_pdbx_database_status.methods_development_category    ? 
_pdbx_database_status.pdb_format_compatible           Y 
# 
_pdbx_contact_author.id                 2 
_pdbx_contact_author.email              changyg@ouc.edu.cn 
_pdbx_contact_author.name_first         Yaoguang 
_pdbx_contact_author.name_last          Chang 
_pdbx_contact_author.name_mi            ? 
_pdbx_contact_author.role               'principal investigator/group leader' 
_pdbx_contact_author.identifier_ORCID   0000-0002-8234-7272 
# 
loop_
_audit_author.name 
_audit_author.pdbx_ordinal 
_audit_author.identifier_ORCID 
'Liu, G.C.'   1 0009-0000-3834-6208 
'Chang, Y.G.' 2 0000-0002-8234-7272 
# 
_citation.abstract                  ? 
_citation.abstract_id_CAS           ? 
_citation.book_id_ISBN              ? 
_citation.book_publisher            ? 
_citation.book_publisher_city       ? 
_citation.book_title                ? 
_citation.coordinate_linkage        ? 
_citation.country                   ? 
_citation.database_id_Medline       ? 
_citation.details                   ? 
_citation.id                        primary 
_citation.journal_abbrev            'To Be Published' 
_citation.journal_id_ASTM           ? 
_citation.journal_id_CSD            0353 
_citation.journal_id_ISSN           ? 
_citation.journal_full              ? 
_citation.journal_issue             ? 
_citation.journal_volume            ? 
_citation.language                  ? 
_citation.page_first                ? 
_citation.page_last                 ? 
_citation.title                     'Structure of a carbohydrate binding domain at 1.30 Angstroms resolution' 
_citation.year                      ? 
_citation.database_id_CSD           ? 
_citation.pdbx_database_id_DOI      ? 
_citation.pdbx_database_id_PubMed   ? 
_citation.pdbx_database_id_patent   ? 
_citation.unpublished_flag          ? 
# 
loop_
_citation_author.citation_id 
_citation_author.name 
_citation_author.ordinal 
_citation_author.identifier_ORCID 
primary 'Liu, G.C.'   1 ? 
primary 'Chang, Y.G.' 2 ? 
# 
loop_
_entity.id 
_entity.type 
_entity.src_method 
_entity.pdbx_description 
_entity.formula_weight 
_entity.pdbx_number_of_molecules 
_entity.pdbx_ec 
_entity.pdbx_mutation 
_entity.pdbx_fragment 
_entity.details 
1 polymer man 'Pectate lyase family 9' 19236.273 1   ? ? ? ? 
2 water   nat water                    18.015    271 ? ? ? ? 
# 
_entity_poly.entity_id                      1 
_entity_poly.type                           'polypeptide(L)' 
_entity_poly.nstd_linkage                   no 
_entity_poly.nstd_monomer                   no 
_entity_poly.pdbx_seq_one_letter_code       
;MGLPPDSVYNISDMSTGTISQDTQIGDFSIIAATDGNTAIAVDGNKKTSTTTGIKYTKRLKLNGTGNQTNRAIKFTASEP
ATFMIEAASANSSAVRTGVLVNSAGETVASGEFASGLTYKKMTVPEAGDYWFYSTDSGINVYYLKLTYEVQPPDPVYDFE
DLNGVVLEPMLEHHHHHH
;
_entity_poly.pdbx_seq_one_letter_code_can   
;MGLPPDSVYNISDMSTGTISQDTQIGDFSIIAATDGNTAIAVDGNKKTSTTTGIKYTKRLKLNGTGNQTNRAIKFTASEP
ATFMIEAASANSSAVRTGVLVNSAGETVASGEFASGLTYKKMTVPEAGDYWFYSTDSGINVYYLKLTYEVQPPDPVYDFE
DLNGVVLEPMLEHHHHHH
;
_entity_poly.pdbx_strand_id                 A 
_entity_poly.pdbx_target_identifier         ? 
# 
_pdbx_entity_nonpoly.entity_id   2 
_pdbx_entity_nonpoly.name        water 
_pdbx_entity_nonpoly.comp_id     HOH 
# 
loop_
_entity_poly_seq.entity_id 
_entity_poly_seq.num 
_entity_poly_seq.mon_id 
_entity_poly_seq.hetero 
1 1   MET n 
1 2   GLY n 
1 3   LEU n 
1 4   PRO n 
1 5   PRO n 
1 6   ASP n 
1 7   SER n 
1 8   VAL n 
1 9   TYR n 
1 10  ASN n 
1 11  ILE n 
1 12  SER n 
1 13  ASP n 
1 14  MET n 
1 15  SER n 
1 16  THR n 
1 17  GLY n 
1 18  THR n 
1 19  ILE n 
1 20  SER n 
1 21  GLN n 
1 22  ASP n 
1 23  THR n 
1 24  GLN n 
1 25  ILE n 
1 26  GLY n 
1 27  ASP n 
1 28  PHE n 
1 29  SER n 
1 30  ILE n 
1 31  ILE n 
1 32  ALA n 
1 33  ALA n 
1 34  THR n 
1 35  ASP n 
1 36  GLY n 
1 37  ASN n 
1 38  THR n 
1 39  ALA n 
1 40  ILE n 
1 41  ALA n 
1 42  VAL n 
1 43  ASP n 
1 44  GLY n 
1 45  ASN n 
1 46  LYS n 
1 47  LYS n 
1 48  THR n 
1 49  SER n 
1 50  THR n 
1 51  THR n 
1 52  THR n 
1 53  GLY n 
1 54  ILE n 
1 55  LYS n 
1 56  TYR n 
1 57  THR n 
1 58  LYS n 
1 59  ARG n 
1 60  LEU n 
1 61  LYS n 
1 62  LEU n 
1 63  ASN n 
1 64  GLY n 
1 65  THR n 
1 66  GLY n 
1 67  ASN n 
1 68  GLN n 
1 69  THR n 
1 70  ASN n 
1 71  ARG n 
1 72  ALA n 
1 73  ILE n 
1 74  LYS n 
1 75  PHE n 
1 76  THR n 
1 77  ALA n 
1 78  SER n 
1 79  GLU n 
1 80  PRO n 
1 81  ALA n 
1 82  THR n 
1 83  PHE n 
1 84  MET n 
1 85  ILE n 
1 86  GLU n 
1 87  ALA n 
1 88  ALA n 
1 89  SER n 
1 90  ALA n 
1 91  ASN n 
1 92  SER n 
1 93  SER n 
1 94  ALA n 
1 95  VAL n 
1 96  ARG n 
1 97  THR n 
1 98  GLY n 
1 99  VAL n 
1 100 LEU n 
1 101 VAL n 
1 102 ASN n 
1 103 SER n 
1 104 ALA n 
1 105 GLY n 
1 106 GLU n 
1 107 THR n 
1 108 VAL n 
1 109 ALA n 
1 110 SER n 
1 111 GLY n 
1 112 GLU n 
1 113 PHE n 
1 114 ALA n 
1 115 SER n 
1 116 GLY n 
1 117 LEU n 
1 118 THR n 
1 119 TYR n 
1 120 LYS n 
1 121 LYS n 
1 122 MET n 
1 123 THR n 
1 124 VAL n 
1 125 PRO n 
1 126 GLU n 
1 127 ALA n 
1 128 GLY n 
1 129 ASP n 
1 130 TYR n 
1 131 TRP n 
1 132 PHE n 
1 133 TYR n 
1 134 SER n 
1 135 THR n 
1 136 ASP n 
1 137 SER n 
1 138 GLY n 
1 139 ILE n 
1 140 ASN n 
1 141 VAL n 
1 142 TYR n 
1 143 TYR n 
1 144 LEU n 
1 145 LYS n 
1 146 LEU n 
1 147 THR n 
1 148 TYR n 
1 149 GLU n 
1 150 VAL n 
1 151 GLN n 
1 152 PRO n 
1 153 PRO n 
1 154 ASP n 
1 155 PRO n 
1 156 VAL n 
1 157 TYR n 
1 158 ASP n 
1 159 PHE n 
1 160 GLU n 
1 161 ASP n 
1 162 LEU n 
1 163 ASN n 
1 164 GLY n 
1 165 VAL n 
1 166 VAL n 
1 167 LEU n 
1 168 GLU n 
1 169 PRO n 
1 170 MET n 
1 171 LEU n 
1 172 GLU n 
1 173 HIS n 
1 174 HIS n 
1 175 HIS n 
1 176 HIS n 
1 177 HIS n 
1 178 HIS n 
# 
_entity_src_gen.entity_id                          1 
_entity_src_gen.pdbx_src_id                        1 
_entity_src_gen.pdbx_alt_source_flag               sample 
_entity_src_gen.pdbx_seq_type                      'Biological sequence' 
_entity_src_gen.pdbx_beg_seq_num                   1 
_entity_src_gen.pdbx_end_seq_num                   178 
_entity_src_gen.gene_src_common_name               ? 
_entity_src_gen.gene_src_genus                     ? 
_entity_src_gen.pdbx_gene_src_gene                 B9O19_00428 
_entity_src_gen.gene_src_species                   ? 
_entity_src_gen.gene_src_strain                    ? 
_entity_src_gen.gene_src_tissue                    ? 
_entity_src_gen.gene_src_tissue_fraction           ? 
_entity_src_gen.gene_src_details                   ? 
_entity_src_gen.pdbx_gene_src_fragment             ? 
_entity_src_gen.pdbx_gene_src_scientific_name      'Monoglobus pectinilyticus' 
_entity_src_gen.pdbx_gene_src_ncbi_taxonomy_id     1981510 
_entity_src_gen.pdbx_gene_src_variant              ? 
_entity_src_gen.pdbx_gene_src_cell_line            ? 
_entity_src_gen.pdbx_gene_src_atcc                 ? 
_entity_src_gen.pdbx_gene_src_organ                ? 
_entity_src_gen.pdbx_gene_src_organelle            ? 
_entity_src_gen.pdbx_gene_src_cell                 ? 
_entity_src_gen.pdbx_gene_src_cellular_location    ? 
_entity_src_gen.host_org_common_name               ? 
_entity_src_gen.pdbx_host_org_scientific_name      'Escherichia coli BL21(DE3)' 
_entity_src_gen.pdbx_host_org_ncbi_taxonomy_id     469008 
_entity_src_gen.host_org_genus                     ? 
_entity_src_gen.pdbx_host_org_gene                 ? 
_entity_src_gen.pdbx_host_org_organ                ? 
_entity_src_gen.host_org_species                   ? 
_entity_src_gen.pdbx_host_org_tissue               ? 
_entity_src_gen.pdbx_host_org_tissue_fraction      ? 
_entity_src_gen.pdbx_host_org_strain               ? 
_entity_src_gen.pdbx_host_org_variant              ? 
_entity_src_gen.pdbx_host_org_cell_line            ? 
_entity_src_gen.pdbx_host_org_atcc                 ? 
_entity_src_gen.pdbx_host_org_culture_collection   ? 
_entity_src_gen.pdbx_host_org_cell                 ? 
_entity_src_gen.pdbx_host_org_organelle            ? 
_entity_src_gen.pdbx_host_org_cellular_location    ? 
_entity_src_gen.pdbx_host_org_vector_type          ? 
_entity_src_gen.pdbx_host_org_vector               ? 
_entity_src_gen.host_org_details                   ? 
_entity_src_gen.expression_system_id               ? 
_entity_src_gen.plasmid_name                       ? 
_entity_src_gen.plasmid_details                    ? 
_entity_src_gen.pdbx_description                   ? 
# 
loop_
_chem_comp.id 
_chem_comp.type 
_chem_comp.mon_nstd_flag 
_chem_comp.name 
_chem_comp.pdbx_synonyms 
_chem_comp.formula 
_chem_comp.formula_weight 
ALA 'L-peptide linking' y ALANINE         ? 'C3 H7 N O2'     89.093  
ARG 'L-peptide linking' y ARGININE        ? 'C6 H15 N4 O2 1' 175.209 
ASN 'L-peptide linking' y ASPARAGINE      ? 'C4 H8 N2 O3'    132.118 
ASP 'L-peptide linking' y 'ASPARTIC ACID' ? 'C4 H7 N O4'     133.103 
GLN 'L-peptide linking' y GLUTAMINE       ? 'C5 H10 N2 O3'   146.144 
GLU 'L-peptide linking' y 'GLUTAMIC ACID' ? 'C5 H9 N O4'     147.129 
GLY 'peptide linking'   y GLYCINE         ? 'C2 H5 N O2'     75.067  
HIS 'L-peptide linking' y HISTIDINE       ? 'C6 H10 N3 O2 1' 156.162 
HOH non-polymer         . WATER           ? 'H2 O'           18.015  
ILE 'L-peptide linking' y ISOLEUCINE      ? 'C6 H13 N O2'    131.173 
LEU 'L-peptide linking' y LEUCINE         ? 'C6 H13 N O2'    131.173 
LYS 'L-peptide linking' y LYSINE          ? 'C6 H15 N2 O2 1' 147.195 
MET 'L-peptide linking' y METHIONINE      ? 'C5 H11 N O2 S'  149.211 
PHE 'L-peptide linking' y PHENYLALANINE   ? 'C9 H11 N O2'    165.189 
PRO 'L-peptide linking' y PROLINE         ? 'C5 H9 N O2'     115.130 
SER 'L-peptide linking' y SERINE          ? 'C3 H7 N O3'     105.093 
THR 'L-peptide linking' y THREONINE       ? 'C4 H9 N O3'     119.119 
TRP 'L-peptide linking' y TRYPTOPHAN      ? 'C11 H12 N2 O2'  204.225 
TYR 'L-peptide linking' y TYROSINE        ? 'C9 H11 N O3'    181.189 
VAL 'L-peptide linking' y VALINE          ? 'C5 H11 N O2'    117.146 
# 
loop_
_pdbx_poly_seq_scheme.asym_id 
_pdbx_poly_seq_scheme.entity_id 
_pdbx_poly_seq_scheme.seq_id 
_pdbx_poly_seq_scheme.mon_id 
_pdbx_poly_seq_scheme.ndb_seq_num 
_pdbx_poly_seq_scheme.pdb_seq_num 
_pdbx_poly_seq_scheme.auth_seq_num 
_pdbx_poly_seq_scheme.pdb_mon_id 
_pdbx_poly_seq_scheme.auth_mon_id 
_pdbx_poly_seq_scheme.pdb_strand_id 
_pdbx_poly_seq_scheme.pdb_ins_code 
_pdbx_poly_seq_scheme.hetero 
A 1 1   MET 1   -1  ?   ?   ?   A . n 
A 1 2   GLY 2   0   ?   ?   ?   A . n 
A 1 3   LEU 3   1   1   LEU LEU A . n 
A 1 4   PRO 4   2   2   PRO PRO A . n 
A 1 5   PRO 5   3   3   PRO PRO A . n 
A 1 6   ASP 6   4   4   ASP ASP A . n 
A 1 7   SER 7   5   5   SER SER A . n 
A 1 8   VAL 8   6   6   VAL VAL A . n 
A 1 9   TYR 9   7   7   TYR TYR A . n 
A 1 10  ASN 10  8   8   ASN ASN A . n 
A 1 11  ILE 11  9   9   ILE ILE A . n 
A 1 12  SER 12  10  10  SER SER A . n 
A 1 13  ASP 13  11  11  ASP ASP A . n 
A 1 14  MET 14  12  12  MET MET A . n 
A 1 15  SER 15  13  13  SER SER A . n 
A 1 16  THR 16  14  14  THR THR A . n 
A 1 17  GLY 17  15  15  GLY GLY A . n 
A 1 18  THR 18  16  16  THR THR A . n 
A 1 19  ILE 19  17  17  ILE ILE A . n 
A 1 20  SER 20  18  18  SER SER A . n 
A 1 21  GLN 21  19  19  GLN GLN A . n 
A 1 22  ASP 22  20  20  ASP ASP A . n 
A 1 23  THR 23  21  21  THR THR A . n 
A 1 24  GLN 24  22  22  GLN GLN A . n 
A 1 25  ILE 25  23  23  ILE ILE A . n 
A 1 26  GLY 26  24  24  GLY GLY A . n 
A 1 27  ASP 27  25  25  ASP ASP A . n 
A 1 28  PHE 28  26  26  PHE PHE A . n 
A 1 29  SER 29  27  27  SER SER A . n 
A 1 30  ILE 30  28  28  ILE ILE A . n 
A 1 31  ILE 31  29  29  ILE ILE A . n 
A 1 32  ALA 32  30  30  ALA ALA A . n 
A 1 33  ALA 33  31  31  ALA ALA A . n 
A 1 34  THR 34  32  32  THR THR A . n 
A 1 35  ASP 35  33  33  ASP ASP A . n 
A 1 36  GLY 36  34  34  GLY GLY A . n 
A 1 37  ASN 37  35  35  ASN ASN A . n 
A 1 38  THR 38  36  36  THR THR A . n 
A 1 39  ALA 39  37  37  ALA ALA A . n 
A 1 40  ILE 40  38  38  ILE ILE A . n 
A 1 41  ALA 41  39  39  ALA ALA A . n 
A 1 42  VAL 42  40  40  VAL VAL A . n 
A 1 43  ASP 43  41  41  ASP ASP A . n 
A 1 44  GLY 44  42  42  GLY GLY A . n 
A 1 45  ASN 45  43  43  ASN ASN A . n 
A 1 46  LYS 46  44  44  LYS LYS A . n 
A 1 47  LYS 47  45  45  LYS LYS A . n 
A 1 48  THR 48  46  46  THR THR A . n 
A 1 49  SER 49  47  47  SER SER A . n 
A 1 50  THR 50  48  48  THR THR A . n 
A 1 51  THR 51  49  49  THR THR A . n 
A 1 52  THR 52  50  50  THR THR A . n 
A 1 53  GLY 53  51  51  GLY GLY A . n 
A 1 54  ILE 54  52  52  ILE ILE A . n 
A 1 55  LYS 55  53  53  LYS LYS A . n 
A 1 56  TYR 56  54  54  TYR TYR A . n 
A 1 57  THR 57  55  55  THR THR A . n 
A 1 58  LYS 58  56  56  LYS LYS A . n 
A 1 59  ARG 59  57  57  ARG ARG A . n 
A 1 60  LEU 60  58  58  LEU LEU A . n 
A 1 61  LYS 61  59  59  LYS LYS A . n 
A 1 62  LEU 62  60  60  LEU LEU A . n 
A 1 63  ASN 63  61  61  ASN ASN A . n 
A 1 64  GLY 64  62  62  GLY GLY A . n 
A 1 65  THR 65  63  63  THR THR A . n 
A 1 66  GLY 66  64  64  GLY GLY A . n 
A 1 67  ASN 67  65  65  ASN ASN A . n 
A 1 68  GLN 68  66  66  GLN GLN A . n 
A 1 69  THR 69  67  67  THR THR A . n 
A 1 70  ASN 70  68  68  ASN ASN A . n 
A 1 71  ARG 71  69  69  ARG ARG A . n 
A 1 72  ALA 72  70  70  ALA ALA A . n 
A 1 73  ILE 73  71  71  ILE ILE A . n 
A 1 74  LYS 74  72  72  LYS LYS A . n 
A 1 75  PHE 75  73  73  PHE PHE A . n 
A 1 76  THR 76  74  74  THR THR A . n 
A 1 77  ALA 77  75  75  ALA ALA A . n 
A 1 78  SER 78  76  76  SER SER A . n 
A 1 79  GLU 79  77  77  GLU GLU A . n 
A 1 80  PRO 80  78  78  PRO PRO A . n 
A 1 81  ALA 81  79  79  ALA ALA A . n 
A 1 82  THR 82  80  80  THR THR A . n 
A 1 83  PHE 83  81  81  PHE PHE A . n 
A 1 84  MET 84  82  82  MET MET A . n 
A 1 85  ILE 85  83  83  ILE ILE A . n 
A 1 86  GLU 86  84  84  GLU GLU A . n 
A 1 87  ALA 87  85  85  ALA ALA A . n 
A 1 88  ALA 88  86  86  ALA ALA A . n 
A 1 89  SER 89  87  87  SER SER A . n 
A 1 90  ALA 90  88  88  ALA ALA A . n 
A 1 91  ASN 91  89  89  ASN ASN A . n 
A 1 92  SER 92  90  90  SER SER A . n 
A 1 93  SER 93  91  91  SER SER A . n 
A 1 94  ALA 94  92  92  ALA ALA A . n 
A 1 95  VAL 95  93  93  VAL VAL A . n 
A 1 96  ARG 96  94  94  ARG ARG A . n 
A 1 97  THR 97  95  95  THR THR A . n 
A 1 98  GLY 98  96  96  GLY GLY A . n 
A 1 99  VAL 99  97  97  VAL VAL A . n 
A 1 100 LEU 100 98  98  LEU LEU A . n 
A 1 101 VAL 101 99  99  VAL VAL A . n 
A 1 102 ASN 102 100 100 ASN ASN A . n 
A 1 103 SER 103 101 101 SER SER A . n 
A 1 104 ALA 104 102 102 ALA ALA A . n 
A 1 105 GLY 105 103 103 GLY GLY A . n 
A 1 106 GLU 106 104 104 GLU GLU A . n 
A 1 107 THR 107 105 105 THR THR A . n 
A 1 108 VAL 108 106 106 VAL VAL A . n 
A 1 109 ALA 109 107 107 ALA ALA A . n 
A 1 110 SER 110 108 108 SER SER A . n 
A 1 111 GLY 111 109 109 GLY GLY A . n 
A 1 112 GLU 112 110 110 GLU GLU A . n 
A 1 113 PHE 113 111 111 PHE PHE A . n 
A 1 114 ALA 114 112 112 ALA ALA A . n 
A 1 115 SER 115 113 113 SER SER A . n 
A 1 116 GLY 116 114 114 GLY GLY A . n 
A 1 117 LEU 117 115 115 LEU LEU A . n 
A 1 118 THR 118 116 116 THR THR A . n 
A 1 119 TYR 119 117 117 TYR TYR A . n 
A 1 120 LYS 120 118 118 LYS LYS A . n 
A 1 121 LYS 121 119 119 LYS LYS A . n 
A 1 122 MET 122 120 120 MET MET A . n 
A 1 123 THR 123 121 121 THR THR A . n 
A 1 124 VAL 124 122 122 VAL VAL A . n 
A 1 125 PRO 125 123 123 PRO PRO A . n 
A 1 126 GLU 126 124 124 GLU GLU A . n 
A 1 127 ALA 127 125 125 ALA ALA A . n 
A 1 128 GLY 128 126 126 GLY GLY A . n 
A 1 129 ASP 129 127 127 ASP ASP A . n 
A 1 130 TYR 130 128 128 TYR TYR A . n 
A 1 131 TRP 131 129 129 TRP TRP A . n 
A 1 132 PHE 132 130 130 PHE PHE A . n 
A 1 133 TYR 133 131 131 TYR TYR A . n 
A 1 134 SER 134 132 132 SER SER A . n 
A 1 135 THR 135 133 133 THR THR A . n 
A 1 136 ASP 136 134 134 ASP ASP A . n 
A 1 137 SER 137 135 135 SER SER A . n 
A 1 138 GLY 138 136 136 GLY GLY A . n 
A 1 139 ILE 139 137 137 ILE ILE A . n 
A 1 140 ASN 140 138 138 ASN ASN A . n 
A 1 141 VAL 141 139 139 VAL VAL A . n 
A 1 142 TYR 142 140 140 TYR TYR A . n 
A 1 143 TYR 143 141 141 TYR TYR A . n 
A 1 144 LEU 144 142 142 LEU LEU A . n 
A 1 145 LYS 145 143 143 LYS LYS A . n 
A 1 146 LEU 146 144 144 LEU LEU A . n 
A 1 147 THR 147 145 145 THR THR A . n 
A 1 148 TYR 148 146 146 TYR TYR A . n 
A 1 149 GLU 149 147 147 GLU GLU A . n 
A 1 150 VAL 150 148 148 VAL VAL A . n 
A 1 151 GLN 151 149 149 GLN GLN A . n 
A 1 152 PRO 152 150 150 PRO PRO A . n 
A 1 153 PRO 153 151 151 PRO PRO A . n 
A 1 154 ASP 154 152 ?   ?   ?   A . n 
A 1 155 PRO 155 153 ?   ?   ?   A . n 
A 1 156 VAL 156 154 ?   ?   ?   A . n 
A 1 157 TYR 157 155 ?   ?   ?   A . n 
A 1 158 ASP 158 156 ?   ?   ?   A . n 
A 1 159 PHE 159 157 ?   ?   ?   A . n 
A 1 160 GLU 160 158 ?   ?   ?   A . n 
A 1 161 ASP 161 159 ?   ?   ?   A . n 
A 1 162 LEU 162 160 ?   ?   ?   A . n 
A 1 163 ASN 163 161 ?   ?   ?   A . n 
A 1 164 GLY 164 162 ?   ?   ?   A . n 
A 1 165 VAL 165 163 ?   ?   ?   A . n 
A 1 166 VAL 166 164 ?   ?   ?   A . n 
A 1 167 LEU 167 165 ?   ?   ?   A . n 
A 1 168 GLU 168 166 ?   ?   ?   A . n 
A 1 169 PRO 169 167 ?   ?   ?   A . n 
A 1 170 MET 170 168 ?   ?   ?   A . n 
A 1 171 LEU 171 169 ?   ?   ?   A . n 
A 1 172 GLU 172 170 ?   ?   ?   A . n 
A 1 173 HIS 173 171 ?   ?   ?   A . n 
A 1 174 HIS 174 172 ?   ?   ?   A . n 
A 1 175 HIS 175 173 ?   ?   ?   A . n 
A 1 176 HIS 176 174 ?   ?   ?   A . n 
A 1 177 HIS 177 175 ?   ?   ?   A . n 
A 1 178 HIS 178 176 ?   ?   ?   A . n 
# 
loop_
_pdbx_nonpoly_scheme.asym_id 
_pdbx_nonpoly_scheme.entity_id 
_pdbx_nonpoly_scheme.mon_id 
_pdbx_nonpoly_scheme.ndb_seq_num 
_pdbx_nonpoly_scheme.pdb_seq_num 
_pdbx_nonpoly_scheme.auth_seq_num 
_pdbx_nonpoly_scheme.pdb_mon_id 
_pdbx_nonpoly_scheme.auth_mon_id 
_pdbx_nonpoly_scheme.pdb_strand_id 
_pdbx_nonpoly_scheme.pdb_ins_code 
B 2 HOH 1   201 251 HOH HOH A . 
B 2 HOH 2   202 269 HOH HOH A . 
B 2 HOH 3   203 208 HOH HOH A . 
B 2 HOH 4   204 259 HOH HOH A . 
B 2 HOH 5   205 242 HOH HOH A . 
B 2 HOH 6   206 151 HOH HOH A . 
B 2 HOH 7   207 220 HOH HOH A . 
B 2 HOH 8   208 84  HOH HOH A . 
B 2 HOH 9   209 227 HOH HOH A . 
B 2 HOH 10  210 194 HOH HOH A . 
B 2 HOH 11  211 178 HOH HOH A . 
B 2 HOH 12  212 63  HOH HOH A . 
B 2 HOH 13  213 41  HOH HOH A . 
B 2 HOH 14  214 239 HOH HOH A . 
B 2 HOH 15  215 81  HOH HOH A . 
B 2 HOH 16  216 162 HOH HOH A . 
B 2 HOH 17  217 67  HOH HOH A . 
B 2 HOH 18  218 95  HOH HOH A . 
B 2 HOH 19  219 35  HOH HOH A . 
B 2 HOH 20  220 252 HOH HOH A . 
B 2 HOH 21  221 180 HOH HOH A . 
B 2 HOH 22  222 181 HOH HOH A . 
B 2 HOH 23  223 90  HOH HOH A . 
B 2 HOH 24  224 114 HOH HOH A . 
B 2 HOH 25  225 23  HOH HOH A . 
B 2 HOH 26  226 50  HOH HOH A . 
B 2 HOH 27  227 261 HOH HOH A . 
B 2 HOH 28  228 24  HOH HOH A . 
B 2 HOH 29  229 73  HOH HOH A . 
B 2 HOH 30  230 254 HOH HOH A . 
B 2 HOH 31  231 8   HOH HOH A . 
B 2 HOH 32  232 213 HOH HOH A . 
B 2 HOH 33  233 212 HOH HOH A . 
B 2 HOH 34  234 14  HOH HOH A . 
B 2 HOH 35  235 137 HOH HOH A . 
B 2 HOH 36  236 39  HOH HOH A . 
B 2 HOH 37  237 2   HOH HOH A . 
B 2 HOH 38  238 10  HOH HOH A . 
B 2 HOH 39  239 130 HOH HOH A . 
B 2 HOH 40  240 141 HOH HOH A . 
B 2 HOH 41  241 77  HOH HOH A . 
B 2 HOH 42  242 26  HOH HOH A . 
B 2 HOH 43  243 65  HOH HOH A . 
B 2 HOH 44  244 12  HOH HOH A . 
B 2 HOH 45  245 13  HOH HOH A . 
B 2 HOH 46  246 142 HOH HOH A . 
B 2 HOH 47  247 22  HOH HOH A . 
B 2 HOH 48  248 112 HOH HOH A . 
B 2 HOH 49  249 76  HOH HOH A . 
B 2 HOH 50  250 62  HOH HOH A . 
B 2 HOH 51  251 5   HOH HOH A . 
B 2 HOH 52  252 25  HOH HOH A . 
B 2 HOH 53  253 102 HOH HOH A . 
B 2 HOH 54  254 104 HOH HOH A . 
B 2 HOH 55  255 15  HOH HOH A . 
B 2 HOH 56  256 116 HOH HOH A . 
B 2 HOH 57  257 160 HOH HOH A . 
B 2 HOH 58  258 40  HOH HOH A . 
B 2 HOH 59  259 236 HOH HOH A . 
B 2 HOH 60  260 99  HOH HOH A . 
B 2 HOH 61  261 44  HOH HOH A . 
B 2 HOH 62  262 28  HOH HOH A . 
B 2 HOH 63  263 17  HOH HOH A . 
B 2 HOH 64  264 111 HOH HOH A . 
B 2 HOH 65  265 153 HOH HOH A . 
B 2 HOH 66  266 43  HOH HOH A . 
B 2 HOH 67  267 86  HOH HOH A . 
B 2 HOH 68  268 58  HOH HOH A . 
B 2 HOH 69  269 124 HOH HOH A . 
B 2 HOH 70  270 103 HOH HOH A . 
B 2 HOH 71  271 149 HOH HOH A . 
B 2 HOH 72  272 107 HOH HOH A . 
B 2 HOH 73  273 179 HOH HOH A . 
B 2 HOH 74  274 18  HOH HOH A . 
B 2 HOH 75  275 140 HOH HOH A . 
B 2 HOH 76  276 246 HOH HOH A . 
B 2 HOH 77  277 89  HOH HOH A . 
B 2 HOH 78  278 105 HOH HOH A . 
B 2 HOH 79  279 27  HOH HOH A . 
B 2 HOH 80  280 148 HOH HOH A . 
B 2 HOH 81  281 144 HOH HOH A . 
B 2 HOH 82  282 226 HOH HOH A . 
B 2 HOH 83  283 33  HOH HOH A . 
B 2 HOH 84  284 59  HOH HOH A . 
B 2 HOH 85  285 147 HOH HOH A . 
B 2 HOH 86  286 55  HOH HOH A . 
B 2 HOH 87  287 187 HOH HOH A . 
B 2 HOH 88  288 94  HOH HOH A . 
B 2 HOH 89  289 60  HOH HOH A . 
B 2 HOH 90  290 127 HOH HOH A . 
B 2 HOH 91  291 106 HOH HOH A . 
B 2 HOH 92  292 241 HOH HOH A . 
B 2 HOH 93  293 29  HOH HOH A . 
B 2 HOH 94  294 3   HOH HOH A . 
B 2 HOH 95  295 4   HOH HOH A . 
B 2 HOH 96  296 6   HOH HOH A . 
B 2 HOH 97  297 16  HOH HOH A . 
B 2 HOH 98  298 170 HOH HOH A . 
B 2 HOH 99  299 150 HOH HOH A . 
B 2 HOH 100 300 192 HOH HOH A . 
B 2 HOH 101 301 69  HOH HOH A . 
B 2 HOH 102 302 46  HOH HOH A . 
B 2 HOH 103 303 80  HOH HOH A . 
B 2 HOH 104 304 193 HOH HOH A . 
B 2 HOH 105 305 172 HOH HOH A . 
B 2 HOH 106 306 221 HOH HOH A . 
B 2 HOH 107 307 9   HOH HOH A . 
B 2 HOH 108 308 52  HOH HOH A . 
B 2 HOH 109 309 53  HOH HOH A . 
B 2 HOH 110 310 1   HOH HOH A . 
B 2 HOH 111 311 247 HOH HOH A . 
B 2 HOH 112 312 108 HOH HOH A . 
B 2 HOH 113 313 34  HOH HOH A . 
B 2 HOH 114 314 19  HOH HOH A . 
B 2 HOH 115 315 87  HOH HOH A . 
B 2 HOH 116 316 98  HOH HOH A . 
B 2 HOH 117 317 38  HOH HOH A . 
B 2 HOH 118 318 126 HOH HOH A . 
B 2 HOH 119 319 68  HOH HOH A . 
B 2 HOH 120 320 45  HOH HOH A . 
B 2 HOH 121 321 56  HOH HOH A . 
B 2 HOH 122 322 117 HOH HOH A . 
B 2 HOH 123 323 101 HOH HOH A . 
B 2 HOH 124 324 92  HOH HOH A . 
B 2 HOH 125 325 47  HOH HOH A . 
B 2 HOH 126 326 184 HOH HOH A . 
B 2 HOH 127 327 93  HOH HOH A . 
B 2 HOH 128 328 109 HOH HOH A . 
B 2 HOH 129 329 155 HOH HOH A . 
B 2 HOH 130 330 78  HOH HOH A . 
B 2 HOH 131 331 209 HOH HOH A . 
B 2 HOH 132 332 64  HOH HOH A . 
B 2 HOH 133 333 97  HOH HOH A . 
B 2 HOH 134 334 159 HOH HOH A . 
B 2 HOH 135 335 49  HOH HOH A . 
B 2 HOH 136 336 32  HOH HOH A . 
B 2 HOH 137 337 234 HOH HOH A . 
B 2 HOH 138 338 129 HOH HOH A . 
B 2 HOH 139 339 146 HOH HOH A . 
B 2 HOH 140 340 42  HOH HOH A . 
B 2 HOH 141 341 72  HOH HOH A . 
B 2 HOH 142 342 131 HOH HOH A . 
B 2 HOH 143 343 31  HOH HOH A . 
B 2 HOH 144 344 175 HOH HOH A . 
B 2 HOH 145 345 118 HOH HOH A . 
B 2 HOH 146 346 218 HOH HOH A . 
B 2 HOH 147 347 139 HOH HOH A . 
B 2 HOH 148 348 207 HOH HOH A . 
B 2 HOH 149 349 128 HOH HOH A . 
B 2 HOH 150 350 7   HOH HOH A . 
B 2 HOH 151 351 248 HOH HOH A . 
B 2 HOH 152 352 188 HOH HOH A . 
B 2 HOH 153 353 11  HOH HOH A . 
B 2 HOH 154 354 161 HOH HOH A . 
B 2 HOH 155 355 37  HOH HOH A . 
B 2 HOH 156 356 190 HOH HOH A . 
B 2 HOH 157 357 174 HOH HOH A . 
B 2 HOH 158 358 54  HOH HOH A . 
B 2 HOH 159 359 30  HOH HOH A . 
B 2 HOH 160 360 216 HOH HOH A . 
B 2 HOH 161 361 66  HOH HOH A . 
B 2 HOH 162 362 36  HOH HOH A . 
B 2 HOH 163 363 113 HOH HOH A . 
B 2 HOH 164 364 120 HOH HOH A . 
B 2 HOH 165 365 152 HOH HOH A . 
B 2 HOH 166 366 168 HOH HOH A . 
B 2 HOH 167 367 20  HOH HOH A . 
B 2 HOH 168 368 51  HOH HOH A . 
B 2 HOH 169 369 110 HOH HOH A . 
B 2 HOH 170 370 270 HOH HOH A . 
B 2 HOH 171 371 240 HOH HOH A . 
B 2 HOH 172 372 189 HOH HOH A . 
B 2 HOH 173 373 61  HOH HOH A . 
B 2 HOH 174 374 271 HOH HOH A . 
B 2 HOH 175 375 235 HOH HOH A . 
B 2 HOH 176 376 88  HOH HOH A . 
B 2 HOH 177 377 182 HOH HOH A . 
B 2 HOH 178 378 230 HOH HOH A . 
B 2 HOH 179 379 70  HOH HOH A . 
B 2 HOH 180 380 201 HOH HOH A . 
B 2 HOH 181 381 119 HOH HOH A . 
B 2 HOH 182 382 134 HOH HOH A . 
B 2 HOH 183 383 228 HOH HOH A . 
B 2 HOH 184 384 169 HOH HOH A . 
B 2 HOH 185 385 237 HOH HOH A . 
B 2 HOH 186 386 123 HOH HOH A . 
B 2 HOH 187 387 268 HOH HOH A . 
B 2 HOH 188 388 91  HOH HOH A . 
B 2 HOH 189 389 205 HOH HOH A . 
B 2 HOH 190 390 229 HOH HOH A . 
B 2 HOH 191 391 75  HOH HOH A . 
B 2 HOH 192 392 48  HOH HOH A . 
B 2 HOH 193 393 232 HOH HOH A . 
B 2 HOH 194 394 217 HOH HOH A . 
B 2 HOH 195 395 195 HOH HOH A . 
B 2 HOH 196 396 211 HOH HOH A . 
B 2 HOH 197 397 249 HOH HOH A . 
B 2 HOH 198 398 156 HOH HOH A . 
B 2 HOH 199 399 204 HOH HOH A . 
B 2 HOH 200 400 245 HOH HOH A . 
B 2 HOH 201 401 257 HOH HOH A . 
B 2 HOH 202 402 197 HOH HOH A . 
B 2 HOH 203 403 191 HOH HOH A . 
B 2 HOH 204 404 244 HOH HOH A . 
B 2 HOH 205 405 196 HOH HOH A . 
B 2 HOH 206 406 200 HOH HOH A . 
B 2 HOH 207 407 224 HOH HOH A . 
B 2 HOH 208 408 138 HOH HOH A . 
B 2 HOH 209 409 164 HOH HOH A . 
B 2 HOH 210 410 250 HOH HOH A . 
B 2 HOH 211 411 133 HOH HOH A . 
B 2 HOH 212 412 82  HOH HOH A . 
B 2 HOH 213 413 185 HOH HOH A . 
B 2 HOH 214 414 100 HOH HOH A . 
B 2 HOH 215 415 121 HOH HOH A . 
B 2 HOH 216 416 215 HOH HOH A . 
B 2 HOH 217 417 186 HOH HOH A . 
B 2 HOH 218 418 145 HOH HOH A . 
B 2 HOH 219 419 166 HOH HOH A . 
B 2 HOH 220 420 222 HOH HOH A . 
B 2 HOH 221 421 260 HOH HOH A . 
B 2 HOH 222 422 79  HOH HOH A . 
B 2 HOH 223 423 21  HOH HOH A . 
B 2 HOH 224 424 122 HOH HOH A . 
B 2 HOH 225 425 115 HOH HOH A . 
B 2 HOH 226 426 85  HOH HOH A . 
B 2 HOH 227 427 263 HOH HOH A . 
B 2 HOH 228 428 206 HOH HOH A . 
B 2 HOH 229 429 96  HOH HOH A . 
B 2 HOH 230 430 57  HOH HOH A . 
B 2 HOH 231 431 199 HOH HOH A . 
B 2 HOH 232 432 177 HOH HOH A . 
B 2 HOH 233 433 267 HOH HOH A . 
B 2 HOH 234 434 202 HOH HOH A . 
B 2 HOH 235 435 143 HOH HOH A . 
B 2 HOH 236 436 157 HOH HOH A . 
B 2 HOH 237 437 154 HOH HOH A . 
B 2 HOH 238 438 125 HOH HOH A . 
B 2 HOH 239 439 255 HOH HOH A . 
B 2 HOH 240 440 176 HOH HOH A . 
B 2 HOH 241 441 219 HOH HOH A . 
B 2 HOH 242 442 225 HOH HOH A . 
B 2 HOH 243 443 135 HOH HOH A . 
B 2 HOH 244 444 165 HOH HOH A . 
B 2 HOH 245 445 158 HOH HOH A . 
B 2 HOH 246 446 132 HOH HOH A . 
B 2 HOH 247 447 258 HOH HOH A . 
B 2 HOH 248 448 83  HOH HOH A . 
B 2 HOH 249 449 266 HOH HOH A . 
B 2 HOH 250 450 71  HOH HOH A . 
B 2 HOH 251 451 243 HOH HOH A . 
B 2 HOH 252 452 74  HOH HOH A . 
B 2 HOH 253 453 163 HOH HOH A . 
B 2 HOH 254 454 203 HOH HOH A . 
B 2 HOH 255 455 183 HOH HOH A . 
B 2 HOH 256 456 198 HOH HOH A . 
B 2 HOH 257 457 262 HOH HOH A . 
B 2 HOH 258 458 136 HOH HOH A . 
B 2 HOH 259 459 167 HOH HOH A . 
B 2 HOH 260 460 238 HOH HOH A . 
B 2 HOH 261 461 173 HOH HOH A . 
B 2 HOH 262 462 231 HOH HOH A . 
B 2 HOH 263 463 253 HOH HOH A . 
B 2 HOH 264 464 210 HOH HOH A . 
B 2 HOH 265 465 256 HOH HOH A . 
B 2 HOH 266 466 233 HOH HOH A . 
B 2 HOH 267 467 223 HOH HOH A . 
B 2 HOH 268 468 171 HOH HOH A . 
B 2 HOH 269 469 264 HOH HOH A . 
B 2 HOH 270 470 214 HOH HOH A . 
B 2 HOH 271 471 265 HOH HOH A . 
# 
loop_
_software.citation_id 
_software.classification 
_software.compiler_name 
_software.compiler_version 
_software.contact_author 
_software.contact_author_email 
_software.date 
_software.description 
_software.dependencies 
_software.hardware 
_software.language 
_software.location 
_software.mods 
_software.name 
_software.os 
_software.os_version 
_software.type 
_software.version 
_software.pdbx_ordinal 
? refinement       ? ? ? ? ? ? ? ? ? ? ? PHENIX  ? ? ? '(1.20.1_4487: ???)' 1 
? 'data reduction' ? ? ? ? ? ? ? ? ? ? ? XDS     ? ? ? .                    2 
? 'data scaling'   ? ? ? ? ? ? ? ? ? ? ? Aimless ? ? ? .                    3 
? phasing          ? ? ? ? ? ? ? ? ? ? ? PHASER  ? ? ? .                    4 
# 
_cell.angle_alpha                  90.00 
_cell.angle_alpha_esd              ? 
_cell.angle_beta                   90.00 
_cell.angle_beta_esd               ? 
_cell.angle_gamma                  90.00 
_cell.angle_gamma_esd              ? 
_cell.entry_id                     8WC1 
_cell.details                      ? 
_cell.formula_units_Z              ? 
_cell.length_a                     39.957 
_cell.length_a_esd                 ? 
_cell.length_b                     52.190 
_cell.length_b_esd                 ? 
_cell.length_c                     71.023 
_cell.length_c_esd                 ? 
_cell.volume                       ? 
_cell.volume_esd                   ? 
_cell.Z_PDB                        4 
_cell.reciprocal_angle_alpha       ? 
_cell.reciprocal_angle_beta        ? 
_cell.reciprocal_angle_gamma       ? 
_cell.reciprocal_angle_alpha_esd   ? 
_cell.reciprocal_angle_beta_esd    ? 
_cell.reciprocal_angle_gamma_esd   ? 
_cell.reciprocal_length_a          ? 
_cell.reciprocal_length_b          ? 
_cell.reciprocal_length_c          ? 
_cell.reciprocal_length_a_esd      ? 
_cell.reciprocal_length_b_esd      ? 
_cell.reciprocal_length_c_esd      ? 
_cell.pdbx_unique_axis             ? 
_cell.pdbx_esd_method              ? 
# 
_symmetry.entry_id                         8WC1 
_symmetry.cell_setting                     ? 
_symmetry.Int_Tables_number                19 
_symmetry.space_group_name_Hall            ? 
_symmetry.space_group_name_H-M             'P 21 21 21' 
_symmetry.pdbx_full_space_group_name_H-M   ? 
# 
_exptl.absorpt_coefficient_mu     ? 
_exptl.absorpt_correction_T_max   ? 
_exptl.absorpt_correction_T_min   ? 
_exptl.absorpt_correction_type    ? 
_exptl.absorpt_process_details    ? 
_exptl.entry_id                   8WC1 
_exptl.crystals_number            1 
_exptl.details                    ? 
_exptl.method                     'X-RAY DIFFRACTION' 
_exptl.method_details             ? 
# 
_exptl_crystal.colour                       ? 
_exptl_crystal.density_diffrn               ? 
_exptl_crystal.density_Matthews             1.92 
_exptl_crystal.density_method               ? 
_exptl_crystal.density_percent_sol          36.1 
_exptl_crystal.description                  ? 
_exptl_crystal.F_000                        ? 
_exptl_crystal.id                           1 
_exptl_crystal.preparation                  ? 
_exptl_crystal.size_max                     ? 
_exptl_crystal.size_mid                     ? 
_exptl_crystal.size_min                     ? 
_exptl_crystal.size_rad                     ? 
_exptl_crystal.colour_lustre                ? 
_exptl_crystal.colour_modifier              ? 
_exptl_crystal.colour_primary               ? 
_exptl_crystal.density_meas                 ? 
_exptl_crystal.density_meas_esd             ? 
_exptl_crystal.density_meas_gt              ? 
_exptl_crystal.density_meas_lt              ? 
_exptl_crystal.density_meas_temp            ? 
_exptl_crystal.density_meas_temp_esd        ? 
_exptl_crystal.density_meas_temp_gt         ? 
_exptl_crystal.density_meas_temp_lt         ? 
_exptl_crystal.pdbx_crystal_image_url       ? 
_exptl_crystal.pdbx_crystal_image_format    ? 
_exptl_crystal.pdbx_mosaicity               ? 
_exptl_crystal.pdbx_mosaicity_esd           ? 
_exptl_crystal.pdbx_mosaic_method           ? 
_exptl_crystal.pdbx_mosaic_block_size       ? 
_exptl_crystal.pdbx_mosaic_block_size_esd   ? 
# 
_exptl_crystal_grow.apparatus       ? 
_exptl_crystal_grow.atmosphere      ? 
_exptl_crystal_grow.crystal_id      1 
_exptl_crystal_grow.details         ? 
_exptl_crystal_grow.method          'VAPOR DIFFUSION, SITTING DROP' 
_exptl_crystal_grow.method_ref      ? 
_exptl_crystal_grow.pH              ? 
_exptl_crystal_grow.pressure        ? 
_exptl_crystal_grow.pressure_esd    ? 
_exptl_crystal_grow.seeding         ? 
_exptl_crystal_grow.seeding_ref     ? 
_exptl_crystal_grow.temp_details    ? 
_exptl_crystal_grow.temp_esd        ? 
_exptl_crystal_grow.time            ? 
_exptl_crystal_grow.pdbx_details    '28% w/v PEG MME 2000, 0.1M Bis-Tris pH6.5' 
_exptl_crystal_grow.pdbx_pH_range   ? 
_exptl_crystal_grow.temp            291 
# 
_diffrn.ambient_environment              ? 
_diffrn.ambient_temp                     100 
_diffrn.ambient_temp_details             ? 
_diffrn.ambient_temp_esd                 ? 
_diffrn.crystal_id                       1 
_diffrn.crystal_support                  ? 
_diffrn.crystal_treatment                ? 
_diffrn.details                          ? 
_diffrn.id                               1 
_diffrn.ambient_pressure                 ? 
_diffrn.ambient_pressure_esd             ? 
_diffrn.ambient_pressure_gt              ? 
_diffrn.ambient_pressure_lt              ? 
_diffrn.ambient_temp_gt                  ? 
_diffrn.ambient_temp_lt                  ? 
_diffrn.pdbx_serial_crystal_experiment   N 
# 
_diffrn_detector.details                      ? 
_diffrn_detector.detector                     PIXEL 
_diffrn_detector.diffrn_id                    1 
_diffrn_detector.type                         'DECTRIS PILATUS3 6M' 
_diffrn_detector.area_resol_mean              ? 
_diffrn_detector.dtime                        ? 
_diffrn_detector.pdbx_frames_total            ? 
_diffrn_detector.pdbx_collection_time_total   ? 
_diffrn_detector.pdbx_collection_date         2023-07-02 
_diffrn_detector.pdbx_frequency               ? 
_diffrn_detector.id                           ? 
_diffrn_detector.number_of_axes               ? 
# 
_diffrn_radiation.collimation                      ? 
_diffrn_radiation.diffrn_id                        1 
_diffrn_radiation.filter_edge                      ? 
_diffrn_radiation.inhomogeneity                    ? 
_diffrn_radiation.monochromator                    ? 
_diffrn_radiation.polarisn_norm                    ? 
_diffrn_radiation.polarisn_ratio                   ? 
_diffrn_radiation.probe                            ? 
_diffrn_radiation.type                             ? 
_diffrn_radiation.xray_symbol                      ? 
_diffrn_radiation.wavelength_id                    1 
_diffrn_radiation.pdbx_monochromatic_or_laue_m_l   M 
_diffrn_radiation.pdbx_wavelength_list             ? 
_diffrn_radiation.pdbx_wavelength                  ? 
_diffrn_radiation.pdbx_diffrn_protocol             'SINGLE WAVELENGTH' 
_diffrn_radiation.pdbx_analyzer                    ? 
_diffrn_radiation.pdbx_scattering_type             x-ray 
# 
_diffrn_radiation_wavelength.id           1 
_diffrn_radiation_wavelength.wavelength   0.979 
_diffrn_radiation_wavelength.wt           1.0 
# 
_diffrn_source.current                     ? 
_diffrn_source.details                     ? 
_diffrn_source.diffrn_id                   1 
_diffrn_source.power                       ? 
_diffrn_source.size                        ? 
_diffrn_source.source                      SYNCHROTRON 
_diffrn_source.target                      ? 
_diffrn_source.type                        'SSRF BEAMLINE BL19U1' 
_diffrn_source.voltage                     ? 
_diffrn_source.take-off_angle              ? 
_diffrn_source.pdbx_wavelength_list        0.979 
_diffrn_source.pdbx_wavelength             ? 
_diffrn_source.pdbx_synchrotron_beamline   BL19U1 
_diffrn_source.pdbx_synchrotron_site       SSRF 
# 
_reflns.B_iso_Wilson_estimate                          ? 
_reflns.entry_id                                       8WC1 
_reflns.data_reduction_details                         ? 
_reflns.data_reduction_method                          ? 
_reflns.d_resolution_high                              1.30 
_reflns.d_resolution_low                               42.06 
_reflns.details                                        ? 
_reflns.limit_h_max                                    ? 
_reflns.limit_h_min                                    ? 
_reflns.limit_k_max                                    ? 
_reflns.limit_k_min                                    ? 
_reflns.limit_l_max                                    ? 
_reflns.limit_l_min                                    ? 
_reflns.number_all                                     ? 
_reflns.number_obs                                     37307 
_reflns.observed_criterion                             ? 
_reflns.observed_criterion_F_max                       ? 
_reflns.observed_criterion_F_min                       ? 
_reflns.observed_criterion_I_max                       ? 
_reflns.observed_criterion_I_min                       ? 
_reflns.observed_criterion_sigma_F                     ? 
_reflns.observed_criterion_sigma_I                     ? 
_reflns.percent_possible_obs                           99.9 
_reflns.R_free_details                                 ? 
_reflns.Rmerge_F_all                                   ? 
_reflns.Rmerge_F_obs                                   ? 
_reflns.Friedel_coverage                               ? 
_reflns.number_gt                                      ? 
_reflns.threshold_expression                           ? 
_reflns.pdbx_redundancy                                6.2 
_reflns.pdbx_netI_over_av_sigmaI                       ? 
_reflns.pdbx_netI_over_sigmaI                          18.1 
_reflns.pdbx_res_netI_over_av_sigmaI_2                 ? 
_reflns.pdbx_res_netI_over_sigmaI_2                    ? 
_reflns.pdbx_chi_squared                               0.97 
_reflns.pdbx_scaling_rejects                           ? 
_reflns.pdbx_d_res_high_opt                            ? 
_reflns.pdbx_d_res_low_opt                             ? 
_reflns.pdbx_d_res_opt_method                          ? 
_reflns.phase_calculation_details                      ? 
_reflns.pdbx_Rrim_I_all                                0.067 
_reflns.pdbx_Rpim_I_all                                0.026 
_reflns.pdbx_d_opt                                     ? 
_reflns.pdbx_number_measured_all                       230563 
_reflns.pdbx_diffrn_id                                 1 
_reflns.pdbx_ordinal                                   1 
_reflns.pdbx_CC_half                                   0.998 
_reflns.pdbx_CC_star                                   ? 
_reflns.pdbx_R_split                                   ? 
_reflns.pdbx_Rmerge_I_obs                              0.061 
_reflns.pdbx_Rmerge_I_all                              ? 
_reflns.pdbx_Rsym_value                                ? 
_reflns.pdbx_CC_split_method                           ? 
_reflns.pdbx_aniso_diffraction_limit_axis_1_ortho[1]   ? 
_reflns.pdbx_aniso_diffraction_limit_axis_1_ortho[2]   ? 
_reflns.pdbx_aniso_diffraction_limit_axis_1_ortho[3]   ? 
_reflns.pdbx_aniso_diffraction_limit_axis_2_ortho[1]   ? 
_reflns.pdbx_aniso_diffraction_limit_axis_2_ortho[2]   ? 
_reflns.pdbx_aniso_diffraction_limit_axis_2_ortho[3]   ? 
_reflns.pdbx_aniso_diffraction_limit_axis_3_ortho[1]   ? 
_reflns.pdbx_aniso_diffraction_limit_axis_3_ortho[2]   ? 
_reflns.pdbx_aniso_diffraction_limit_axis_3_ortho[3]   ? 
_reflns.pdbx_aniso_diffraction_limit_1                 ? 
_reflns.pdbx_aniso_diffraction_limit_2                 ? 
_reflns.pdbx_aniso_diffraction_limit_3                 ? 
_reflns.pdbx_aniso_B_tensor_eigenvector_1_ortho[1]     ? 
_reflns.pdbx_aniso_B_tensor_eigenvector_1_ortho[2]     ? 
_reflns.pdbx_aniso_B_tensor_eigenvector_1_ortho[3]     ? 
_reflns.pdbx_aniso_B_tensor_eigenvector_2_ortho[1]     ? 
_reflns.pdbx_aniso_B_tensor_eigenvector_2_ortho[2]     ? 
_reflns.pdbx_aniso_B_tensor_eigenvector_2_ortho[3]     ? 
_reflns.pdbx_aniso_B_tensor_eigenvector_3_ortho[1]     ? 
_reflns.pdbx_aniso_B_tensor_eigenvector_3_ortho[2]     ? 
_reflns.pdbx_aniso_B_tensor_eigenvector_3_ortho[3]     ? 
_reflns.pdbx_aniso_B_tensor_eigenvalue_1               ? 
_reflns.pdbx_aniso_B_tensor_eigenvalue_2               ? 
_reflns.pdbx_aniso_B_tensor_eigenvalue_3               ? 
_reflns.pdbx_orthogonalization_convention              ? 
_reflns.pdbx_percent_possible_ellipsoidal              ? 
_reflns.pdbx_percent_possible_spherical                ? 
_reflns.pdbx_percent_possible_ellipsoidal_anomalous    ? 
_reflns.pdbx_percent_possible_spherical_anomalous      ? 
_reflns.pdbx_redundancy_anomalous                      ? 
_reflns.pdbx_CC_half_anomalous                         ? 
_reflns.pdbx_absDiff_over_sigma_anomalous              ? 
_reflns.pdbx_percent_possible_anomalous                ? 
_reflns.pdbx_observed_signal_threshold                 ? 
_reflns.pdbx_signal_type                               ? 
_reflns.pdbx_signal_details                            ? 
_reflns.pdbx_signal_software_id                        ? 
# 
_reflns_shell.d_res_high                                    1.30 
_reflns_shell.d_res_low                                     1.32 
_reflns_shell.meanI_over_sigI_all                           ? 
_reflns_shell.meanI_over_sigI_obs                           ? 
_reflns_shell.number_measured_all                           10763 
_reflns_shell.number_measured_obs                           ? 
_reflns_shell.number_possible                               ? 
_reflns_shell.number_unique_all                             ? 
_reflns_shell.number_unique_obs                             1819 
_reflns_shell.percent_possible_obs                          100.0 
_reflns_shell.Rmerge_F_all                                  ? 
_reflns_shell.Rmerge_F_obs                                  ? 
_reflns_shell.meanI_over_sigI_gt                            ? 
_reflns_shell.meanI_over_uI_all                             ? 
_reflns_shell.meanI_over_uI_gt                              ? 
_reflns_shell.number_measured_gt                            ? 
_reflns_shell.number_unique_gt                              ? 
_reflns_shell.percent_possible_gt                           ? 
_reflns_shell.Rmerge_F_gt                                   ? 
_reflns_shell.Rmerge_I_gt                                   ? 
_reflns_shell.pdbx_redundancy                               5.9 
_reflns_shell.pdbx_chi_squared                              1.09 
_reflns_shell.pdbx_netI_over_sigmaI_all                     ? 
_reflns_shell.pdbx_netI_over_sigmaI_obs                     5.6 
_reflns_shell.pdbx_Rrim_I_all                               0.328 
_reflns_shell.pdbx_Rpim_I_all                               0.137 
_reflns_shell.pdbx_rejects                                  ? 
_reflns_shell.pdbx_ordinal                                  1 
_reflns_shell.pdbx_diffrn_id                                1 
_reflns_shell.pdbx_CC_half                                  0.947 
_reflns_shell.pdbx_CC_star                                  ? 
_reflns_shell.pdbx_R_split                                  ? 
_reflns_shell.percent_possible_all                          ? 
_reflns_shell.Rmerge_I_all                                  ? 
_reflns_shell.Rmerge_I_obs                                  0.297 
_reflns_shell.pdbx_Rsym_value                               ? 
_reflns_shell.pdbx_percent_possible_ellipsoidal             ? 
_reflns_shell.pdbx_percent_possible_spherical               ? 
_reflns_shell.pdbx_percent_possible_ellipsoidal_anomalous   ? 
_reflns_shell.pdbx_percent_possible_spherical_anomalous     ? 
_reflns_shell.pdbx_redundancy_anomalous                     ? 
_reflns_shell.pdbx_CC_half_anomalous                        ? 
_reflns_shell.pdbx_absDiff_over_sigma_anomalous             ? 
_reflns_shell.pdbx_percent_possible_anomalous               ? 
# 
_refine.aniso_B[1][1]                            ? 
_refine.aniso_B[1][2]                            ? 
_refine.aniso_B[1][3]                            ? 
_refine.aniso_B[2][2]                            ? 
_refine.aniso_B[2][3]                            ? 
_refine.aniso_B[3][3]                            ? 
_refine.B_iso_max                                ? 
_refine.B_iso_mean                               ? 
_refine.B_iso_min                                ? 
_refine.correlation_coeff_Fo_to_Fc               ? 
_refine.correlation_coeff_Fo_to_Fc_free          ? 
_refine.details                                  ? 
_refine.diff_density_max                         ? 
_refine.diff_density_max_esd                     ? 
_refine.diff_density_min                         ? 
_refine.diff_density_min_esd                     ? 
_refine.diff_density_rms                         ? 
_refine.diff_density_rms_esd                     ? 
_refine.entry_id                                 8WC1 
_refine.pdbx_refine_id                           'X-RAY DIFFRACTION' 
_refine.ls_abs_structure_details                 ? 
_refine.ls_abs_structure_Flack                   ? 
_refine.ls_abs_structure_Flack_esd               ? 
_refine.ls_abs_structure_Rogers                  ? 
_refine.ls_abs_structure_Rogers_esd              ? 
_refine.ls_d_res_high                            1.30 
_refine.ls_d_res_low                             34.82 
_refine.ls_extinction_coef                       ? 
_refine.ls_extinction_coef_esd                   ? 
_refine.ls_extinction_expression                 ? 
_refine.ls_extinction_method                     ? 
_refine.ls_goodness_of_fit_all                   ? 
_refine.ls_goodness_of_fit_all_esd               ? 
_refine.ls_goodness_of_fit_obs                   ? 
_refine.ls_goodness_of_fit_obs_esd               ? 
_refine.ls_hydrogen_treatment                    ? 
_refine.ls_matrix_type                           ? 
_refine.ls_number_constraints                    ? 
_refine.ls_number_parameters                     ? 
_refine.ls_number_reflns_all                     ? 
_refine.ls_number_reflns_obs                     37241 
_refine.ls_number_reflns_R_free                  2000 
_refine.ls_number_reflns_R_work                  ? 
_refine.ls_number_restraints                     ? 
_refine.ls_percent_reflns_obs                    99.88 
_refine.ls_percent_reflns_R_free                 5.37 
_refine.ls_R_factor_all                          ? 
_refine.ls_R_factor_obs                          0.1717 
_refine.ls_R_factor_R_free                       0.1837 
_refine.ls_R_factor_R_free_error                 ? 
_refine.ls_R_factor_R_free_error_details         ? 
_refine.ls_R_factor_R_work                       0.1710 
_refine.ls_R_Fsqd_factor_obs                     ? 
_refine.ls_R_I_factor_obs                        ? 
_refine.ls_redundancy_reflns_all                 ? 
_refine.ls_redundancy_reflns_obs                 ? 
_refine.ls_restrained_S_all                      ? 
_refine.ls_restrained_S_obs                      ? 
_refine.ls_shift_over_esd_max                    ? 
_refine.ls_shift_over_esd_mean                   ? 
_refine.ls_structure_factor_coef                 ? 
_refine.ls_weighting_details                     ? 
_refine.ls_weighting_scheme                      ? 
_refine.ls_wR_factor_all                         ? 
_refine.ls_wR_factor_obs                         ? 
_refine.ls_wR_factor_R_free                      ? 
_refine.ls_wR_factor_R_work                      ? 
_refine.occupancy_max                            ? 
_refine.occupancy_min                            ? 
_refine.solvent_model_details                    'FLAT BULK SOLVENT MODEL' 
_refine.solvent_model_param_bsol                 ? 
_refine.solvent_model_param_ksol                 ? 
_refine.pdbx_R_complete                          ? 
_refine.ls_R_factor_gt                           ? 
_refine.ls_goodness_of_fit_gt                    ? 
_refine.ls_goodness_of_fit_ref                   ? 
_refine.ls_shift_over_su_max                     ? 
_refine.ls_shift_over_su_max_lt                  ? 
_refine.ls_shift_over_su_mean                    ? 
_refine.ls_shift_over_su_mean_lt                 ? 
_refine.pdbx_ls_sigma_I                          ? 
_refine.pdbx_ls_sigma_F                          1.39 
_refine.pdbx_ls_sigma_Fsqd                       ? 
_refine.pdbx_data_cutoff_high_absF               ? 
_refine.pdbx_data_cutoff_high_rms_absF           ? 
_refine.pdbx_data_cutoff_low_absF                ? 
_refine.pdbx_isotropic_thermal_model             ? 
_refine.pdbx_ls_cross_valid_method               THROUGHOUT 
_refine.pdbx_method_to_determine_struct          'MOLECULAR REPLACEMENT' 
_refine.pdbx_starting_model                      ? 
_refine.pdbx_stereochemistry_target_values       ML 
_refine.pdbx_R_Free_selection_details            ? 
_refine.pdbx_stereochem_target_val_spec_case     ? 
_refine.pdbx_overall_ESU_R                       ? 
_refine.pdbx_overall_ESU_R_Free                  ? 
_refine.pdbx_solvent_vdw_probe_radii             1.10 
_refine.pdbx_solvent_ion_probe_radii             ? 
_refine.pdbx_solvent_shrinkage_radii             0.90 
_refine.pdbx_real_space_R                        ? 
_refine.pdbx_density_correlation                 ? 
_refine.pdbx_pd_number_of_powder_patterns        ? 
_refine.pdbx_pd_number_of_points                 ? 
_refine.pdbx_pd_meas_number_of_points            ? 
_refine.pdbx_pd_proc_ls_prof_R_factor            ? 
_refine.pdbx_pd_proc_ls_prof_wR_factor           ? 
_refine.pdbx_pd_Marquardt_correlation_coeff      ? 
_refine.pdbx_pd_Fsqrd_R_factor                   ? 
_refine.pdbx_pd_ls_matrix_band_width             ? 
_refine.pdbx_overall_phase_error                 17.79 
_refine.pdbx_overall_SU_R_free_Cruickshank_DPI   ? 
_refine.pdbx_overall_SU_R_free_Blow_DPI          ? 
_refine.pdbx_overall_SU_R_Blow_DPI               ? 
_refine.pdbx_TLS_residual_ADP_flag               ? 
_refine.pdbx_diffrn_id                           1 
_refine.overall_SU_B                             ? 
_refine.overall_SU_ML                            0.10 
_refine.overall_SU_R_Cruickshank_DPI             ? 
_refine.overall_SU_R_free                        ? 
_refine.overall_FOM_free_R_set                   ? 
_refine.overall_FOM_work_R_set                   ? 
_refine.pdbx_average_fsc_overall                 ? 
_refine.pdbx_average_fsc_work                    ? 
_refine.pdbx_average_fsc_free                    ? 
# 
_refine_hist.pdbx_refine_id                   'X-RAY DIFFRACTION' 
_refine_hist.cycle_id                         LAST 
_refine_hist.details                          ? 
_refine_hist.d_res_high                       1.30 
_refine_hist.d_res_low                        34.82 
_refine_hist.number_atoms_solvent             271 
_refine_hist.number_atoms_total               1398 
_refine_hist.number_reflns_all                ? 
_refine_hist.number_reflns_obs                ? 
_refine_hist.number_reflns_R_free             ? 
_refine_hist.number_reflns_R_work             ? 
_refine_hist.R_factor_all                     ? 
_refine_hist.R_factor_obs                     ? 
_refine_hist.R_factor_R_free                  ? 
_refine_hist.R_factor_R_work                  ? 
_refine_hist.pdbx_number_residues_total       ? 
_refine_hist.pdbx_B_iso_mean_ligand           ? 
_refine_hist.pdbx_B_iso_mean_solvent          ? 
_refine_hist.pdbx_number_atoms_protein        1127 
_refine_hist.pdbx_number_atoms_nucleic_acid   0 
_refine_hist.pdbx_number_atoms_ligand         0 
_refine_hist.pdbx_number_atoms_lipid          ? 
_refine_hist.pdbx_number_atoms_carb           ? 
_refine_hist.pdbx_pseudo_atom_details         ? 
# 
loop_
_refine_ls_restr.pdbx_refine_id 
_refine_ls_restr.criterion 
_refine_ls_restr.dev_ideal 
_refine_ls_restr.dev_ideal_target 
_refine_ls_restr.number 
_refine_ls_restr.rejects 
_refine_ls_restr.type 
_refine_ls_restr.weight 
_refine_ls_restr.pdbx_restraint_function 
'X-RAY DIFFRACTION' ? 0.005 ? ?   ? f_bond_d           ? ? 
'X-RAY DIFFRACTION' ? 0.897 ? ?   ? f_angle_d          ? ? 
'X-RAY DIFFRACTION' ? 6.390 ? 161 ? f_dihedral_angle_d ? ? 
'X-RAY DIFFRACTION' ? 0.083 ? 184 ? f_chiral_restr     ? ? 
'X-RAY DIFFRACTION' ? 0.006 ? 200 ? f_plane_restr      ? ? 
# 
loop_
_refine_ls_shell.pdbx_refine_id 
_refine_ls_shell.d_res_high 
_refine_ls_shell.d_res_low 
_refine_ls_shell.number_reflns_all 
_refine_ls_shell.number_reflns_obs 
_refine_ls_shell.number_reflns_R_free 
_refine_ls_shell.number_reflns_R_work 
_refine_ls_shell.percent_reflns_obs 
_refine_ls_shell.percent_reflns_R_free 
_refine_ls_shell.R_factor_all 
_refine_ls_shell.R_factor_obs 
_refine_ls_shell.R_factor_R_free_error 
_refine_ls_shell.R_factor_R_work 
_refine_ls_shell.redundancy_reflns_all 
_refine_ls_shell.redundancy_reflns_obs 
_refine_ls_shell.wR_factor_all 
_refine_ls_shell.wR_factor_obs 
_refine_ls_shell.wR_factor_R_free 
_refine_ls_shell.wR_factor_R_work 
_refine_ls_shell.pdbx_R_complete 
_refine_ls_shell.pdbx_total_number_of_bins_used 
_refine_ls_shell.pdbx_phase_error 
_refine_ls_shell.pdbx_fsc_work 
_refine_ls_shell.pdbx_fsc_free 
_refine_ls_shell.R_factor_R_free 
'X-RAY DIFFRACTION' 1.30 1.33  . . 141 2495 100.00 . . . . 0.2206 . . . . . . . . . . . 0.2617 
'X-RAY DIFFRACTION' 1.33 1.37  . . 142 2483 100.00 . . . . 0.2022 . . . . . . . . . . . 0.2039 
'X-RAY DIFFRACTION' 1.37 1.41  . . 140 2470 100.00 . . . . 0.1857 . . . . . . . . . . . 0.1960 
'X-RAY DIFFRACTION' 1.41 1.45  . . 140 2474 100.00 . . . . 0.1823 . . . . . . . . . . . 0.1896 
'X-RAY DIFFRACTION' 1.45 1.51  . . 142 2494 100.00 . . . . 0.1774 . . . . . . . . . . . 0.1951 
'X-RAY DIFFRACTION' 1.51 1.57  . . 140 2476 100.00 . . . . 0.1737 . . . . . . . . . . . 0.2208 
'X-RAY DIFFRACTION' 1.57 1.64  . . 142 2499 100.00 . . . . 0.1651 . . . . . . . . . . . 0.1726 
'X-RAY DIFFRACTION' 1.64 1.72  . . 142 2501 100.00 . . . . 0.1678 . . . . . . . . . . . 0.1701 
'X-RAY DIFFRACTION' 1.72 1.83  . . 142 2505 100.00 . . . . 0.1735 . . . . . . . . . . . 0.2074 
'X-RAY DIFFRACTION' 1.83 1.97  . . 142 2515 100.00 . . . . 0.1681 . . . . . . . . . . . 0.1655 
'X-RAY DIFFRACTION' 1.97 2.17  . . 144 2527 100.00 . . . . 0.1615 . . . . . . . . . . . 0.1681 
'X-RAY DIFFRACTION' 2.17 2.49  . . 145 2554 100.00 . . . . 0.1722 . . . . . . . . . . . 0.1799 
'X-RAY DIFFRACTION' 2.49 3.13  . . 145 2559 100.00 . . . . 0.1898 . . . . . . . . . . . 0.1781 
'X-RAY DIFFRACTION' 3.13 34.82 . . 153 2689 100.00 . . . . 0.1533 . . . . . . . . . . . 0.1832 
# 
_struct.entry_id                     8WC1 
_struct.title                        'A carbohydrate binding domain of a putative pectate lyase' 
_struct.pdbx_model_details           ? 
_struct.pdbx_formula_weight          ? 
_struct.pdbx_formula_weight_method   ? 
_struct.pdbx_model_type_details      ? 
_struct.pdbx_CASP_flag               N 
# 
_struct_keywords.entry_id        8WC1 
_struct_keywords.text            'Carbohydrate binding, LYASE' 
_struct_keywords.pdbx_keywords   LYASE 
# 
loop_
_struct_asym.id 
_struct_asym.pdbx_blank_PDB_chainid_flag 
_struct_asym.pdbx_modified 
_struct_asym.entity_id 
_struct_asym.details 
A N N 1 ? 
B N N 2 ? 
# 
_struct_ref.id                         1 
_struct_ref.db_name                    UNP 
_struct_ref.db_code                    A0A2K9P019_9FIRM 
_struct_ref.pdbx_db_accession          A0A2K9P019 
_struct_ref.pdbx_db_isoform            ? 
_struct_ref.entity_id                  1 
_struct_ref.pdbx_seq_one_letter_code   
;LPPDSVYNISDMSTGTISQDTQIGDFSIIAATDGNTAIAVDGNKKTSTTTGIKYTKRLKLNGTGNQTNRAIKFTASEPAT
FMIEAASANSSAVRTGVLVNSAGETVASGEFASGLTYKKMTVPEAGDYWFYSTDSGINVYYLKLTYEVQPPDPVYDFEDL
NGVVLEPM
;
_struct_ref.pdbx_align_begin           30 
# 
_struct_ref_seq.align_id                      1 
_struct_ref_seq.ref_id                        1 
_struct_ref_seq.pdbx_PDB_id_code              8WC1 
_struct_ref_seq.pdbx_strand_id                A 
_struct_ref_seq.seq_align_beg                 3 
_struct_ref_seq.pdbx_seq_align_beg_ins_code   ? 
_struct_ref_seq.seq_align_end                 170 
_struct_ref_seq.pdbx_seq_align_end_ins_code   ? 
_struct_ref_seq.pdbx_db_accession             A0A2K9P019 
_struct_ref_seq.db_align_beg                  30 
_struct_ref_seq.pdbx_db_align_beg_ins_code    ? 
_struct_ref_seq.db_align_end                  197 
_struct_ref_seq.pdbx_db_align_end_ins_code    ? 
_struct_ref_seq.pdbx_auth_seq_align_beg       1 
_struct_ref_seq.pdbx_auth_seq_align_end       168 
# 
loop_
_struct_ref_seq_dif.align_id 
_struct_ref_seq_dif.pdbx_pdb_id_code 
_struct_ref_seq_dif.mon_id 
_struct_ref_seq_dif.pdbx_pdb_strand_id 
_struct_ref_seq_dif.seq_num 
_struct_ref_seq_dif.pdbx_pdb_ins_code 
_struct_ref_seq_dif.pdbx_seq_db_name 
_struct_ref_seq_dif.pdbx_seq_db_accession_code 
_struct_ref_seq_dif.db_mon_id 
_struct_ref_seq_dif.pdbx_seq_db_seq_num 
_struct_ref_seq_dif.details 
_struct_ref_seq_dif.pdbx_auth_seq_num 
_struct_ref_seq_dif.pdbx_ordinal 
1 8WC1 MET A 1   ? UNP A0A2K9P019 ? ? 'initiating methionine' -1  1  
1 8WC1 GLY A 2   ? UNP A0A2K9P019 ? ? 'expression tag'        0   2  
1 8WC1 LEU A 171 ? UNP A0A2K9P019 ? ? 'expression tag'        169 3  
1 8WC1 GLU A 172 ? UNP A0A2K9P019 ? ? 'expression tag'        170 4  
1 8WC1 HIS A 173 ? UNP A0A2K9P019 ? ? 'expression tag'        171 5  
1 8WC1 HIS A 174 ? UNP A0A2K9P019 ? ? 'expression tag'        172 6  
1 8WC1 HIS A 175 ? UNP A0A2K9P019 ? ? 'expression tag'        173 7  
1 8WC1 HIS A 176 ? UNP A0A2K9P019 ? ? 'expression tag'        174 8  
1 8WC1 HIS A 177 ? UNP A0A2K9P019 ? ? 'expression tag'        175 9  
1 8WC1 HIS A 178 ? UNP A0A2K9P019 ? ? 'expression tag'        176 10 
# 
_pdbx_struct_assembly.id                   1 
_pdbx_struct_assembly.details              author_defined_assembly 
_pdbx_struct_assembly.method_details       ? 
_pdbx_struct_assembly.oligomeric_details   monomeric 
_pdbx_struct_assembly.oligomeric_count     1 
# 
_pdbx_struct_assembly_gen.assembly_id       1 
_pdbx_struct_assembly_gen.oper_expression   1 
_pdbx_struct_assembly_gen.asym_id_list      A,B 
# 
_pdbx_struct_assembly_auth_evidence.id                     1 
_pdbx_struct_assembly_auth_evidence.assembly_id            1 
_pdbx_struct_assembly_auth_evidence.experimental_support   none 
_pdbx_struct_assembly_auth_evidence.details                ? 
# 
_pdbx_struct_oper_list.id                   1 
_pdbx_struct_oper_list.type                 'identity operation' 
_pdbx_struct_oper_list.name                 1_555 
_pdbx_struct_oper_list.symmetry_operation   x,y,z 
_pdbx_struct_oper_list.matrix[1][1]         1.0000000000 
_pdbx_struct_oper_list.matrix[1][2]         0.0000000000 
_pdbx_struct_oper_list.matrix[1][3]         0.0000000000 
_pdbx_struct_oper_list.vector[1]            0.0000000000 
_pdbx_struct_oper_list.matrix[2][1]         0.0000000000 
_pdbx_struct_oper_list.matrix[2][2]         1.0000000000 
_pdbx_struct_oper_list.matrix[2][3]         0.0000000000 
_pdbx_struct_oper_list.vector[2]            0.0000000000 
_pdbx_struct_oper_list.matrix[3][1]         0.0000000000 
_pdbx_struct_oper_list.matrix[3][2]         0.0000000000 
_pdbx_struct_oper_list.matrix[3][3]         1.0000000000 
_pdbx_struct_oper_list.vector[3]            0.0000000000 
# 
_struct_conf.conf_type_id            HELX_P 
_struct_conf.id                      HELX_P1 
_struct_conf.pdbx_PDB_helix_id       AA1 
_struct_conf.beg_label_comp_id       SER 
_struct_conf.beg_label_asym_id       A 
_struct_conf.beg_label_seq_id        12 
_struct_conf.pdbx_beg_PDB_ins_code   ? 
_struct_conf.end_label_comp_id       MET 
_struct_conf.end_label_asym_id       A 
_struct_conf.end_label_seq_id        14 
_struct_conf.pdbx_end_PDB_ins_code   ? 
_struct_conf.beg_auth_comp_id        SER 
_struct_conf.beg_auth_asym_id        A 
_struct_conf.beg_auth_seq_id         10 
_struct_conf.end_auth_comp_id        MET 
_struct_conf.end_auth_asym_id        A 
_struct_conf.end_auth_seq_id         12 
_struct_conf.pdbx_PDB_helix_class    5 
_struct_conf.details                 ? 
_struct_conf.pdbx_PDB_helix_length   3 
# 
_struct_conf_type.id          HELX_P 
_struct_conf_type.criteria    ? 
_struct_conf_type.reference   ? 
# 
loop_
_struct_sheet.id 
_struct_sheet.type 
_struct_sheet.number_strands 
_struct_sheet.details 
AA1 ? 5 ? 
AA2 ? 4 ? 
AA3 ? 6 ? 
# 
loop_
_struct_sheet_order.sheet_id 
_struct_sheet_order.range_id_1 
_struct_sheet_order.range_id_2 
_struct_sheet_order.offset 
_struct_sheet_order.sense 
AA1 1 2 ? anti-parallel 
AA1 2 3 ? anti-parallel 
AA1 3 4 ? anti-parallel 
AA1 4 5 ? anti-parallel 
AA2 1 2 ? anti-parallel 
AA2 2 3 ? anti-parallel 
AA2 3 4 ? anti-parallel 
AA3 1 2 ? anti-parallel 
AA3 2 3 ? anti-parallel 
AA3 3 4 ? anti-parallel 
AA3 4 5 ? anti-parallel 
AA3 5 6 ? anti-parallel 
# 
loop_
_struct_sheet_range.sheet_id 
_struct_sheet_range.id 
_struct_sheet_range.beg_label_comp_id 
_struct_sheet_range.beg_label_asym_id 
_struct_sheet_range.beg_label_seq_id 
_struct_sheet_range.pdbx_beg_PDB_ins_code 
_struct_sheet_range.end_label_comp_id 
_struct_sheet_range.end_label_asym_id 
_struct_sheet_range.end_label_seq_id 
_struct_sheet_range.pdbx_end_PDB_ins_code 
_struct_sheet_range.beg_auth_comp_id 
_struct_sheet_range.beg_auth_asym_id 
_struct_sheet_range.beg_auth_seq_id 
_struct_sheet_range.end_auth_comp_id 
_struct_sheet_range.end_auth_asym_id 
_struct_sheet_range.end_auth_seq_id 
AA1 1 SER A 7   ? ASN A 10  ? SER A 5   ASN A 8   
AA1 2 ILE A 139 ? THR A 147 ? ILE A 137 THR A 145 
AA1 3 LYS A 55  ? LYS A 61  ? LYS A 53  LYS A 59  
AA1 4 ILE A 40  ? THR A 48  ? ILE A 38  THR A 46  
AA1 5 GLY A 17  ? ILE A 19  ? GLY A 15  ILE A 17  
AA2 1 SER A 7   ? ASN A 10  ? SER A 5   ASN A 8   
AA2 2 ILE A 139 ? THR A 147 ? ILE A 137 THR A 145 
AA2 3 ALA A 81  ? SER A 89  ? ALA A 79  SER A 87  
AA2 4 THR A 118 ? VAL A 124 ? THR A 116 VAL A 122 
AA3 1 THR A 23  ? ILE A 25  ? THR A 21  ILE A 23  
AA3 2 PHE A 28  ? ILE A 31  ? PHE A 26  ILE A 29  
AA3 3 ALA A 72  ? ALA A 77  ? ALA A 70  ALA A 75  
AA3 4 GLY A 128 ? SER A 134 ? GLY A 126 SER A 132 
AA3 5 ARG A 96  ? VAL A 101 ? ARG A 94  VAL A 99  
AA3 6 THR A 107 ? PHE A 113 ? THR A 105 PHE A 111 
# 
loop_
_pdbx_struct_sheet_hbond.sheet_id 
_pdbx_struct_sheet_hbond.range_id_1 
_pdbx_struct_sheet_hbond.range_id_2 
_pdbx_struct_sheet_hbond.range_1_label_atom_id 
_pdbx_struct_sheet_hbond.range_1_label_comp_id 
_pdbx_struct_sheet_hbond.range_1_label_asym_id 
_pdbx_struct_sheet_hbond.range_1_label_seq_id 
_pdbx_struct_sheet_hbond.range_1_PDB_ins_code 
_pdbx_struct_sheet_hbond.range_1_auth_atom_id 
_pdbx_struct_sheet_hbond.range_1_auth_comp_id 
_pdbx_struct_sheet_hbond.range_1_auth_asym_id 
_pdbx_struct_sheet_hbond.range_1_auth_seq_id 
_pdbx_struct_sheet_hbond.range_2_label_atom_id 
_pdbx_struct_sheet_hbond.range_2_label_comp_id 
_pdbx_struct_sheet_hbond.range_2_label_asym_id 
_pdbx_struct_sheet_hbond.range_2_label_seq_id 
_pdbx_struct_sheet_hbond.range_2_PDB_ins_code 
_pdbx_struct_sheet_hbond.range_2_auth_atom_id 
_pdbx_struct_sheet_hbond.range_2_auth_comp_id 
_pdbx_struct_sheet_hbond.range_2_auth_asym_id 
_pdbx_struct_sheet_hbond.range_2_auth_seq_id 
AA1 1 2 N SER A 7   ? N SER A 5   O LEU A 146 ? O LEU A 144 
AA1 2 3 O VAL A 141 ? O VAL A 139 N LEU A 60  ? N LEU A 58  
AA1 3 4 O LYS A 61  ? O LYS A 59  N ALA A 41  ? N ALA A 39  
AA1 4 5 O ILE A 40  ? O ILE A 38  N ILE A 19  ? N ILE A 17  
AA2 1 2 N SER A 7   ? N SER A 5   O LEU A 146 ? O LEU A 144 
AA2 2 3 O LYS A 145 ? O LYS A 143 N MET A 84  ? N MET A 82  
AA2 3 4 N PHE A 83  ? N PHE A 81  O MET A 122 ? O MET A 120 
AA3 1 2 N THR A 23  ? N THR A 21  O ILE A 30  ? O ILE A 28  
AA3 2 3 N ILE A 31  ? N ILE A 29  O ALA A 72  ? O ALA A 70  
AA3 3 4 N ILE A 73  ? N ILE A 71  O PHE A 132 ? O PHE A 130 
AA3 4 5 O TRP A 131 ? O TRP A 129 N VAL A 101 ? N VAL A 99  
AA3 5 6 N LEU A 100 ? N LEU A 98  O VAL A 108 ? O VAL A 106 
# 
loop_
_pdbx_validate_close_contact.id 
_pdbx_validate_close_contact.PDB_model_num 
_pdbx_validate_close_contact.auth_atom_id_1 
_pdbx_validate_close_contact.auth_asym_id_1 
_pdbx_validate_close_contact.auth_comp_id_1 
_pdbx_validate_close_contact.auth_seq_id_1 
_pdbx_validate_close_contact.PDB_ins_code_1 
_pdbx_validate_close_contact.label_alt_id_1 
_pdbx_validate_close_contact.auth_atom_id_2 
_pdbx_validate_close_contact.auth_asym_id_2 
_pdbx_validate_close_contact.auth_comp_id_2 
_pdbx_validate_close_contact.auth_seq_id_2 
_pdbx_validate_close_contact.PDB_ins_code_2 
_pdbx_validate_close_contact.label_alt_id_2 
_pdbx_validate_close_contact.dist 
1 1 O A HOH 311 ? ? O A HOH 449 ? ? 1.85 
2 1 O A HOH 391 ? ? O A HOH 412 ? ? 1.94 
3 1 O A HOH 383 ? ? O A HOH 406 ? ? 1.98 
4 1 O A HOH 385 ? ? O A HOH 409 ? ? 2.02 
5 1 O A HOH 386 ? ? O A HOH 412 ? ? 2.05 
6 1 O A HOH 306 ? ? O A HOH 399 ? ? 2.08 
7 1 O A HOH 418 ? ? O A HOH 421 ? ? 2.09 
8 1 O A HOH 276 ? ? O A HOH 277 ? ? 2.12 
9 1 O A HOH 202 ? ? O A HOH 387 ? ? 2.13 
# 
loop_
_pdbx_validate_symm_contact.id 
_pdbx_validate_symm_contact.PDB_model_num 
_pdbx_validate_symm_contact.auth_atom_id_1 
_pdbx_validate_symm_contact.auth_asym_id_1 
_pdbx_validate_symm_contact.auth_comp_id_1 
_pdbx_validate_symm_contact.auth_seq_id_1 
_pdbx_validate_symm_contact.PDB_ins_code_1 
_pdbx_validate_symm_contact.label_alt_id_1 
_pdbx_validate_symm_contact.site_symmetry_1 
_pdbx_validate_symm_contact.auth_atom_id_2 
_pdbx_validate_symm_contact.auth_asym_id_2 
_pdbx_validate_symm_contact.auth_comp_id_2 
_pdbx_validate_symm_contact.auth_seq_id_2 
_pdbx_validate_symm_contact.PDB_ins_code_2 
_pdbx_validate_symm_contact.label_alt_id_2 
_pdbx_validate_symm_contact.site_symmetry_2 
_pdbx_validate_symm_contact.dist 
1 1 O A HOH 246 ? ? 1_555 O A HOH 290 ? ? 4_455 2.09 
2 1 O A HOH 324 ? ? 1_555 O A HOH 457 ? ? 1_655 2.10 
3 1 O A HOH 377 ? ? 1_555 O A HOH 402 ? ? 3_555 2.17 
# 
loop_
_pdbx_validate_torsion.id 
_pdbx_validate_torsion.PDB_model_num 
_pdbx_validate_torsion.auth_comp_id 
_pdbx_validate_torsion.auth_asym_id 
_pdbx_validate_torsion.auth_seq_id 
_pdbx_validate_torsion.PDB_ins_code 
_pdbx_validate_torsion.label_alt_id 
_pdbx_validate_torsion.phi 
_pdbx_validate_torsion.psi 
1 1 ALA A 112 ? ? -123.58 -155.93 
2 1 SER A 135 ? ? 64.37   -158.22 
# 
loop_
_pdbx_unobs_or_zero_occ_residues.id 
_pdbx_unobs_or_zero_occ_residues.PDB_model_num 
_pdbx_unobs_or_zero_occ_residues.polymer_flag 
_pdbx_unobs_or_zero_occ_residues.occupancy_flag 
_pdbx_unobs_or_zero_occ_residues.auth_asym_id 
_pdbx_unobs_or_zero_occ_residues.auth_comp_id 
_pdbx_unobs_or_zero_occ_residues.auth_seq_id 
_pdbx_unobs_or_zero_occ_residues.PDB_ins_code 
_pdbx_unobs_or_zero_occ_residues.label_asym_id 
_pdbx_unobs_or_zero_occ_residues.label_comp_id 
_pdbx_unobs_or_zero_occ_residues.label_seq_id 
1  1 Y 1 A MET -1  ? A MET 1   
2  1 Y 1 A GLY 0   ? A GLY 2   
3  1 Y 1 A ASP 152 ? A ASP 154 
4  1 Y 1 A PRO 153 ? A PRO 155 
5  1 Y 1 A VAL 154 ? A VAL 156 
6  1 Y 1 A TYR 155 ? A TYR 157 
7  1 Y 1 A ASP 156 ? A ASP 158 
8  1 Y 1 A PHE 157 ? A PHE 159 
9  1 Y 1 A GLU 158 ? A GLU 160 
10 1 Y 1 A ASP 159 ? A ASP 161 
11 1 Y 1 A LEU 160 ? A LEU 162 
12 1 Y 1 A ASN 161 ? A ASN 163 
13 1 Y 1 A GLY 162 ? A GLY 164 
14 1 Y 1 A VAL 163 ? A VAL 165 
15 1 Y 1 A VAL 164 ? A VAL 166 
16 1 Y 1 A LEU 165 ? A LEU 167 
17 1 Y 1 A GLU 166 ? A GLU 168 
18 1 Y 1 A PRO 167 ? A PRO 169 
19 1 Y 1 A MET 168 ? A MET 170 
20 1 Y 1 A LEU 169 ? A LEU 171 
21 1 Y 1 A GLU 170 ? A GLU 172 
22 1 Y 1 A HIS 171 ? A HIS 173 
23 1 Y 1 A HIS 172 ? A HIS 174 
24 1 Y 1 A HIS 173 ? A HIS 175 
25 1 Y 1 A HIS 174 ? A HIS 176 
26 1 Y 1 A HIS 175 ? A HIS 177 
27 1 Y 1 A HIS 176 ? A HIS 178 
# 
loop_
_chem_comp_atom.comp_id 
_chem_comp_atom.atom_id 
_chem_comp_atom.type_symbol 
_chem_comp_atom.pdbx_aromatic_flag 
_chem_comp_atom.pdbx_stereo_config 
_chem_comp_atom.pdbx_ordinal 
ALA N    N N N 1   
ALA CA   C N S 2   
ALA C    C N N 3   
ALA O    O N N 4   
ALA CB   C N N 5   
ALA OXT  O N N 6   
ALA H    H N N 7   
ALA H2   H N N 8   
ALA HA   H N N 9   
ALA HB1  H N N 10  
ALA HB2  H N N 11  
ALA HB3  H N N 12  
ALA HXT  H N N 13  
ARG N    N N N 14  
ARG CA   C N S 15  
ARG C    C N N 16  
ARG O    O N N 17  
ARG CB   C N N 18  
ARG CG   C N N 19  
ARG CD   C N N 20  
ARG NE   N N N 21  
ARG CZ   C N N 22  
ARG NH1  N N N 23  
ARG NH2  N N N 24  
ARG OXT  O N N 25  
ARG H    H N N 26  
ARG H2   H N N 27  
ARG HA   H N N 28  
ARG HB2  H N N 29  
ARG HB3  H N N 30  
ARG HG2  H N N 31  
ARG HG3  H N N 32  
ARG HD2  H N N 33  
ARG HD3  H N N 34  
ARG HE   H N N 35  
ARG HH11 H N N 36  
ARG HH12 H N N 37  
ARG HH21 H N N 38  
ARG HH22 H N N 39  
ARG HXT  H N N 40  
ASN N    N N N 41  
ASN CA   C N S 42  
ASN C    C N N 43  
ASN O    O N N 44  
ASN CB   C N N 45  
ASN CG   C N N 46  
ASN OD1  O N N 47  
ASN ND2  N N N 48  
ASN OXT  O N N 49  
ASN H    H N N 50  
ASN H2   H N N 51  
ASN HA   H N N 52  
ASN HB2  H N N 53  
ASN HB3  H N N 54  
ASN HD21 H N N 55  
ASN HD22 H N N 56  
ASN HXT  H N N 57  
ASP N    N N N 58  
ASP CA   C N S 59  
ASP C    C N N 60  
ASP O    O N N 61  
ASP CB   C N N 62  
ASP CG   C N N 63  
ASP OD1  O N N 64  
ASP OD2  O N N 65  
ASP OXT  O N N 66  
ASP H    H N N 67  
ASP H2   H N N 68  
ASP HA   H N N 69  
ASP HB2  H N N 70  
ASP HB3  H N N 71  
ASP HD2  H N N 72  
ASP HXT  H N N 73  
GLN N    N N N 74  
GLN CA   C N S 75  
GLN C    C N N 76  
GLN O    O N N 77  
GLN CB   C N N 78  
GLN CG   C N N 79  
GLN CD   C N N 80  
GLN OE1  O N N 81  
GLN NE2  N N N 82  
GLN OXT  O N N 83  
GLN H    H N N 84  
GLN H2   H N N 85  
GLN HA   H N N 86  
GLN HB2  H N N 87  
GLN HB3  H N N 88  
GLN HG2  H N N 89  
GLN HG3  H N N 90  
GLN HE21 H N N 91  
GLN HE22 H N N 92  
GLN HXT  H N N 93  
GLU N    N N N 94  
GLU CA   C N S 95  
GLU C    C N N 96  
GLU O    O N N 97  
GLU CB   C N N 98  
GLU CG   C N N 99  
GLU CD   C N N 100 
GLU OE1  O N N 101 
GLU OE2  O N N 102 
GLU OXT  O N N 103 
GLU H    H N N 104 
GLU H2   H N N 105 
GLU HA   H N N 106 
GLU HB2  H N N 107 
GLU HB3  H N N 108 
GLU HG2  H N N 109 
GLU HG3  H N N 110 
GLU HE2  H N N 111 
GLU HXT  H N N 112 
GLY N    N N N 113 
GLY CA   C N N 114 
GLY C    C N N 115 
GLY O    O N N 116 
GLY OXT  O N N 117 
GLY H    H N N 118 
GLY H2   H N N 119 
GLY HA2  H N N 120 
GLY HA3  H N N 121 
GLY HXT  H N N 122 
HIS N    N N N 123 
HIS CA   C N S 124 
HIS C    C N N 125 
HIS O    O N N 126 
HIS CB   C N N 127 
HIS CG   C Y N 128 
HIS ND1  N Y N 129 
HIS CD2  C Y N 130 
HIS CE1  C Y N 131 
HIS NE2  N Y N 132 
HIS OXT  O N N 133 
HIS H    H N N 134 
HIS H2   H N N 135 
HIS HA   H N N 136 
HIS HB2  H N N 137 
HIS HB3  H N N 138 
HIS HD1  H N N 139 
HIS HD2  H N N 140 
HIS HE1  H N N 141 
HIS HE2  H N N 142 
HIS HXT  H N N 143 
HOH O    O N N 144 
HOH H1   H N N 145 
HOH H2   H N N 146 
ILE N    N N N 147 
ILE CA   C N S 148 
ILE C    C N N 149 
ILE O    O N N 150 
ILE CB   C N S 151 
ILE CG1  C N N 152 
ILE CG2  C N N 153 
ILE CD1  C N N 154 
ILE OXT  O N N 155 
ILE H    H N N 156 
ILE H2   H N N 157 
ILE HA   H N N 158 
ILE HB   H N N 159 
ILE HG12 H N N 160 
ILE HG13 H N N 161 
ILE HG21 H N N 162 
ILE HG22 H N N 163 
ILE HG23 H N N 164 
ILE HD11 H N N 165 
ILE HD12 H N N 166 
ILE HD13 H N N 167 
ILE HXT  H N N 168 
LEU N    N N N 169 
LEU CA   C N S 170 
LEU C    C N N 171 
LEU O    O N N 172 
LEU CB   C N N 173 
LEU CG   C N N 174 
LEU CD1  C N N 175 
LEU CD2  C N N 176 
LEU OXT  O N N 177 
LEU H    H N N 178 
LEU H2   H N N 179 
LEU HA   H N N 180 
LEU HB2  H N N 181 
LEU HB3  H N N 182 
LEU HG   H N N 183 
LEU HD11 H N N 184 
LEU HD12 H N N 185 
LEU HD13 H N N 186 
LEU HD21 H N N 187 
LEU HD22 H N N 188 
LEU HD23 H N N 189 
LEU HXT  H N N 190 
LYS N    N N N 191 
LYS CA   C N S 192 
LYS C    C N N 193 
LYS O    O N N 194 
LYS CB   C N N 195 
LYS CG   C N N 196 
LYS CD   C N N 197 
LYS CE   C N N 198 
LYS NZ   N N N 199 
LYS OXT  O N N 200 
LYS H    H N N 201 
LYS H2   H N N 202 
LYS HA   H N N 203 
LYS HB2  H N N 204 
LYS HB3  H N N 205 
LYS HG2  H N N 206 
LYS HG3  H N N 207 
LYS HD2  H N N 208 
LYS HD3  H N N 209 
LYS HE2  H N N 210 
LYS HE3  H N N 211 
LYS HZ1  H N N 212 
LYS HZ2  H N N 213 
LYS HZ3  H N N 214 
LYS HXT  H N N 215 
MET N    N N N 216 
MET CA   C N S 217 
MET C    C N N 218 
MET O    O N N 219 
MET CB   C N N 220 
MET CG   C N N 221 
MET SD   S N N 222 
MET CE   C N N 223 
MET OXT  O N N 224 
MET H    H N N 225 
MET H2   H N N 226 
MET HA   H N N 227 
MET HB2  H N N 228 
MET HB3  H N N 229 
MET HG2  H N N 230 
MET HG3  H N N 231 
MET HE1  H N N 232 
MET HE2  H N N 233 
MET HE3  H N N 234 
MET HXT  H N N 235 
PHE N    N N N 236 
PHE CA   C N S 237 
PHE C    C N N 238 
PHE O    O N N 239 
PHE CB   C N N 240 
PHE CG   C Y N 241 
PHE CD1  C Y N 242 
PHE CD2  C Y N 243 
PHE CE1  C Y N 244 
PHE CE2  C Y N 245 
PHE CZ   C Y N 246 
PHE OXT  O N N 247 
PHE H    H N N 248 
PHE H2   H N N 249 
PHE HA   H N N 250 
PHE HB2  H N N 251 
PHE HB3  H N N 252 
PHE HD1  H N N 253 
PHE HD2  H N N 254 
PHE HE1  H N N 255 
PHE HE2  H N N 256 
PHE HZ   H N N 257 
PHE HXT  H N N 258 
PRO N    N N N 259 
PRO CA   C N S 260 
PRO C    C N N 261 
PRO O    O N N 262 
PRO CB   C N N 263 
PRO CG   C N N 264 
PRO CD   C N N 265 
PRO OXT  O N N 266 
PRO H    H N N 267 
PRO HA   H N N 268 
PRO HB2  H N N 269 
PRO HB3  H N N 270 
PRO HG2  H N N 271 
PRO HG3  H N N 272 
PRO HD2  H N N 273 
PRO HD3  H N N 274 
PRO HXT  H N N 275 
SER N    N N N 276 
SER CA   C N S 277 
SER C    C N N 278 
SER O    O N N 279 
SER CB   C N N 280 
SER OG   O N N 281 
SER OXT  O N N 282 
SER H    H N N 283 
SER H2   H N N 284 
SER HA   H N N 285 
SER HB2  H N N 286 
SER HB3  H N N 287 
SER HG   H N N 288 
SER HXT  H N N 289 
THR N    N N N 290 
THR CA   C N S 291 
THR C    C N N 292 
THR O    O N N 293 
THR CB   C N R 294 
THR OG1  O N N 295 
THR CG2  C N N 296 
THR OXT  O N N 297 
THR H    H N N 298 
THR H2   H N N 299 
THR HA   H N N 300 
THR HB   H N N 301 
THR HG1  H N N 302 
THR HG21 H N N 303 
THR HG22 H N N 304 
THR HG23 H N N 305 
THR HXT  H N N 306 
TRP N    N N N 307 
TRP CA   C N S 308 
TRP C    C N N 309 
TRP O    O N N 310 
TRP CB   C N N 311 
TRP CG   C Y N 312 
TRP CD1  C Y N 313 
TRP CD2  C Y N 314 
TRP NE1  N Y N 315 
TRP CE2  C Y N 316 
TRP CE3  C Y N 317 
TRP CZ2  C Y N 318 
TRP CZ3  C Y N 319 
TRP CH2  C Y N 320 
TRP OXT  O N N 321 
TRP H    H N N 322 
TRP H2   H N N 323 
TRP HA   H N N 324 
TRP HB2  H N N 325 
TRP HB3  H N N 326 
TRP HD1  H N N 327 
TRP HE1  H N N 328 
TRP HE3  H N N 329 
TRP HZ2  H N N 330 
TRP HZ3  H N N 331 
TRP HH2  H N N 332 
TRP HXT  H N N 333 
TYR N    N N N 334 
TYR CA   C N S 335 
TYR C    C N N 336 
TYR O    O N N 337 
TYR CB   C N N 338 
TYR CG   C Y N 339 
TYR CD1  C Y N 340 
TYR CD2  C Y N 341 
TYR CE1  C Y N 342 
TYR CE2  C Y N 343 
TYR CZ   C Y N 344 
TYR OH   O N N 345 
TYR OXT  O N N 346 
TYR H    H N N 347 
TYR H2   H N N 348 
TYR HA   H N N 349 
TYR HB2  H N N 350 
TYR HB3  H N N 351 
TYR HD1  H N N 352 
TYR HD2  H N N 353 
TYR HE1  H N N 354 
TYR HE2  H N N 355 
TYR HH   H N N 356 
TYR HXT  H N N 357 
VAL N    N N N 358 
VAL CA   C N S 359 
VAL C    C N N 360 
VAL O    O N N 361 
VAL CB   C N N 362 
VAL CG1  C N N 363 
VAL CG2  C N N 364 
VAL OXT  O N N 365 
VAL H    H N N 366 
VAL H2   H N N 367 
VAL HA   H N N 368 
VAL HB   H N N 369 
VAL HG11 H N N 370 
VAL HG12 H N N 371 
VAL HG13 H N N 372 
VAL HG21 H N N 373 
VAL HG22 H N N 374 
VAL HG23 H N N 375 
VAL HXT  H N N 376 
# 
loop_
_chem_comp_bond.comp_id 
_chem_comp_bond.atom_id_1 
_chem_comp_bond.atom_id_2 
_chem_comp_bond.value_order 
_chem_comp_bond.pdbx_aromatic_flag 
_chem_comp_bond.pdbx_stereo_config 
_chem_comp_bond.pdbx_ordinal 
ALA N   CA   sing N N 1   
ALA N   H    sing N N 2   
ALA N   H2   sing N N 3   
ALA CA  C    sing N N 4   
ALA CA  CB   sing N N 5   
ALA CA  HA   sing N N 6   
ALA C   O    doub N N 7   
ALA C   OXT  sing N N 8   
ALA CB  HB1  sing N N 9   
ALA CB  HB2  sing N N 10  
ALA CB  HB3  sing N N 11  
ALA OXT HXT  sing N N 12  
ARG N   CA   sing N N 13  
ARG N   H    sing N N 14  
ARG N   H2   sing N N 15  
ARG CA  C    sing N N 16  
ARG CA  CB   sing N N 17  
ARG CA  HA   sing N N 18  
ARG C   O    doub N N 19  
ARG C   OXT  sing N N 20  
ARG CB  CG   sing N N 21  
ARG CB  HB2  sing N N 22  
ARG CB  HB3  sing N N 23  
ARG CG  CD   sing N N 24  
ARG CG  HG2  sing N N 25  
ARG CG  HG3  sing N N 26  
ARG CD  NE   sing N N 27  
ARG CD  HD2  sing N N 28  
ARG CD  HD3  sing N N 29  
ARG NE  CZ   sing N N 30  
ARG NE  HE   sing N N 31  
ARG CZ  NH1  sing N N 32  
ARG CZ  NH2  doub N N 33  
ARG NH1 HH11 sing N N 34  
ARG NH1 HH12 sing N N 35  
ARG NH2 HH21 sing N N 36  
ARG NH2 HH22 sing N N 37  
ARG OXT HXT  sing N N 38  
ASN N   CA   sing N N 39  
ASN N   H    sing N N 40  
ASN N   H2   sing N N 41  
ASN CA  C    sing N N 42  
ASN CA  CB   sing N N 43  
ASN CA  HA   sing N N 44  
ASN C   O    doub N N 45  
ASN C   OXT  sing N N 46  
ASN CB  CG   sing N N 47  
ASN CB  HB2  sing N N 48  
ASN CB  HB3  sing N N 49  
ASN CG  OD1  doub N N 50  
ASN CG  ND2  sing N N 51  
ASN ND2 HD21 sing N N 52  
ASN ND2 HD22 sing N N 53  
ASN OXT HXT  sing N N 54  
ASP N   CA   sing N N 55  
ASP N   H    sing N N 56  
ASP N   H2   sing N N 57  
ASP CA  C    sing N N 58  
ASP CA  CB   sing N N 59  
ASP CA  HA   sing N N 60  
ASP C   O    doub N N 61  
ASP C   OXT  sing N N 62  
ASP CB  CG   sing N N 63  
ASP CB  HB2  sing N N 64  
ASP CB  HB3  sing N N 65  
ASP CG  OD1  doub N N 66  
ASP CG  OD2  sing N N 67  
ASP OD2 HD2  sing N N 68  
ASP OXT HXT  sing N N 69  
GLN N   CA   sing N N 70  
GLN N   H    sing N N 71  
GLN N   H2   sing N N 72  
GLN CA  C    sing N N 73  
GLN CA  CB   sing N N 74  
GLN CA  HA   sing N N 75  
GLN C   O    doub N N 76  
GLN C   OXT  sing N N 77  
GLN CB  CG   sing N N 78  
GLN CB  HB2  sing N N 79  
GLN CB  HB3  sing N N 80  
GLN CG  CD   sing N N 81  
GLN CG  HG2  sing N N 82  
GLN CG  HG3  sing N N 83  
GLN CD  OE1  doub N N 84  
GLN CD  NE2  sing N N 85  
GLN NE2 HE21 sing N N 86  
GLN NE2 HE22 sing N N 87  
GLN OXT HXT  sing N N 88  
GLU N   CA   sing N N 89  
GLU N   H    sing N N 90  
GLU N   H2   sing N N 91  
GLU CA  C    sing N N 92  
GLU CA  CB   sing N N 93  
GLU CA  HA   sing N N 94  
GLU C   O    doub N N 95  
GLU C   OXT  sing N N 96  
GLU CB  CG   sing N N 97  
GLU CB  HB2  sing N N 98  
GLU CB  HB3  sing N N 99  
GLU CG  CD   sing N N 100 
GLU CG  HG2  sing N N 101 
GLU CG  HG3  sing N N 102 
GLU CD  OE1  doub N N 103 
GLU CD  OE2  sing N N 104 
GLU OE2 HE2  sing N N 105 
GLU OXT HXT  sing N N 106 
GLY N   CA   sing N N 107 
GLY N   H    sing N N 108 
GLY N   H2   sing N N 109 
GLY CA  C    sing N N 110 
GLY CA  HA2  sing N N 111 
GLY CA  HA3  sing N N 112 
GLY C   O    doub N N 113 
GLY C   OXT  sing N N 114 
GLY OXT HXT  sing N N 115 
HIS N   CA   sing N N 116 
HIS N   H    sing N N 117 
HIS N   H2   sing N N 118 
HIS CA  C    sing N N 119 
HIS CA  CB   sing N N 120 
HIS CA  HA   sing N N 121 
HIS C   O    doub N N 122 
HIS C   OXT  sing N N 123 
HIS CB  CG   sing N N 124 
HIS CB  HB2  sing N N 125 
HIS CB  HB3  sing N N 126 
HIS CG  ND1  sing Y N 127 
HIS CG  CD2  doub Y N 128 
HIS ND1 CE1  doub Y N 129 
HIS ND1 HD1  sing N N 130 
HIS CD2 NE2  sing Y N 131 
HIS CD2 HD2  sing N N 132 
HIS CE1 NE2  sing Y N 133 
HIS CE1 HE1  sing N N 134 
HIS NE2 HE2  sing N N 135 
HIS OXT HXT  sing N N 136 
HOH O   H1   sing N N 137 
HOH O   H2   sing N N 138 
ILE N   CA   sing N N 139 
ILE N   H    sing N N 140 
ILE N   H2   sing N N 141 
ILE CA  C    sing N N 142 
ILE CA  CB   sing N N 143 
ILE CA  HA   sing N N 144 
ILE C   O    doub N N 145 
ILE C   OXT  sing N N 146 
ILE CB  CG1  sing N N 147 
ILE CB  CG2  sing N N 148 
ILE CB  HB   sing N N 149 
ILE CG1 CD1  sing N N 150 
ILE CG1 HG12 sing N N 151 
ILE CG1 HG13 sing N N 152 
ILE CG2 HG21 sing N N 153 
ILE CG2 HG22 sing N N 154 
ILE CG2 HG23 sing N N 155 
ILE CD1 HD11 sing N N 156 
ILE CD1 HD12 sing N N 157 
ILE CD1 HD13 sing N N 158 
ILE OXT HXT  sing N N 159 
LEU N   CA   sing N N 160 
LEU N   H    sing N N 161 
LEU N   H2   sing N N 162 
LEU CA  C    sing N N 163 
LEU CA  CB   sing N N 164 
LEU CA  HA   sing N N 165 
LEU C   O    doub N N 166 
LEU C   OXT  sing N N 167 
LEU CB  CG   sing N N 168 
LEU CB  HB2  sing N N 169 
LEU CB  HB3  sing N N 170 
LEU CG  CD1  sing N N 171 
LEU CG  CD2  sing N N 172 
LEU CG  HG   sing N N 173 
LEU CD1 HD11 sing N N 174 
LEU CD1 HD12 sing N N 175 
LEU CD1 HD13 sing N N 176 
LEU CD2 HD21 sing N N 177 
LEU CD2 HD22 sing N N 178 
LEU CD2 HD23 sing N N 179 
LEU OXT HXT  sing N N 180 
LYS N   CA   sing N N 181 
LYS N   H    sing N N 182 
LYS N   H2   sing N N 183 
LYS CA  C    sing N N 184 
LYS CA  CB   sing N N 185 
LYS CA  HA   sing N N 186 
LYS C   O    doub N N 187 
LYS C   OXT  sing N N 188 
LYS CB  CG   sing N N 189 
LYS CB  HB2  sing N N 190 
LYS CB  HB3  sing N N 191 
LYS CG  CD   sing N N 192 
LYS CG  HG2  sing N N 193 
LYS CG  HG3  sing N N 194 
LYS CD  CE   sing N N 195 
LYS CD  HD2  sing N N 196 
LYS CD  HD3  sing N N 197 
LYS CE  NZ   sing N N 198 
LYS CE  HE2  sing N N 199 
LYS CE  HE3  sing N N 200 
LYS NZ  HZ1  sing N N 201 
LYS NZ  HZ2  sing N N 202 
LYS NZ  HZ3  sing N N 203 
LYS OXT HXT  sing N N 204 
MET N   CA   sing N N 205 
MET N   H    sing N N 206 
MET N   H2   sing N N 207 
MET CA  C    sing N N 208 
MET CA  CB   sing N N 209 
MET CA  HA   sing N N 210 
MET C   O    doub N N 211 
MET C   OXT  sing N N 212 
MET CB  CG   sing N N 213 
MET CB  HB2  sing N N 214 
MET CB  HB3  sing N N 215 
MET CG  SD   sing N N 216 
MET CG  HG2  sing N N 217 
MET CG  HG3  sing N N 218 
MET SD  CE   sing N N 219 
MET CE  HE1  sing N N 220 
MET CE  HE2  sing N N 221 
MET CE  HE3  sing N N 222 
MET OXT HXT  sing N N 223 
PHE N   CA   sing N N 224 
PHE N   H    sing N N 225 
PHE N   H2   sing N N 226 
PHE CA  C    sing N N 227 
PHE CA  CB   sing N N 228 
PHE CA  HA   sing N N 229 
PHE C   O    doub N N 230 
PHE C   OXT  sing N N 231 
PHE CB  CG   sing N N 232 
PHE CB  HB2  sing N N 233 
PHE CB  HB3  sing N N 234 
PHE CG  CD1  doub Y N 235 
PHE CG  CD2  sing Y N 236 
PHE CD1 CE1  sing Y N 237 
PHE CD1 HD1  sing N N 238 
PHE CD2 CE2  doub Y N 239 
PHE CD2 HD2  sing N N 240 
PHE CE1 CZ   doub Y N 241 
PHE CE1 HE1  sing N N 242 
PHE CE2 CZ   sing Y N 243 
PHE CE2 HE2  sing N N 244 
PHE CZ  HZ   sing N N 245 
PHE OXT HXT  sing N N 246 
PRO N   CA   sing N N 247 
PRO N   CD   sing N N 248 
PRO N   H    sing N N 249 
PRO CA  C    sing N N 250 
PRO CA  CB   sing N N 251 
PRO CA  HA   sing N N 252 
PRO C   O    doub N N 253 
PRO C   OXT  sing N N 254 
PRO CB  CG   sing N N 255 
PRO CB  HB2  sing N N 256 
PRO CB  HB3  sing N N 257 
PRO CG  CD   sing N N 258 
PRO CG  HG2  sing N N 259 
PRO CG  HG3  sing N N 260 
PRO CD  HD2  sing N N 261 
PRO CD  HD3  sing N N 262 
PRO OXT HXT  sing N N 263 
SER N   CA   sing N N 264 
SER N   H    sing N N 265 
SER N   H2   sing N N 266 
SER CA  C    sing N N 267 
SER CA  CB   sing N N 268 
SER CA  HA   sing N N 269 
SER C   O    doub N N 270 
SER C   OXT  sing N N 271 
SER CB  OG   sing N N 272 
SER CB  HB2  sing N N 273 
SER CB  HB3  sing N N 274 
SER OG  HG   sing N N 275 
SER OXT HXT  sing N N 276 
THR N   CA   sing N N 277 
THR N   H    sing N N 278 
THR N   H2   sing N N 279 
THR CA  C    sing N N 280 
THR CA  CB   sing N N 281 
THR CA  HA   sing N N 282 
THR C   O    doub N N 283 
THR C   OXT  sing N N 284 
THR CB  OG1  sing N N 285 
THR CB  CG2  sing N N 286 
THR CB  HB   sing N N 287 
THR OG1 HG1  sing N N 288 
THR CG2 HG21 sing N N 289 
THR CG2 HG22 sing N N 290 
THR CG2 HG23 sing N N 291 
THR OXT HXT  sing N N 292 
TRP N   CA   sing N N 293 
TRP N   H    sing N N 294 
TRP N   H2   sing N N 295 
TRP CA  C    sing N N 296 
TRP CA  CB   sing N N 297 
TRP CA  HA   sing N N 298 
TRP C   O    doub N N 299 
TRP C   OXT  sing N N 300 
TRP CB  CG   sing N N 301 
TRP CB  HB2  sing N N 302 
TRP CB  HB3  sing N N 303 
TRP CG  CD1  doub Y N 304 
TRP CG  CD2  sing Y N 305 
TRP CD1 NE1  sing Y N 306 
TRP CD1 HD1  sing N N 307 
TRP CD2 CE2  doub Y N 308 
TRP CD2 CE3  sing Y N 309 
TRP NE1 CE2  sing Y N 310 
TRP NE1 HE1  sing N N 311 
TRP CE2 CZ2  sing Y N 312 
TRP CE3 CZ3  doub Y N 313 
TRP CE3 HE3  sing N N 314 
TRP CZ2 CH2  doub Y N 315 
TRP CZ2 HZ2  sing N N 316 
TRP CZ3 CH2  sing Y N 317 
TRP CZ3 HZ3  sing N N 318 
TRP CH2 HH2  sing N N 319 
TRP OXT HXT  sing N N 320 
TYR N   CA   sing N N 321 
TYR N   H    sing N N 322 
TYR N   H2   sing N N 323 
TYR CA  C    sing N N 324 
TYR CA  CB   sing N N 325 
TYR CA  HA   sing N N 326 
TYR C   O    doub N N 327 
TYR C   OXT  sing N N 328 
TYR CB  CG   sing N N 329 
TYR CB  HB2  sing N N 330 
TYR CB  HB3  sing N N 331 
TYR CG  CD1  doub Y N 332 
TYR CG  CD2  sing Y N 333 
TYR CD1 CE1  sing Y N 334 
TYR CD1 HD1  sing N N 335 
TYR CD2 CE2  doub Y N 336 
TYR CD2 HD2  sing N N 337 
TYR CE1 CZ   doub Y N 338 
TYR CE1 HE1  sing N N 339 
TYR CE2 CZ   sing Y N 340 
TYR CE2 HE2  sing N N 341 
TYR CZ  OH   sing N N 342 
TYR OH  HH   sing N N 343 
TYR OXT HXT  sing N N 344 
VAL N   CA   sing N N 345 
VAL N   H    sing N N 346 
VAL N   H2   sing N N 347 
VAL CA  C    sing N N 348 
VAL CA  CB   sing N N 349 
VAL CA  HA   sing N N 350 
VAL C   O    doub N N 351 
VAL C   OXT  sing N N 352 
VAL CB  CG1  sing N N 353 
VAL CB  CG2  sing N N 354 
VAL CB  HB   sing N N 355 
VAL CG1 HG11 sing N N 356 
VAL CG1 HG12 sing N N 357 
VAL CG1 HG13 sing N N 358 
VAL CG2 HG21 sing N N 359 
VAL CG2 HG22 sing N N 360 
VAL CG2 HG23 sing N N 361 
VAL OXT HXT  sing N N 362 
# 
_pdbx_audit_support.funding_organization   'Not funded' 
_pdbx_audit_support.country                ? 
_pdbx_audit_support.grant_number           ? 
_pdbx_audit_support.ordinal                1 
# 
_pdbx_initial_refinement_model.id               1 
_pdbx_initial_refinement_model.entity_id_list   ? 
_pdbx_initial_refinement_model.type             'in silico model' 
_pdbx_initial_refinement_model.source_name      AlphaFold 
_pdbx_initial_refinement_model.accession_code   ? 
_pdbx_initial_refinement_model.details          ? 
# 
_atom_sites.entry_id                    8WC1 
_atom_sites.Cartn_transf_matrix[1][1]   ? 
_atom_sites.Cartn_transf_matrix[1][2]   ? 
_atom_sites.Cartn_transf_matrix[1][3]   ? 
_atom_sites.Cartn_transf_matrix[2][1]   ? 
_atom_sites.Cartn_transf_matrix[2][2]   ? 
_atom_sites.Cartn_transf_matrix[2][3]   ? 
_atom_sites.Cartn_transf_matrix[3][1]   ? 
_atom_sites.Cartn_transf_matrix[3][2]   ? 
_atom_sites.Cartn_transf_matrix[3][3]   ? 
_atom_sites.Cartn_transf_vector[1]      ? 
_atom_sites.Cartn_transf_vector[2]      ? 
_atom_sites.Cartn_transf_vector[3]      ? 
_atom_sites.Cartn_transform_axes        ? 
_atom_sites.fract_transf_matrix[1][1]   0.00690374 
_atom_sites.fract_transf_matrix[1][2]   0.00674277 
_atom_sites.fract_transf_matrix[1][3]   -0.02309165 
_atom_sites.fract_transf_matrix[2][1]   0.00451927 
_atom_sites.fract_transf_matrix[2][2]   -0.01819412 
_atom_sites.fract_transf_matrix[2][3]   -0.00396156 
_atom_sites.fract_transf_matrix[3][1]   -0.01311994 
_atom_sites.fract_transf_matrix[3][2]   -0.00226105 
_atom_sites.fract_transf_matrix[3][3]   -0.00458271 
_atom_sites.fract_transf_vector[1]      0.060757 
_atom_sites.fract_transf_vector[2]      0.137225 
_atom_sites.fract_transf_vector[3]      0.151885 
_atom_sites.solution_primary            ? 
_atom_sites.solution_secondary          ? 
_atom_sites.solution_hydrogens          ? 
_atom_sites.special_details             ? 
# 
loop_
_atom_type.symbol 
C 
N 
O 
S 
# 
loop_
_atom_site.group_PDB 
_atom_site.id 
_atom_site.type_symbol 
_atom_site.label_atom_id 
_atom_site.label_alt_id 
_atom_site.label_comp_id 
_atom_site.label_asym_id 
_atom_site.label_entity_id 
_atom_site.label_seq_id 
_atom_site.pdbx_PDB_ins_code 
_atom_site.Cartn_x 
_atom_site.Cartn_y 
_atom_site.Cartn_z 
_atom_site.occupancy 
_atom_site.B_iso_or_equiv 
_atom_site.pdbx_formal_charge 
_atom_site.auth_seq_id 
_atom_site.auth_comp_id 
_atom_site.auth_asym_id 
_atom_site.auth_atom_id 
_atom_site.pdbx_PDB_model_num 
ATOM   1    N N   . LEU A 1 3   ? -3.289  -6.349  -20.640 1.00 30.34 ? 1   LEU A N   1 
ATOM   2    C CA  . LEU A 1 3   ? -2.292  -7.090  -21.415 1.00 29.88 ? 1   LEU A CA  1 
ATOM   3    C C   . LEU A 1 3   ? -1.126  -7.686  -20.595 1.00 21.00 ? 1   LEU A C   1 
ATOM   4    O O   . LEU A 1 3   ? -0.852  -8.873  -20.724 1.00 26.97 ? 1   LEU A O   1 
ATOM   5    C CB  . LEU A 1 3   ? -1.819  -6.289  -22.639 1.00 27.01 ? 1   LEU A CB  1 
ATOM   6    C CG  . LEU A 1 3   ? -0.540  -6.731  -23.346 1.00 26.76 ? 1   LEU A CG  1 
ATOM   7    C CD1 . LEU A 1 3   ? -0.710  -6.612  -24.849 1.00 26.09 ? 1   LEU A CD1 1 
ATOM   8    C CD2 . LEU A 1 3   ? 0.622   -5.886  -22.892 1.00 23.28 ? 1   LEU A CD2 1 
ATOM   9    N N   . PRO A 1 4   ? -0.429  -6.896  -19.767 1.00 20.54 ? 2   PRO A N   1 
ATOM   10   C CA  . PRO A 1 4   ? 0.540   -7.504  -18.856 1.00 17.42 ? 2   PRO A CA  1 
ATOM   11   C C   . PRO A 1 4   ? -0.173  -8.271  -17.758 1.00 14.49 ? 2   PRO A C   1 
ATOM   12   O O   . PRO A 1 4   ? -1.333  -7.975  -17.422 1.00 14.83 ? 2   PRO A O   1 
ATOM   13   C CB  . PRO A 1 4   ? 1.316   -6.298  -18.293 1.00 18.91 ? 2   PRO A CB  1 
ATOM   14   C CG  . PRO A 1 4   ? 0.860   -5.102  -19.040 1.00 21.23 ? 2   PRO A CG  1 
ATOM   15   C CD  . PRO A 1 4   ? -0.456  -5.425  -19.641 1.00 21.62 ? 2   PRO A CD  1 
ATOM   16   N N   . PRO A 1 5   ? 0.473   -9.273  -17.184 1.00 13.74 ? 3   PRO A N   1 
ATOM   17   C CA  . PRO A 1 5   ? -0.191  -10.081 -16.158 1.00 13.21 ? 3   PRO A CA  1 
ATOM   18   C C   . PRO A 1 5   ? -0.281  -9.347  -14.829 1.00 12.55 ? 3   PRO A C   1 
ATOM   19   O O   . PRO A 1 5   ? 0.457   -8.400  -14.545 1.00 13.50 ? 3   PRO A O   1 
ATOM   20   C CB  . PRO A 1 5   ? 0.717   -11.309 -16.041 1.00 16.41 ? 3   PRO A CB  1 
ATOM   21   C CG  . PRO A 1 5   ? 2.066   -10.815 -16.445 1.00 19.48 ? 3   PRO A CG  1 
ATOM   22   C CD  . PRO A 1 5   ? 1.844   -9.731  -17.463 1.00 17.60 ? 3   PRO A CD  1 
ATOM   23   N N   . ASP A 1 6   ? -1.209  -9.820  -13.999 1.00 11.20 ? 4   ASP A N   1 
ATOM   24   C CA  . ASP A 1 6   ? -1.376  -9.281  -12.656 1.00 11.85 ? 4   ASP A CA  1 
ATOM   25   C C   . ASP A 1 6   ? -0.086  -9.440  -11.868 1.00 10.86 ? 4   ASP A C   1 
ATOM   26   O O   . ASP A 1 6   ? 0.661   -10.406 -12.046 1.00 11.42 ? 4   ASP A O   1 
ATOM   27   C CB  . ASP A 1 6   ? -2.432  -10.082 -11.892 1.00 13.04 ? 4   ASP A CB  1 
ATOM   28   C CG  . ASP A 1 6   ? -3.845  -9.808  -12.348 1.00 13.10 ? 4   ASP A CG  1 
ATOM   29   O OD1 . ASP A 1 6   ? -4.067  -8.927  -13.201 1.00 12.54 ? 4   ASP A OD1 1 
ATOM   30   O OD2 . ASP A 1 6   ? -4.753  -10.492 -11.830 1.00 13.47 ? 4   ASP A OD2 1 
ATOM   31   N N   . SER A 1 7   ? 0.145   -8.506  -10.951 1.00 10.93 ? 5   SER A N   1 
ATOM   32   C CA  . SER A 1 7   ? 1.243   -8.591  -9.997  1.00 11.39 ? 5   SER A CA  1 
ATOM   33   C C   . SER A 1 7   ? 0.669   -8.437  -8.600  1.00 11.96 ? 5   SER A C   1 
ATOM   34   O O   . SER A 1 7   ? -0.097  -7.503  -8.347  1.00 11.65 ? 5   SER A O   1 
ATOM   35   C CB  . SER A 1 7   ? 2.238   -7.463  -10.250 1.00 15.06 ? 5   SER A CB  1 
ATOM   36   O OG  . SER A 1 7   ? 3.292   -7.516  -9.312  1.00 21.83 ? 5   SER A OG  1 
ATOM   37   N N   . VAL A 1 8   ? 1.033   -9.344  -7.698  1.00 10.43 ? 6   VAL A N   1 
ATOM   38   C CA  . VAL A 1 8   ? 0.467   -9.353  -6.355  1.00 11.86 ? 6   VAL A CA  1 
ATOM   39   C C   . VAL A 1 8   ? 1.577   -9.462  -5.319  1.00 12.93 ? 6   VAL A C   1 
ATOM   40   O O   . VAL A 1 8   ? 2.675   -9.961  -5.585  1.00 13.23 ? 6   VAL A O   1 
ATOM   41   C CB  . VAL A 1 8   ? -0.564  -10.482 -6.133  1.00 12.11 ? 6   VAL A CB  1 
ATOM   42   C CG1 . VAL A 1 8   ? -1.699  -10.385 -7.138  1.00 12.76 ? 6   VAL A CG1 1 
ATOM   43   C CG2 . VAL A 1 8   ? 0.114   -11.849 -6.174  1.00 15.52 ? 6   VAL A CG2 1 
ATOM   44   N N   . TYR A 1 9   ? 1.262   -8.996  -4.115  1.00 10.23 ? 7   TYR A N   1 
ATOM   45   C CA  . TYR A 1 9   ? 2.106   -9.297  -2.965  1.00 10.22 ? 7   TYR A CA  1 
ATOM   46   C C   . TYR A 1 9   ? 1.255   -9.302  -1.710  1.00 10.40 ? 7   TYR A C   1 
ATOM   47   O O   . TYR A 1 9   ? 0.626   -8.294  -1.374  1.00 10.73 ? 7   TYR A O   1 
ATOM   48   C CB  . TYR A 1 9   ? 3.298   -8.346  -2.829  1.00 12.62 ? 7   TYR A CB  1 
ATOM   49   C CG  . TYR A 1 9   ? 4.375   -9.022  -2.025  1.00 10.60 ? 7   TYR A CG  1 
ATOM   50   C CD1 . TYR A 1 9   ? 4.314   -9.049  -0.637  1.00 12.90 ? 7   TYR A CD1 1 
ATOM   51   C CD2 . TYR A 1 9   ? 5.395   -9.727  -2.648  1.00 12.98 ? 7   TYR A CD2 1 
ATOM   52   C CE1 . TYR A 1 9   ? 5.265   -9.709  0.104   1.00 13.91 ? 7   TYR A CE1 1 
ATOM   53   C CE2 . TYR A 1 9   ? 6.357   -10.387 -1.914  1.00 14.86 ? 7   TYR A CE2 1 
ATOM   54   C CZ  . TYR A 1 9   ? 6.282   -10.374 -0.538  1.00 12.81 ? 7   TYR A CZ  1 
ATOM   55   O OH  . TYR A 1 9   ? 7.222   -11.034 0.226   1.00 18.16 ? 7   TYR A OH  1 
ATOM   56   N N   . ASN A 1 10  ? 1.219   -10.450 -1.041  1.00 9.81  ? 8   ASN A N   1 
ATOM   57   C CA  . ASN A 1 10  ? 0.582   -10.592 0.258   1.00 9.86  ? 8   ASN A CA  1 
ATOM   58   C C   . ASN A 1 10  ? 1.638   -10.320 1.318   1.00 9.99  ? 8   ASN A C   1 
ATOM   59   O O   . ASN A 1 10  ? 2.650   -11.025 1.383   1.00 10.33 ? 8   ASN A O   1 
ATOM   60   C CB  . ASN A 1 10  ? 0.051   -12.020 0.391   1.00 10.33 ? 8   ASN A CB  1 
ATOM   61   C CG  . ASN A 1 10  ? -0.712  -12.254 1.677   1.00 11.12 ? 8   ASN A CG  1 
ATOM   62   O OD1 . ASN A 1 10  ? -0.652  -11.468 2.608   1.00 11.11 ? 8   ASN A OD1 1 
ATOM   63   N ND2 . ASN A 1 10  ? -1.437  -13.360 1.732   1.00 14.05 ? 8   ASN A ND2 1 
ATOM   64   N N   . ILE A 1 11  ? 1.421   -9.275  2.121   1.00 9.39  ? 9   ILE A N   1 
ATOM   65   C CA  . ILE A 1 11  ? 2.383   -8.904  3.158   1.00 8.77  ? 9   ILE A CA  1 
ATOM   66   C C   . ILE A 1 11  ? 2.673   -10.073 4.092   1.00 8.96  ? 9   ILE A C   1 
ATOM   67   O O   . ILE A 1 11  ? 3.769   -10.166 4.654   1.00 10.02 ? 9   ILE A O   1 
ATOM   68   C CB  . ILE A 1 11  ? 1.888   -7.651  3.914   1.00 8.87  ? 9   ILE A CB  1 
ATOM   69   C CG1 . ILE A 1 11  ? 1.776   -6.450  2.959   1.00 9.63  ? 9   ILE A CG1 1 
ATOM   70   C CG2 . ILE A 1 11  ? 2.780   -7.321  5.101   1.00 10.43 ? 9   ILE A CG2 1 
ATOM   71   C CD1 . ILE A 1 11  ? 3.082   -6.020  2.316   1.00 9.61  ? 9   ILE A CD1 1 
ATOM   72   N N   . SER A 1 12  ? 1.726   -11.006 4.236   1.00 9.49  ? 10  SER A N   1 
ATOM   73   C CA  . SER A 1 12  ? 1.955   -12.177 5.079   1.00 10.19 ? 10  SER A CA  1 
ATOM   74   C C   . SER A 1 12  ? 3.119   -13.034 4.596   1.00 13.18 ? 10  SER A C   1 
ATOM   75   O O   . SER A 1 12  ? 3.633   -13.848 5.374   1.00 12.89 ? 10  SER A O   1 
ATOM   76   C CB  . SER A 1 12  ? 0.684   -13.025 5.172   1.00 10.67 ? 10  SER A CB  1 
ATOM   77   O OG  . SER A 1 12  ? -0.374  -12.289 5.767   1.00 11.26 ? 10  SER A OG  1 
ATOM   78   N N   . ASP A 1 13  ? 3.546   -12.881 3.343   1.00 10.89 ? 11  ASP A N   1 
ATOM   79   C CA  . ASP A 1 13  ? 4.680   -13.637 2.827   1.00 12.64 ? 11  ASP A CA  1 
ATOM   80   C C   . ASP A 1 13  ? 6.017   -12.968 3.122   1.00 13.19 ? 11  ASP A C   1 
ATOM   81   O O   . ASP A 1 13  ? 7.068   -13.573 2.870   1.00 16.24 ? 11  ASP A O   1 
ATOM   82   C CB  . ASP A 1 13  ? 4.511   -13.860 1.322   1.00 13.48 ? 11  ASP A CB  1 
ATOM   83   C CG  . ASP A 1 13  ? 3.331   -14.762 1.006   1.00 15.66 ? 11  ASP A CG  1 
ATOM   84   O OD1 . ASP A 1 13  ? 3.072   -15.699 1.788   1.00 20.44 ? 11  ASP A OD1 1 
ATOM   85   O OD2 . ASP A 1 13  ? 2.655   -14.528 -0.015  1.00 18.46 ? 11  ASP A OD2 1 
ATOM   86   N N   . MET A 1 14  ? 5.998   -11.743 3.640   1.00 12.39 ? 12  MET A N   1 
ATOM   87   C CA  . MET A 1 14  ? 7.194   -11.025 4.049   1.00 14.19 ? 12  MET A CA  1 
ATOM   88   C C   . MET A 1 14  ? 7.746   -11.632 5.333   1.00 12.72 ? 12  MET A C   1 
ATOM   89   O O   . MET A 1 14  ? 7.021   -12.233 6.130   1.00 13.93 ? 12  MET A O   1 
ATOM   90   C CB  . MET A 1 14  ? 6.803   -9.596  4.411   1.00 14.61 ? 12  MET A CB  1 
ATOM   91   C CG  . MET A 1 14  ? 6.509   -8.716  3.228   1.00 15.34 ? 12  MET A CG  1 
ATOM   92   S SD  . MET A 1 14  ? 6.638   -6.992  3.652   1.00 12.44 ? 12  MET A SD  1 
ATOM   93   C CE  . MET A 1 14  ? 8.415   -6.791  3.833   1.00 13.77 ? 12  MET A CE  1 
ATOM   94   N N   . SER A 1 15  ? 9.036   -11.428 5.554   1.00 15.06 ? 13  SER A N   1 
ATOM   95   C CA  . SER A 1 15  ? 9.595   -11.747 6.850   1.00 15.56 ? 13  SER A CA  1 
ATOM   96   C C   . SER A 1 15  ? 9.192   -10.683 7.863   1.00 12.91 ? 13  SER A C   1 
ATOM   97   O O   . SER A 1 15  ? 9.033   -9.503  7.539   1.00 12.35 ? 13  SER A O   1 
ATOM   98   C CB  . SER A 1 15  ? 11.118  -11.851 6.781   1.00 17.05 ? 13  SER A CB  1 
ATOM   99   O OG  . SER A 1 15  ? 11.633  -12.478 7.950   1.00 24.46 ? 13  SER A OG  1 
ATOM   100  N N   . THR A 1 16  ? 9.010   -11.124 9.097   1.00 12.74 ? 14  THR A N   1 
ATOM   101  C CA  . THR A 1 16  ? 8.726   -10.217 10.195  1.00 10.41 ? 14  THR A CA  1 
ATOM   102  C C   . THR A 1 16  ? 9.944   -9.355  10.500  1.00 10.57 ? 14  THR A C   1 
ATOM   103  O O   . THR A 1 16  ? 11.085  -9.817  10.411  1.00 11.48 ? 14  THR A O   1 
ATOM   104  C CB  . THR A 1 16  ? 8.348   -11.065 11.409  1.00 10.68 ? 14  THR A CB  1 
ATOM   105  O OG1 . THR A 1 16  ? 7.073   -11.658 11.158  1.00 12.13 ? 14  THR A OG1 1 
ATOM   106  C CG2 . THR A 1 16  ? 8.299   -10.258 12.686  1.00 11.07 ? 14  THR A CG2 1 
ATOM   107  N N   . GLY A 1 17  ? 9.709   -8.092  10.844  1.00 9.67  ? 15  GLY A N   1 
ATOM   108  C CA  . GLY A 1 17  ? 10.796  -7.265  11.319  1.00 9.89  ? 15  GLY A CA  1 
ATOM   109  C C   . GLY A 1 17  ? 10.757  -5.828  10.853  1.00 10.86 ? 15  GLY A C   1 
ATOM   110  O O   . GLY A 1 17  ? 9.951   -5.455  9.991   1.00 10.17 ? 15  GLY A O   1 
ATOM   111  N N   . THR A 1 18  ? 11.634  -5.010  11.421  1.00 12.73 ? 16  THR A N   1 
ATOM   112  C CA  . THR A 1 18  ? 11.729  -3.627  10.987  1.00 12.43 ? 16  THR A CA  1 
ATOM   113  C C   . THR A 1 18  ? 12.310  -3.562  9.582   1.00 12.08 ? 16  THR A C   1 
ATOM   114  O O   . THR A 1 18  ? 13.044  -4.453  9.142   1.00 13.98 ? 16  THR A O   1 
ATOM   115  C CB  . THR A 1 18  ? 12.585  -2.812  11.955  1.00 18.99 ? 16  THR A CB  1 
ATOM   116  O OG1 . THR A 1 18  ? 13.908  -3.355  11.989  1.00 22.11 ? 16  THR A OG1 1 
ATOM   117  C CG2 . THR A 1 18  ? 11.975  -2.826  13.350  1.00 19.63 ? 16  THR A CG2 1 
ATOM   118  N N   . ILE A 1 19  ? 11.940  -2.511  8.860   1.00 10.32 ? 17  ILE A N   1 
ATOM   119  C CA  . ILE A 1 19  ? 12.424  -2.265  7.503   1.00 11.09 ? 17  ILE A CA  1 
ATOM   120  C C   . ILE A 1 19  ? 13.093  -0.899  7.511   1.00 11.64 ? 17  ILE A C   1 
ATOM   121  O O   . ILE A 1 19  ? 12.412  0.131   7.481   1.00 13.77 ? 17  ILE A O   1 
ATOM   122  C CB  . ILE A 1 19  ? 11.296  -2.327  6.475   1.00 12.76 ? 17  ILE A CB  1 
ATOM   123  C CG1 . ILE A 1 19  ? 10.698  -3.733  6.474   1.00 14.91 ? 17  ILE A CG1 1 
ATOM   124  C CG2 . ILE A 1 19  ? 11.805  -1.956  5.083   1.00 15.15 ? 17  ILE A CG2 1 
ATOM   125  C CD1 . ILE A 1 19  ? 9.402   -3.831  5.743   1.00 17.30 ? 17  ILE A CD1 1 
ATOM   126  N N   . SER A 1 20  ? 14.422  -0.876  7.586   1.00 11.14 ? 18  SER A N   1 
ATOM   127  C CA  . SER A 1 20  ? 15.151  0.380   7.700   1.00 11.59 ? 18  SER A CA  1 
ATOM   128  C C   . SER A 1 20  ? 15.724  0.869   6.379   1.00 10.57 ? 18  SER A C   1 
ATOM   129  O O   . SER A 1 20  ? 16.223  1.995   6.322   1.00 11.05 ? 18  SER A O   1 
ATOM   130  C CB  . SER A 1 20  ? 16.293  0.264   8.716   1.00 13.46 ? 18  SER A CB  1 
ATOM   131  O OG  . SER A 1 20  ? 17.245  -0.685  8.285   1.00 17.57 ? 18  SER A OG  1 
ATOM   132  N N   . GLN A 1 21  ? 15.678  0.053   5.333   1.00 10.28 ? 19  GLN A N   1 
ATOM   133  C CA  . GLN A 1 21  ? 16.199  0.424   4.025   1.00 10.01 ? 19  GLN A CA  1 
ATOM   134  C C   . GLN A 1 21  ? 15.199  -0.008  2.960   1.00 9.21  ? 19  GLN A C   1 
ATOM   135  O O   . GLN A 1 21  ? 14.408  -0.932  3.178   1.00 9.46  ? 19  GLN A O   1 
ATOM   136  C CB  . GLN A 1 21  ? 17.573  -0.214  3.778   1.00 11.89 ? 19  GLN A CB  1 
ATOM   137  C CG  . GLN A 1 21  ? 18.609  0.157   4.827   1.00 12.20 ? 19  GLN A CG  1 
ATOM   138  C CD  . GLN A 1 21  ? 19.994  -0.294  4.447   1.00 16.63 ? 19  GLN A CD  1 
ATOM   139  O OE1 . GLN A 1 21  ? 20.521  0.112   3.417   1.00 12.88 ? 19  GLN A OE1 1 
ATOM   140  N NE2 . GLN A 1 21  ? 20.597  -1.136  5.278   1.00 19.45 ? 19  GLN A NE2 1 
ATOM   141  N N   . ASP A 1 22  ? 15.220  0.686   1.820   1.00 9.06  ? 20  ASP A N   1 
ATOM   142  C CA  . ASP A 1 22  ? 14.262  0.396   0.759   1.00 8.63  ? 20  ASP A CA  1 
ATOM   143  C C   . ASP A 1 22  ? 14.345  -1.071  0.363   1.00 9.19  ? 20  ASP A C   1 
ATOM   144  O O   . ASP A 1 22  ? 15.436  -1.632  0.231   1.00 9.28  ? 20  ASP A O   1 
ATOM   145  C CB  . ASP A 1 22  ? 14.538  1.252   -0.477  1.00 9.31  ? 20  ASP A CB  1 
ATOM   146  C CG  . ASP A 1 22  ? 14.279  2.724   -0.252  1.00 9.55  ? 20  ASP A CG  1 
ATOM   147  O OD1 . ASP A 1 22  ? 13.833  3.107   0.855   1.00 10.48 ? 20  ASP A OD1 1 
ATOM   148  O OD2 . ASP A 1 22  ? 14.524  3.506   -1.199  1.00 10.96 ? 20  ASP A OD2 1 
ATOM   149  N N   . THR A 1 23  ? 13.183  -1.689  0.155   1.00 9.51  ? 21  THR A N   1 
ATOM   150  C CA  . THR A 1 23  ? 13.068  -3.142  0.040   1.00 12.80 ? 21  THR A CA  1 
ATOM   151  C C   . THR A 1 23  ? 12.083  -3.511  -1.061  1.00 10.43 ? 21  THR A C   1 
ATOM   152  O O   . THR A 1 23  ? 10.979  -2.961  -1.108  1.00 12.15 ? 21  THR A O   1 
ATOM   153  C CB  . THR A 1 23  ? 12.591  -3.716  1.385   1.00 14.18 ? 21  THR A CB  1 
ATOM   154  O OG1 . THR A 1 23  ? 13.557  -3.408  2.403   1.00 14.48 ? 21  THR A OG1 1 
ATOM   155  C CG2 . THR A 1 23  ? 12.371  -5.227  1.309   1.00 17.00 ? 21  THR A CG2 1 
ATOM   156  N N   . GLN A 1 24  ? 12.443  -4.469  -1.917  1.00 10.32 ? 22  GLN A N   1 
ATOM   157  C CA  . GLN A 1 24  ? 11.506  -4.952  -2.918  1.00 11.02 ? 22  GLN A CA  1 
ATOM   158  C C   . GLN A 1 24  ? 10.672  -6.083  -2.343  1.00 10.83 ? 22  GLN A C   1 
ATOM   159  O O   . GLN A 1 24  ? 11.196  -6.973  -1.667  1.00 12.50 ? 22  GLN A O   1 
ATOM   160  C CB  . GLN A 1 24  ? 12.221  -5.514  -4.145  1.00 15.69 ? 22  GLN A CB  1 
ATOM   161  C CG  . GLN A 1 24  ? 12.224  -4.534  -5.266  1.00 15.53 ? 22  GLN A CG  1 
ATOM   162  C CD  . GLN A 1 24  ? 13.432  -3.643  -5.097  1.00 14.11 ? 22  GLN A CD  1 
ATOM   163  O OE1 . GLN A 1 24  ? 14.530  -4.139  -4.831  1.00 15.34 ? 22  GLN A OE1 1 
ATOM   164  N NE2 . GLN A 1 24  ? 13.225  -2.338  -5.117  1.00 13.24 ? 22  GLN A NE2 1 
ATOM   165  N N   . ILE A 1 25  ? 9.377   -6.047  -2.627  1.00 9.68  ? 23  ILE A N   1 
ATOM   166  C CA  . ILE A 1 25  ? 8.470   -7.159  -2.376  1.00 10.25 ? 23  ILE A CA  1 
ATOM   167  C C   . ILE A 1 25  ? 7.764   -7.426  -3.704  1.00 9.80  ? 23  ILE A C   1 
ATOM   168  O O   . ILE A 1 25  ? 6.854   -6.689  -4.104  1.00 9.67  ? 23  ILE A O   1 
ATOM   169  C CB  . ILE A 1 25  ? 7.492   -6.895  -1.223  1.00 11.28 ? 23  ILE A CB  1 
ATOM   170  C CG1 . ILE A 1 25  ? 6.996   -5.446  -1.209  1.00 11.87 ? 23  ILE A CG1 1 
ATOM   171  C CG2 . ILE A 1 25  ? 8.175   -7.202  0.112   1.00 12.90 ? 23  ILE A CG2 1 
ATOM   172  C CD1 . ILE A 1 25  ? 5.728   -5.245  -0.372  1.00 13.80 ? 23  ILE A CD1 1 
ATOM   173  N N   . GLY A 1 26  ? 8.213   -8.457  -4.412  1.00 11.15 ? 24  GLY A N   1 
ATOM   174  C CA  . GLY A 1 26  ? 7.737   -8.680  -5.770  1.00 11.28 ? 24  GLY A CA  1 
ATOM   175  C C   . GLY A 1 26  ? 8.067   -7.489  -6.642  1.00 11.00 ? 24  GLY A C   1 
ATOM   176  O O   . GLY A 1 26  ? 9.210   -7.019  -6.686  1.00 12.30 ? 24  GLY A O   1 
ATOM   177  N N   . ASP A 1 27  ? 7.052   -6.962  -7.311  1.00 10.30 ? 25  ASP A N   1 
ATOM   178  C CA  . ASP A 1 27  ? 7.192   -5.809  -8.186  1.00 10.74 ? 25  ASP A CA  1 
ATOM   179  C C   . ASP A 1 27  ? 7.018   -4.492  -7.444  1.00 10.69 ? 25  ASP A C   1 
ATOM   180  O O   . ASP A 1 27  ? 7.183   -3.428  -8.046  1.00 10.61 ? 25  ASP A O   1 
ATOM   181  C CB  . ASP A 1 27  ? 6.184   -5.925  -9.339  1.00 14.36 ? 25  ASP A CB  1 
ATOM   182  C CG  . ASP A 1 27  ? 6.523   -7.057  -10.297 1.00 18.38 ? 25  ASP A CG  1 
ATOM   183  O OD1 . ASP A 1 27  ? 7.722   -7.302  -10.532 1.00 19.29 ? 25  ASP A OD1 1 
ATOM   184  O OD2 . ASP A 1 27  ? 5.591   -7.730  -10.791 1.00 20.83 ? 25  ASP A OD2 1 
ATOM   185  N N   . PHE A 1 28  ? 6.693   -4.540  -6.160  1.00 9.60  ? 26  PHE A N   1 
ATOM   186  C CA  . PHE A 1 28  ? 6.476   -3.350  -5.352  1.00 8.74  ? 26  PHE A CA  1 
ATOM   187  C C   . PHE A 1 28  ? 7.725   -3.034  -4.549  1.00 8.95  ? 26  PHE A C   1 
ATOM   188  O O   . PHE A 1 28  ? 8.511   -3.927  -4.214  1.00 9.96  ? 26  PHE A O   1 
ATOM   189  C CB  . PHE A 1 28  ? 5.278   -3.541  -4.414  1.00 9.08  ? 26  PHE A CB  1 
ATOM   190  C CG  . PHE A 1 28  ? 4.014   -3.890  -5.141  1.00 8.27  ? 26  PHE A CG  1 
ATOM   191  C CD1 . PHE A 1 28  ? 3.692   -5.203  -5.426  1.00 9.77  ? 26  PHE A CD1 1 
ATOM   192  C CD2 . PHE A 1 28  ? 3.183   -2.888  -5.603  1.00 8.61  ? 26  PHE A CD2 1 
ATOM   193  C CE1 . PHE A 1 28  ? 2.528   -5.505  -6.130  1.00 11.08 ? 26  PHE A CE1 1 
ATOM   194  C CE2 . PHE A 1 28  ? 2.023   -3.186  -6.304  1.00 9.67  ? 26  PHE A CE2 1 
ATOM   195  C CZ  . PHE A 1 28  ? 1.702   -4.494  -6.568  1.00 10.61 ? 26  PHE A CZ  1 
ATOM   196  N N   . SER A 1 29  ? 7.896   -1.759  -4.211  1.00 8.62  ? 27  SER A N   1 
ATOM   197  C CA  . SER A 1 29  ? 9.033   -1.339  -3.403  1.00 8.24  ? 27  SER A CA  1 
ATOM   198  C C   . SER A 1 29  ? 8.556   -0.595  -2.166  1.00 9.71  ? 27  SER A C   1 
ATOM   199  O O   . SER A 1 29  ? 7.725   0.316   -2.257  1.00 10.80 ? 27  SER A O   1 
ATOM   200  C CB  . SER A 1 29  ? 9.977   -0.442  -4.200  1.00 9.93  ? 27  SER A CB  1 
ATOM   201  O OG  . SER A 1 29  ? 10.537  -1.134  -5.302  1.00 11.58 ? 27  SER A OG  1 
ATOM   202  N N   . ILE A 1 30  ? 9.082   -0.982  -1.017  1.00 8.31  ? 28  ILE A N   1 
ATOM   203  C CA  . ILE A 1 30  ? 8.826   -0.275  0.230   1.00 8.43  ? 28  ILE A CA  1 
ATOM   204  C C   . ILE A 1 30  ? 9.909   0.781   0.389   1.00 8.01  ? 28  ILE A C   1 
ATOM   205  O O   . ILE A 1 30  ? 11.109  0.464   0.363   1.00 9.50  ? 28  ILE A O   1 
ATOM   206  C CB  . ILE A 1 30  ? 8.813   -1.242  1.423   1.00 8.42  ? 28  ILE A CB  1 
ATOM   207  C CG1 . ILE A 1 30  ? 7.696   -2.270  1.266   1.00 9.10  ? 28  ILE A CG1 1 
ATOM   208  C CG2 . ILE A 1 30  ? 8.604   -0.486  2.722   1.00 10.52 ? 28  ILE A CG2 1 
ATOM   209  C CD1 . ILE A 1 30  ? 7.892   -3.492  2.146   1.00 9.73  ? 28  ILE A CD1 1 
ATOM   210  N N   . ILE A 1 31  ? 9.491   2.033   0.512   1.00 7.81  ? 29  ILE A N   1 
ATOM   211  C CA  . ILE A 1 31  ? 10.395  3.165   0.675   1.00 9.13  ? 29  ILE A CA  1 
ATOM   212  C C   . ILE A 1 31  ? 10.513  3.424   2.171   1.00 8.04  ? 29  ILE A C   1 
ATOM   213  O O   . ILE A 1 31  ? 9.556   3.871   2.809   1.00 8.52  ? 29  ILE A O   1 
ATOM   214  C CB  . ILE A 1 31  ? 9.884   4.406   -0.075  1.00 9.07  ? 29  ILE A CB  1 
ATOM   215  C CG1 . ILE A 1 31  ? 9.567   4.084   -1.541  1.00 10.34 ? 29  ILE A CG1 1 
ATOM   216  C CG2 . ILE A 1 31  ? 10.905  5.543   0.045   1.00 11.24 ? 29  ILE A CG2 1 
ATOM   217  C CD1 . ILE A 1 31  ? 10.716  3.429   -2.294  1.00 11.32 ? 29  ILE A CD1 1 
ATOM   218  N N   . ALA A 1 32  ? 11.671  3.105   2.738   1.00 8.46  ? 30  ALA A N   1 
ATOM   219  C CA  . ALA A 1 32  ? 11.886  3.166   4.176   1.00 8.83  ? 30  ALA A CA  1 
ATOM   220  C C   . ALA A 1 32  ? 11.774  4.598   4.695   1.00 8.48  ? 30  ALA A C   1 
ATOM   221  O O   . ALA A 1 32  ? 11.894  5.572   3.947   1.00 9.31  ? 30  ALA A O   1 
ATOM   222  C CB  . ALA A 1 32  ? 13.261  2.599   4.524   1.00 9.85  ? 30  ALA A CB  1 
ATOM   223  N N   . ALA A 1 33  ? 11.542  4.715   6.001   1.00 9.29  ? 31  ALA A N   1 
ATOM   224  C CA  . ALA A 1 33  ? 11.440  6.030   6.616   1.00 10.22 ? 31  ALA A CA  1 
ATOM   225  C C   . ALA A 1 33  ? 12.769  6.766   6.546   1.00 10.82 ? 31  ALA A C   1 
ATOM   226  O O   . ALA A 1 33  ? 13.836  6.189   6.769   1.00 12.04 ? 31  ALA A O   1 
ATOM   227  C CB  . ALA A 1 33  ? 11.021  5.916   8.083   1.00 10.90 ? 31  ALA A CB  1 
ATOM   228  N N   . THR A 1 34  ? 12.688  8.056   6.257   1.00 11.29 ? 32  THR A N   1 
ATOM   229  C CA  . THR A 1 34  ? 13.838  8.944   6.310   1.00 12.32 ? 32  THR A CA  1 
ATOM   230  C C   . THR A 1 34  ? 13.638  10.058  7.321   1.00 17.79 ? 32  THR A C   1 
ATOM   231  O O   . THR A 1 34  ? 14.495  10.944  7.416   1.00 18.60 ? 32  THR A O   1 
ATOM   232  C CB  . THR A 1 34  ? 14.111  9.555   4.930   1.00 14.13 ? 32  THR A CB  1 
ATOM   233  O OG1 . THR A 1 34  ? 12.928  10.211  4.454   1.00 15.86 ? 32  THR A OG1 1 
ATOM   234  C CG2 . THR A 1 34  ? 14.528  8.476   3.931   1.00 13.89 ? 32  THR A CG2 1 
ATOM   235  N N   . ASP A 1 35  ? 12.539  10.043  8.077   1.00 12.90 ? 33  ASP A N   1 
ATOM   236  C CA  . ASP A 1 35  ? 12.185  11.145  8.964   1.00 15.50 ? 33  ASP A CA  1 
ATOM   237  C C   . ASP A 1 35  ? 12.703  10.980  10.389  1.00 15.34 ? 33  ASP A C   1 
ATOM   238  O O   . ASP A 1 35  ? 12.431  11.842  11.234  1.00 18.91 ? 33  ASP A O   1 
ATOM   239  C CB  . ASP A 1 35  ? 10.662  11.376  8.961   1.00 14.82 ? 33  ASP A CB  1 
ATOM   240  C CG  . ASP A 1 35  ? 9.868   10.139  9.370   1.00 11.22 ? 33  ASP A CG  1 
ATOM   241  O OD1 . ASP A 1 35  ? 10.417  9.262   10.066  1.00 11.70 ? 33  ASP A OD1 1 
ATOM   242  O OD2 . ASP A 1 35  ? 8.675   10.063  9.019   1.00 12.67 ? 33  ASP A OD2 1 
ATOM   243  N N   . GLY A 1 36  ? 13.420  9.900   10.680  1.00 15.24 ? 34  GLY A N   1 
ATOM   244  C CA  . GLY A 1 36  ? 13.962  9.662   12.000  1.00 17.77 ? 34  GLY A CA  1 
ATOM   245  C C   . GLY A 1 36  ? 12.991  9.097   13.017  1.00 20.35 ? 34  GLY A C   1 
ATOM   246  O O   . GLY A 1 36  ? 13.400  8.836   14.157  1.00 21.23 ? 34  GLY A O   1 
ATOM   247  N N   . ASN A 1 37  ? 11.724  8.888   12.654  1.00 16.56 ? 35  ASN A N   1 
ATOM   248  C CA  . ASN A 1 37  ? 10.738  8.400   13.604  1.00 16.83 ? 35  ASN A CA  1 
ATOM   249  C C   . ASN A 1 37  ? 10.644  6.875   13.512  1.00 14.49 ? 35  ASN A C   1 
ATOM   250  O O   . ASN A 1 37  ? 11.385  6.236   12.761  1.00 16.42 ? 35  ASN A O   1 
ATOM   251  C CB  . ASN A 1 37  ? 9.394   9.086   13.370  1.00 17.03 ? 35  ASN A CB  1 
ATOM   252  C CG  . ASN A 1 37  ? 9.428   10.562  13.729  1.00 22.67 ? 35  ASN A CG  1 
ATOM   253  O OD1 . ASN A 1 37  ? 10.122  10.973  14.659  1.00 26.72 ? 35  ASN A OD1 1 
ATOM   254  N ND2 . ASN A 1 37  ? 8.686   11.368  12.978  1.00 24.26 ? 35  ASN A ND2 1 
ATOM   255  N N   . THR A 1 38  ? 9.716   6.291   14.275  1.00 15.73 ? 36  THR A N   1 
ATOM   256  C CA  . THR A 1 38  ? 9.602   4.839   14.402  1.00 17.53 ? 36  THR A CA  1 
ATOM   257  C C   . THR A 1 38  ? 9.670   4.153   13.045  1.00 13.57 ? 36  THR A C   1 
ATOM   258  O O   . THR A 1 38  ? 8.901   4.470   12.134  1.00 12.05 ? 36  THR A O   1 
ATOM   259  C CB  . THR A 1 38  ? 8.272   4.484   15.072  1.00 17.87 ? 36  THR A CB  1 
ATOM   260  O OG1 . THR A 1 38  ? 8.176   5.164   16.326  1.00 22.68 ? 36  THR A OG1 1 
ATOM   261  C CG2 . THR A 1 38  ? 8.169   2.981   15.309  1.00 20.15 ? 36  THR A CG2 1 
ATOM   262  N N   . ALA A 1 39  ? 10.579  3.193   12.926  1.00 12.69 ? 37  ALA A N   1 
ATOM   263  C CA  . ALA A 1 39  ? 10.787  2.522   11.654  1.00 12.06 ? 37  ALA A CA  1 
ATOM   264  C C   . ALA A 1 39  ? 9.529   1.788   11.202  1.00 10.55 ? 37  ALA A C   1 
ATOM   265  O O   . ALA A 1 39  ? 8.737   1.290   12.011  1.00 10.55 ? 37  ALA A O   1 
ATOM   266  C CB  . ALA A 1 39  ? 11.937  1.522   11.774  1.00 16.31 ? 37  ALA A CB  1 
ATOM   267  N N   . ILE A 1 40  ? 9.359   1.725   9.881   1.00 9.04  ? 38  ILE A N   1 
ATOM   268  C CA  . ILE A 1 40  ? 8.407   0.796   9.290   1.00 9.23  ? 38  ILE A CA  1 
ATOM   269  C C   . ILE A 1 40  ? 8.700   -0.596  9.821   1.00 8.89  ? 38  ILE A C   1 
ATOM   270  O O   . ILE A 1 40  ? 9.862   -0.973  9.999   1.00 9.19  ? 38  ILE A O   1 
ATOM   271  C CB  . ILE A 1 40  ? 8.572   0.810   7.758   1.00 8.60  ? 38  ILE A CB  1 
ATOM   272  C CG1 . ILE A 1 40  ? 8.282   2.193   7.180   1.00 8.87  ? 38  ILE A CG1 1 
ATOM   273  C CG2 . ILE A 1 40  ? 7.706   -0.272  7.107   1.00 9.09  ? 38  ILE A CG2 1 
ATOM   274  C CD1 . ILE A 1 40  ? 8.527   2.260   5.681   1.00 9.83  ? 38  ILE A CD1 1 
ATOM   275  N N   . ALA A 1 41  ? 7.652   -1.378  10.074  1.00 9.25  ? 39  ALA A N   1 
ATOM   276  C CA  . ALA A 1 41  ? 7.901   -2.742  10.521  1.00 9.84  ? 39  ALA A CA  1 
ATOM   277  C C   . ALA A 1 41  ? 6.763   -3.657  10.104  1.00 8.48  ? 39  ALA A C   1 
ATOM   278  O O   . ALA A 1 41  ? 5.622   -3.216  9.943   1.00 9.52  ? 39  ALA A O   1 
ATOM   279  C CB  . ALA A 1 41  ? 8.114   -2.837  12.039  1.00 11.08 ? 39  ALA A CB  1 
ATOM   280  N N   . VAL A 1 42  ? 7.085   -4.939  9.967   1.00 8.65  ? 40  VAL A N   1 
ATOM   281  C CA  . VAL A 1 42  ? 6.119   -6.001  9.714   1.00 8.62  ? 40  VAL A CA  1 
ATOM   282  C C   . VAL A 1 42  ? 5.934   -6.788  11.007  1.00 8.11  ? 40  VAL A C   1 
ATOM   283  O O   . VAL A 1 42  ? 6.909   -7.310  11.565  1.00 9.07  ? 40  VAL A O   1 
ATOM   284  C CB  . VAL A 1 42  ? 6.606   -6.928  8.593   1.00 8.73  ? 40  VAL A CB  1 
ATOM   285  C CG1 . VAL A 1 42  ? 5.683   -8.132  8.462   1.00 9.88  ? 40  VAL A CG1 1 
ATOM   286  C CG2 . VAL A 1 42  ? 6.718   -6.158  7.293   1.00 10.13 ? 40  VAL A CG2 1 
ATOM   287  N N   . ASP A 1 43  ? 4.703   -6.876  11.494  1.00 8.17  ? 41  ASP A N   1 
ATOM   288  C CA  . ASP A 1 43  ? 4.412   -7.675  12.681  1.00 8.73  ? 41  ASP A CA  1 
ATOM   289  C C   . ASP A 1 43  ? 3.207   -8.575  12.416  1.00 8.90  ? 41  ASP A C   1 
ATOM   290  O O   . ASP A 1 43  ? 2.641   -8.597  11.313  1.00 8.44  ? 41  ASP A O   1 
ATOM   291  C CB  . ASP A 1 43  ? 4.293   -6.808  13.948  1.00 9.45  ? 41  ASP A CB  1 
ATOM   292  C CG  . ASP A 1 43  ? 3.049   -5.960  13.970  1.00 8.91  ? 41  ASP A CG  1 
ATOM   293  O OD1 . ASP A 1 43  ? 2.334   -5.906  12.947  1.00 9.89  ? 41  ASP A OD1 1 
ATOM   294  O OD2 . ASP A 1 43  ? 2.780   -5.313  15.003  1.00 10.77 ? 41  ASP A OD2 1 
ATOM   295  N N   . GLY A 1 44  ? 2.836   -9.350  13.434  1.00 9.39  ? 42  GLY A N   1 
ATOM   296  C CA  . GLY A 1 44  ? 1.748   -10.303 13.306  1.00 9.95  ? 42  GLY A CA  1 
ATOM   297  C C   . GLY A 1 44  ? 0.404   -9.670  13.598  1.00 9.36  ? 42  GLY A C   1 
ATOM   298  O O   . GLY A 1 44  ? 0.240   -8.961  14.594  1.00 10.16 ? 42  GLY A O   1 
ATOM   299  N N   . ASN A 1 45  ? -0.562  -9.932  12.717  1.00 9.85  ? 43  ASN A N   1 
ATOM   300  C CA  . ASN A 1 45  ? -1.930  -9.466  12.909  1.00 9.86  ? 43  ASN A CA  1 
ATOM   301  C C   . ASN A 1 45  ? -2.822  -10.364 12.064  1.00 10.65 ? 43  ASN A C   1 
ATOM   302  O O   . ASN A 1 45  ? -2.568  -10.549 10.873  1.00 11.58 ? 43  ASN A O   1 
ATOM   303  C CB  . ASN A 1 45  ? -2.052  -7.992  12.491  1.00 10.05 ? 43  ASN A CB  1 
ATOM   304  C CG  . ASN A 1 45  ? -3.402  -7.396  12.828  1.00 11.66 ? 43  ASN A CG  1 
ATOM   305  O OD1 . ASN A 1 45  ? -4.305  -7.358  11.988  1.00 12.43 ? 43  ASN A OD1 1 
ATOM   306  N ND2 . ASN A 1 45  ? -3.554  -6.927  14.059  1.00 15.85 ? 43  ASN A ND2 1 
ATOM   307  N N   . LYS A 1 46  ? -3.845  -10.952 12.679  1.00 11.76 ? 44  LYS A N   1 
ATOM   308  C CA  . LYS A 1 46  ? -4.712  -11.900 11.986  1.00 12.50 ? 44  LYS A CA  1 
ATOM   309  C C   . LYS A 1 46  ? -5.956  -11.205 11.459  1.00 12.50 ? 44  LYS A C   1 
ATOM   310  O O   . LYS A 1 46  ? -6.690  -10.575 12.223  1.00 13.24 ? 44  LYS A O   1 
ATOM   311  C CB  . LYS A 1 46  ? -5.118  -13.078 12.869  1.00 17.85 ? 44  LYS A CB  1 
ATOM   312  C CG  . LYS A 1 46  ? -4.001  -13.652 13.665  1.00 18.51 ? 44  LYS A CG  1 
ATOM   313  C CD  . LYS A 1 46  ? -3.554  -14.974 13.073  1.00 27.92 ? 44  LYS A CD  1 
ATOM   314  C CE  . LYS A 1 46  ? -2.427  -15.579 13.895  1.00 28.47 ? 44  LYS A CE  1 
ATOM   315  N NZ  . LYS A 1 46  ? -1.216  -15.938 13.078  1.00 18.75 ? 44  LYS A NZ  1 
ATOM   316  N N   . LYS A 1 47  ? -6.179  -11.325 10.148  1.00 10.76 ? 45  LYS A N   1 
ATOM   317  C CA  . LYS A 1 47  ? -7.380  -10.834 9.487   1.00 12.71 ? 45  LYS A CA  1 
ATOM   318  C C   . LYS A 1 47  ? -7.650  -11.733 8.295   1.00 10.95 ? 45  LYS A C   1 
ATOM   319  O O   . LYS A 1 47  ? -6.731  -12.325 7.731   1.00 13.89 ? 45  LYS A O   1 
ATOM   320  C CB  . LYS A 1 47  ? -7.211  -9.400  8.957   1.00 11.56 ? 45  LYS A CB  1 
ATOM   321  C CG  . LYS A 1 47  ? -6.914  -8.366  10.020  1.00 11.92 ? 45  LYS A CG  1 
ATOM   322  C CD  . LYS A 1 47  ? -8.154  -8.029  10.837  1.00 12.97 ? 45  LYS A CD  1 
ATOM   323  C CE  . LYS A 1 47  ? -7.890  -6.885  11.790  1.00 15.05 ? 45  LYS A CE  1 
ATOM   324  N NZ  . LYS A 1 47  ? -7.009  -7.290  12.913  1.00 21.67 ? 45  LYS A NZ  1 
ATOM   325  N N   . THR A 1 48  ? -8.917  -11.832 7.911   1.00 12.03 ? 46  THR A N   1 
ATOM   326  C CA  . THR A 1 48  ? -9.295  -12.499 6.673   1.00 11.38 ? 46  THR A CA  1 
ATOM   327  C C   . THR A 1 48  ? -9.996  -11.487 5.783   1.00 10.44 ? 46  THR A C   1 
ATOM   328  O O   . THR A 1 48  ? -10.938 -10.825 6.220   1.00 12.10 ? 46  THR A O   1 
ATOM   329  C CB  . THR A 1 48  ? -10.195 -13.704 6.956   1.00 13.13 ? 46  THR A CB  1 
ATOM   330  O OG1 . THR A 1 48  ? -9.436  -14.666 7.697   1.00 15.06 ? 46  THR A OG1 1 
ATOM   331  C CG2 . THR A 1 48  ? -10.665 -14.345 5.659   1.00 13.79 ? 46  THR A CG2 1 
ATOM   332  N N   . SER A 1 49  ? -9.516  -11.349 4.552   1.00 10.41 ? 47  SER A N   1 
ATOM   333  C CA  . SER A 1 49  ? -10.073 -10.350 3.650   1.00 10.28 ? 47  SER A CA  1 
ATOM   334  C C   . SER A 1 49  ? -11.536 -10.644 3.346   1.00 10.36 ? 47  SER A C   1 
ATOM   335  O O   . SER A 1 49  ? -11.878 -11.732 2.880   1.00 10.46 ? 47  SER A O   1 
ATOM   336  C CB  . SER A 1 49  ? -9.297  -10.354 2.342   1.00 10.03 ? 47  SER A CB  1 
ATOM   337  O OG  . SER A 1 49  ? -9.901  -9.442  1.440   1.00 10.32 ? 47  SER A OG  1 
ATOM   338  N N   . THR A 1 50  ? -12.400 -9.659  3.580   1.00 11.48 ? 48  THR A N   1 
ATOM   339  C CA  . THR A 1 50  ? -13.791 -9.806  3.160   1.00 11.95 ? 48  THR A CA  1 
ATOM   340  C C   . THR A 1 50  ? -13.953 -9.748  1.647   1.00 13.94 ? 48  THR A C   1 
ATOM   341  O O   . THR A 1 50  ? -15.020 -10.105 1.138   1.00 14.98 ? 48  THR A O   1 
ATOM   342  C CB  . THR A 1 50  ? -14.672 -8.744  3.824   1.00 15.43 ? 48  THR A CB  1 
ATOM   343  O OG1 . THR A 1 50  ? -14.257 -7.444  3.394   1.00 15.16 ? 48  THR A OG1 1 
ATOM   344  C CG2 . THR A 1 50  ? -14.578 -8.837  5.335   1.00 15.67 ? 48  THR A CG2 1 
ATOM   345  N N   . THR A 1 51  ? -12.923 -9.329  0.915   1.00 11.95 ? 49  THR A N   1 
ATOM   346  C CA  . THR A 1 51  ? -12.995 -9.254  -0.536  1.00 12.16 ? 49  THR A CA  1 
ATOM   347  C C   . THR A 1 51  ? -12.519 -10.541 -1.203  1.00 11.65 ? 49  THR A C   1 
ATOM   348  O O   . THR A 1 51  ? -13.232 -11.115 -2.033  1.00 14.34 ? 49  THR A O   1 
ATOM   349  C CB  . THR A 1 51  ? -12.200 -8.044  -1.038  1.00 13.36 ? 49  THR A CB  1 
ATOM   350  O OG1 . THR A 1 51  ? -12.778 -6.843  -0.509  1.00 12.86 ? 49  THR A OG1 1 
ATOM   351  C CG2 . THR A 1 51  ? -12.201 -7.986  -2.564  1.00 15.28 ? 49  THR A CG2 1 
ATOM   352  N N   . THR A 1 52  ? -11.331 -11.028 -0.842  1.00 13.17 ? 50  THR A N   1 
ATOM   353  C CA  . THR A 1 52  ? -10.764 -12.191 -1.510  1.00 12.96 ? 50  THR A CA  1 
ATOM   354  C C   . THR A 1 52  ? -10.826 -13.463 -0.684  1.00 12.66 ? 50  THR A C   1 
ATOM   355  O O   . THR A 1 52  ? -10.617 -14.551 -1.236  1.00 11.47 ? 50  THR A O   1 
ATOM   356  C CB  . THR A 1 52  ? -9.294  -11.937 -1.849  1.00 12.00 ? 50  THR A CB  1 
ATOM   357  O OG1 . THR A 1 52  ? -8.578  -11.755 -0.618  1.00 11.92 ? 50  THR A OG1 1 
ATOM   358  C CG2 . THR A 1 52  ? -9.142  -10.707 -2.732  1.00 16.02 ? 50  THR A CG2 1 
ATOM   359  N N   . GLY A 1 53  ? -11.086 -13.353 0.614   1.00 10.21 ? 51  GLY A N   1 
ATOM   360  C CA  . GLY A 1 53  ? -11.004 -14.496 1.483   1.00 11.21 ? 51  GLY A CA  1 
ATOM   361  C C   . GLY A 1 53  ? -9.601  -14.883 1.890   1.00 10.44 ? 51  GLY A C   1 
ATOM   362  O O   . GLY A 1 53  ? -9.440  -15.878 2.609   1.00 10.71 ? 51  GLY A O   1 
ATOM   363  N N   . ILE A 1 54  ? -8.579  -14.129 1.464   1.00 10.50 ? 52  ILE A N   1 
ATOM   364  C CA  . ILE A 1 54  ? -7.204  -14.461 1.820   1.00 11.63 ? 52  ILE A CA  1 
ATOM   365  C C   . ILE A 1 54  ? -7.017  -14.321 3.320   1.00 11.61 ? 52  ILE A C   1 
ATOM   366  O O   . ILE A 1 54  ? -7.521  -13.382 3.948   1.00 11.24 ? 52  ILE A O   1 
ATOM   367  C CB  . ILE A 1 54  ? -6.216  -13.580 1.036   1.00 11.87 ? 52  ILE A CB  1 
ATOM   368  C CG1 . ILE A 1 54  ? -6.165  -13.994 -0.433  1.00 13.70 ? 52  ILE A CG1 1 
ATOM   369  C CG2 . ILE A 1 54  ? -4.814  -13.631 1.657   1.00 15.33 ? 52  ILE A CG2 1 
ATOM   370  C CD1 . ILE A 1 54  ? -5.187  -13.177 -1.275  1.00 15.97 ? 52  ILE A CD1 1 
ATOM   371  N N   . LYS A 1 55  ? -6.307  -15.279 3.910   1.00 13.51 ? 53  LYS A N   1 
ATOM   372  C CA  . LYS A 1 55  ? -6.053  -15.297 5.351   1.00 13.48 ? 53  LYS A CA  1 
ATOM   373  C C   . LYS A 1 55  ? -4.744  -14.573 5.657   1.00 15.29 ? 53  LYS A C   1 
ATOM   374  O O   . LYS A 1 55  ? -3.662  -15.147 5.522   1.00 21.58 ? 53  LYS A O   1 
ATOM   375  C CB  . LYS A 1 55  ? -5.994  -16.735 5.853   1.00 16.70 ? 53  LYS A CB  1 
ATOM   376  C CG  . LYS A 1 55  ? -5.762  -16.848 7.354   1.00 20.64 ? 53  LYS A CG  1 
ATOM   377  C CD  . LYS A 1 55  ? -5.695  -18.303 7.806   1.00 22.02 ? 53  LYS A CD  1 
ATOM   378  C CE  . LYS A 1 55  ? -6.129  -18.466 9.256   1.00 23.86 ? 53  LYS A CE  1 
ATOM   379  N NZ  . LYS A 1 55  ? -5.237  -17.715 10.180  1.00 24.89 ? 53  LYS A NZ  1 
ATOM   380  N N   . TYR A 1 56  ? -4.845  -13.325 6.113   1.00 11.02 ? 54  TYR A N   1 
ATOM   381  C CA  . TYR A 1 56  ? -3.670  -12.530 6.460   1.00 10.02 ? 54  TYR A CA  1 
ATOM   382  C C   . TYR A 1 56  ? -3.166  -12.877 7.853   1.00 10.39 ? 54  TYR A C   1 
ATOM   383  O O   . TYR A 1 56  ? -3.950  -13.021 8.795   1.00 10.08 ? 54  TYR A O   1 
ATOM   384  C CB  . TYR A 1 56  ? -4.012  -11.039 6.464   1.00 9.18  ? 54  TYR A CB  1 
ATOM   385  C CG  . TYR A 1 56  ? -4.589  -10.482 5.180   1.00 7.95  ? 54  TYR A CG  1 
ATOM   386  C CD1 . TYR A 1 56  ? -3.993  -10.728 3.946   1.00 8.37  ? 54  TYR A CD1 1 
ATOM   387  C CD2 . TYR A 1 56  ? -5.707  -9.662  5.217   1.00 9.02  ? 54  TYR A CD2 1 
ATOM   388  C CE1 . TYR A 1 56  ? -4.525  -10.175 2.783   1.00 8.55  ? 54  TYR A CE1 1 
ATOM   389  C CE2 . TYR A 1 56  ? -6.234  -9.112  4.063   1.00 8.96  ? 54  TYR A CE2 1 
ATOM   390  C CZ  . TYR A 1 56  ? -5.640  -9.377  2.854   1.00 7.65  ? 54  TYR A CZ  1 
ATOM   391  O OH  . TYR A 1 56  ? -6.152  -8.826  1.702   1.00 8.73  ? 54  TYR A OH  1 
ATOM   392  N N   . THR A 1 57  ? -1.839  -12.946 7.990   1.00 8.75  ? 55  THR A N   1 
ATOM   393  C CA  . THR A 1 57  ? -1.208  -13.131 9.291   1.00 10.56 ? 55  THR A CA  1 
ATOM   394  C C   . THR A 1 57  ? -0.201  -12.047 9.646   1.00 9.63  ? 55  THR A C   1 
ATOM   395  O O   . THR A 1 57  ? 0.251   -12.008 10.796  1.00 9.93  ? 55  THR A O   1 
ATOM   396  C CB  . THR A 1 57  ? -0.532  -14.508 9.396   1.00 11.50 ? 55  THR A CB  1 
ATOM   397  O OG1 . THR A 1 57  ? 0.461   -14.621 8.382   1.00 12.26 ? 55  THR A OG1 1 
ATOM   398  C CG2 . THR A 1 57  ? -1.561  -15.627 9.240   1.00 14.50 ? 55  THR A CG2 1 
ATOM   399  N N   . LYS A 1 58  ? 0.169   -11.180 8.709   1.00 9.30  ? 56  LYS A N   1 
ATOM   400  C CA  . LYS A 1 58  ? 1.093   -10.092 8.988   1.00 8.60  ? 56  LYS A CA  1 
ATOM   401  C C   . LYS A 1 58  ? 0.553   -8.801  8.394   1.00 8.88  ? 56  LYS A C   1 
ATOM   402  O O   . LYS A 1 58  ? -0.282  -8.816  7.482   1.00 9.55  ? 56  LYS A O   1 
ATOM   403  C CB  . LYS A 1 58  ? 2.486   -10.371 8.415   1.00 8.87  ? 56  LYS A CB  1 
ATOM   404  C CG  . LYS A 1 58  ? 3.080   -11.697 8.859   1.00 9.54  ? 56  LYS A CG  1 
ATOM   405  C CD  . LYS A 1 58  ? 4.539   -11.764 8.489   1.00 10.97 ? 56  LYS A CD  1 
ATOM   406  C CE  . LYS A 1 58  ? 5.081   -13.181 8.626   1.00 12.16 ? 56  LYS A CE  1 
ATOM   407  N NZ  . LYS A 1 58  ? 6.564   -13.194 8.658   1.00 15.17 ? 56  LYS A NZ  1 
ATOM   408  N N   . ARG A 1 59  ? 1.061   -7.679  8.900   1.00 7.86  ? 57  ARG A N   1 
ATOM   409  C CA  . ARG A 1 59  ? 0.751   -6.369  8.345   1.00 7.46  ? 57  ARG A CA  1 
ATOM   410  C C   . ARG A 1 59  ? 2.034   -5.558  8.259   1.00 7.19  ? 57  ARG A C   1 
ATOM   411  O O   . ARG A 1 59  ? 2.978   -5.767  9.035   1.00 7.75  ? 57  ARG A O   1 
ATOM   412  C CB  . ARG A 1 59  ? -0.263  -5.631  9.225   1.00 9.30  ? 57  ARG A CB  1 
ATOM   413  C CG  . ARG A 1 59  ? 0.263   -5.406  10.615  1.00 8.24  ? 57  ARG A CG  1 
ATOM   414  C CD  . ARG A 1 59  ? -0.743  -4.811  11.562  1.00 9.54  ? 57  ARG A CD  1 
ATOM   415  N NE  . ARG A 1 59  ? -0.145  -4.787  12.890  1.00 10.75 ? 57  ARG A NE  1 
ATOM   416  C CZ  . ARG A 1 59  ? -0.742  -4.363  13.992  1.00 11.54 ? 57  ARG A CZ  1 
ATOM   417  N NH1 . ARG A 1 59  ? -1.994  -3.928  13.979  1.00 11.83 ? 57  ARG A NH1 1 
ATOM   418  N NH2 . ARG A 1 59  ? -0.065  -4.379  15.141  1.00 13.52 ? 57  ARG A NH2 1 
ATOM   419  N N   . LEU A 1 60  ? 2.055   -4.627  7.306   1.00 7.18  ? 58  LEU A N   1 
ATOM   420  C CA  . LEU A 1 60  ? 3.172   -3.719  7.083   1.00 6.90  ? 58  LEU A CA  1 
ATOM   421  C C   . LEU A 1 60  ? 2.762   -2.373  7.666   1.00 7.75  ? 58  LEU A C   1 
ATOM   422  O O   . LEU A 1 60  ? 1.868   -1.701  7.132   1.00 7.54  ? 58  LEU A O   1 
ATOM   423  C CB  . LEU A 1 60  ? 3.451   -3.597  5.587   1.00 8.24  ? 58  LEU A CB  1 
ATOM   424  C CG  . LEU A 1 60  ? 4.488   -2.556  5.180   1.00 9.01  ? 58  LEU A CG  1 
ATOM   425  C CD1 . LEU A 1 60  ? 5.883   -2.936  5.676   1.00 11.02 ? 58  LEU A CD1 1 
ATOM   426  C CD2 . LEU A 1 60  ? 4.495   -2.387  3.678   1.00 9.67  ? 58  LEU A CD2 1 
ATOM   427  N N   . LYS A 1 61  ? 3.400   -1.984  8.758   1.00 7.48  ? 59  LYS A N   1 
ATOM   428  C CA  . LYS A 1 61  ? 3.043   -0.760  9.475   1.00 7.25  ? 59  LYS A CA  1 
ATOM   429  C C   . LYS A 1 61  ? 3.894   0.364   8.898   1.00 8.04  ? 59  LYS A C   1 
ATOM   430  O O   . LYS A 1 61  ? 5.086   0.480   9.209   1.00 8.05  ? 59  LYS A O   1 
ATOM   431  C CB  . LYS A 1 61  ? 3.307   -0.940  10.966  1.00 7.60  ? 59  LYS A CB  1 
ATOM   432  C CG  . LYS A 1 61  ? 2.519   -2.072  11.624  1.00 9.47  ? 59  LYS A CG  1 
ATOM   433  C CD  . LYS A 1 61  ? 2.867   -2.235  13.116  1.00 12.89 ? 59  LYS A CD  1 
ATOM   434  C CE  . LYS A 1 61  ? 4.244   -2.874  13.278  1.00 15.45 ? 59  LYS A CE  1 
ATOM   435  N NZ  . LYS A 1 61  ? 4.695   -2.977  14.695  1.00 18.55 ? 59  LYS A NZ  1 
ATOM   436  N N   . LEU A 1 62  ? 3.300   1.188   8.028   1.00 7.45  ? 60  LEU A N   1 
ATOM   437  C CA  . LEU A 1 62  ? 4.057   2.290   7.439   1.00 7.69  ? 60  LEU A CA  1 
ATOM   438  C C   . LEU A 1 62  ? 4.465   3.315   8.492   1.00 7.66  ? 60  LEU A C   1 
ATOM   439  O O   . LEU A 1 62  ? 5.476   4.007   8.321   1.00 8.57  ? 60  LEU A O   1 
ATOM   440  C CB  . LEU A 1 62  ? 3.283   2.911   6.279   1.00 7.97  ? 60  LEU A CB  1 
ATOM   441  C CG  . LEU A 1 62  ? 3.116   1.997   5.055   1.00 7.73  ? 60  LEU A CG  1 
ATOM   442  C CD1 . LEU A 1 62  ? 2.195   2.645   4.043   1.00 9.32  ? 60  LEU A CD1 1 
ATOM   443  C CD2 . LEU A 1 62  ? 4.451   1.668   4.409   1.00 9.82  ? 60  LEU A CD2 1 
ATOM   444  N N   . ASN A 1 63  ? 3.688   3.437   9.572   1.00 7.80  ? 61  ASN A N   1 
ATOM   445  C CA  . ASN A 1 63  ? 4.109   4.058   10.821  1.00 9.51  ? 61  ASN A CA  1 
ATOM   446  C C   . ASN A 1 63  ? 4.305   5.566   10.748  1.00 9.27  ? 61  ASN A C   1 
ATOM   447  O O   . ASN A 1 63  ? 4.967   6.127   11.620  1.00 11.00 ? 61  ASN A O   1 
ATOM   448  C CB  . ASN A 1 63  ? 5.346   3.378   11.431  1.00 9.62  ? 61  ASN A CB  1 
ATOM   449  C CG  . ASN A 1 63  ? 4.992   2.220   12.362  1.00 11.12 ? 61  ASN A CG  1 
ATOM   450  O OD1 . ASN A 1 63  ? 3.889   2.163   12.907  1.00 14.26 ? 61  ASN A OD1 1 
ATOM   451  N ND2 . ASN A 1 63  ? 5.939   1.309   12.572  1.00 11.46 ? 61  ASN A ND2 1 
ATOM   452  N N   . GLY A 1 64  ? 3.724   6.260   9.773   1.00 9.04  ? 62  GLY A N   1 
ATOM   453  C CA  . GLY A 1 64  ? 3.811   7.708   9.797   1.00 9.65  ? 62  GLY A CA  1 
ATOM   454  C C   . GLY A 1 64  ? 3.396   8.389   8.515   1.00 9.22  ? 62  GLY A C   1 
ATOM   455  O O   . GLY A 1 64  ? 3.333   7.757   7.454   1.00 9.01  ? 62  GLY A O   1 
ATOM   456  N N   . THR A 1 65  ? 3.115   9.688   8.608   1.00 9.90  ? 63  THR A N   1 
ATOM   457  C CA  . THR A 1 65  ? 2.873   10.490  7.418   1.00 9.70  ? 63  THR A CA  1 
ATOM   458  C C   . THR A 1 65  ? 4.036   10.322  6.459   1.00 9.84  ? 63  THR A C   1 
ATOM   459  O O   . THR A 1 65  ? 5.203   10.418  6.856   1.00 10.73 ? 63  THR A O   1 
ATOM   460  C CB  . THR A 1 65  ? 2.737   11.956  7.820   1.00 10.51 ? 63  THR A CB  1 
ATOM   461  O OG1 . THR A 1 65  ? 1.661   12.072  8.760   1.00 12.18 ? 63  THR A OG1 1 
ATOM   462  C CG2 . THR A 1 65  ? 2.468   12.828  6.604   1.00 12.00 ? 63  THR A CG2 1 
ATOM   463  N N   . GLY A 1 66  ? 3.719   10.032  5.201   1.00 10.10 ? 64  GLY A N   1 
ATOM   464  C CA  . GLY A 1 66  ? 4.722   9.739   4.208   1.00 10.55 ? 64  GLY A CA  1 
ATOM   465  C C   . GLY A 1 66  ? 4.779   10.751  3.077   1.00 10.06 ? 64  GLY A C   1 
ATOM   466  O O   . GLY A 1 66  ? 4.070   11.760  3.057   1.00 10.84 ? 64  GLY A O   1 
ATOM   467  N N   . ASN A 1 67  ? 5.666   10.456  2.140   1.00 9.69  ? 65  ASN A N   1 
ATOM   468  C CA  . ASN A 1 67  ? 5.759   11.114  0.844   1.00 10.81 ? 65  ASN A CA  1 
ATOM   469  C C   . ASN A 1 67  ? 6.514   10.157  -0.070  1.00 10.83 ? 65  ASN A C   1 
ATOM   470  O O   . ASN A 1 67  ? 6.807   9.023   0.312   1.00 9.99  ? 65  ASN A O   1 
ATOM   471  C CB  . ASN A 1 67  ? 6.393   12.506  0.954   1.00 11.36 ? 65  ASN A CB  1 
ATOM   472  C CG  . ASN A 1 67  ? 7.763   12.473  1.592   1.00 12.33 ? 65  ASN A CG  1 
ATOM   473  O OD1 . ASN A 1 67  ? 8.626   11.713  1.183   1.00 12.74 ? 65  ASN A OD1 1 
ATOM   474  N ND2 . ASN A 1 67  ? 7.974   13.317  2.599   1.00 17.54 ? 65  ASN A ND2 1 
ATOM   475  N N   . GLN A 1 68  ? 6.865   10.618  -1.271  1.00 10.60 ? 66  GLN A N   1 
ATOM   476  C CA  . GLN A 1 68  ? 7.496   9.732   -2.242  1.00 10.84 ? 66  GLN A CA  1 
ATOM   477  C C   . GLN A 1 68  ? 8.821   9.161   -1.756  1.00 11.17 ? 66  GLN A C   1 
ATOM   478  O O   . GLN A 1 68  ? 9.235   8.101   -2.234  1.00 12.40 ? 66  GLN A O   1 
ATOM   479  C CB  . GLN A 1 68  ? 7.710   10.472  -3.564  1.00 11.26 ? 66  GLN A CB  1 
ATOM   480  C CG  . GLN A 1 68  ? 6.413   10.704  -4.324  1.00 12.90 ? 66  GLN A CG  1 
ATOM   481  C CD  . GLN A 1 68  ? 6.549   11.708  -5.446  1.00 15.45 ? 66  GLN A CD  1 
ATOM   482  O OE1 . GLN A 1 68  ? 6.495   11.354  -6.619  1.00 17.60 ? 66  GLN A OE1 1 
ATOM   483  N NE2 . GLN A 1 68  ? 6.722   12.968  -5.091  1.00 19.86 ? 66  GLN A NE2 1 
ATOM   484  N N   . THR A 1 69  ? 9.496   9.830   -0.825  1.00 10.82 ? 67  THR A N   1 
ATOM   485  C CA  . THR A 1 69  ? 10.794  9.366   -0.349  1.00 12.06 ? 67  THR A CA  1 
ATOM   486  C C   . THR A 1 69  ? 10.773  8.984   1.124   1.00 11.56 ? 67  THR A C   1 
ATOM   487  O O   . THR A 1 69  ? 11.832  8.914   1.751   1.00 12.74 ? 67  THR A O   1 
ATOM   488  C CB  . THR A 1 69  ? 11.899  10.385  -0.644  1.00 14.85 ? 67  THR A CB  1 
ATOM   489  O OG1 . THR A 1 69  ? 11.524  11.666  -0.129  1.00 17.09 ? 67  THR A OG1 1 
ATOM   490  C CG2 . THR A 1 69  ? 12.144  10.488  -2.146  1.00 18.02 ? 67  THR A CG2 1 
ATOM   491  N N   . ASN A 1 70  ? 9.596   8.704   1.685   1.00 10.24 ? 68  ASN A N   1 
ATOM   492  C CA  . ASN A 1 70  ? 9.487   8.441   3.119   1.00 9.64  ? 68  ASN A CA  1 
ATOM   493  C C   . ASN A 1 70  ? 8.199   7.663   3.376   1.00 9.09  ? 68  ASN A C   1 
ATOM   494  O O   . ASN A 1 70  ? 7.105   8.215   3.226   1.00 9.73  ? 68  ASN A O   1 
ATOM   495  C CB  . ASN A 1 70  ? 9.501   9.765   3.888   1.00 11.59 ? 68  ASN A CB  1 
ATOM   496  C CG  . ASN A 1 70  ? 9.366   9.582   5.389   1.00 10.79 ? 68  ASN A CG  1 
ATOM   497  O OD1 . ASN A 1 70  ? 10.080  8.789   6.000   1.00 11.39 ? 68  ASN A OD1 1 
ATOM   498  N ND2 . ASN A 1 70  ? 8.451   10.327  5.994   1.00 12.00 ? 68  ASN A ND2 1 
ATOM   499  N N   . ARG A 1 71  ? 8.321   6.392   3.763   1.00 8.02  ? 69  ARG A N   1 
ATOM   500  C CA  . ARG A 1 71  ? 7.157   5.593   4.188   1.00 8.21  ? 69  ARG A CA  1 
ATOM   501  C C   . ARG A 1 71  ? 6.124   5.439   3.063   1.00 7.75  ? 69  ARG A C   1 
ATOM   502  O O   . ARG A 1 71  ? 4.939   5.760   3.219   1.00 8.98  ? 69  ARG A O   1 
ATOM   503  C CB  . ARG A 1 71  ? 6.501   6.163   5.453   1.00 8.49  ? 69  ARG A CB  1 
ATOM   504  C CG  . ARG A 1 71  ? 7.463   6.393   6.598   1.00 8.80  ? 69  ARG A CG  1 
ATOM   505  C CD  . ARG A 1 71  ? 6.741   7.066   7.763   1.00 9.28  ? 69  ARG A CD  1 
ATOM   506  N NE  . ARG A 1 71  ? 7.647   7.395   8.858   1.00 9.14  ? 69  ARG A NE  1 
ATOM   507  C CZ  . ARG A 1 71  ? 8.076   6.511   9.746   1.00 9.18  ? 69  ARG A CZ  1 
ATOM   508  N NH1 . ARG A 1 71  ? 7.639   5.260   9.744   1.00 9.77  ? 69  ARG A NH1 1 
ATOM   509  N NH2 . ARG A 1 71  ? 8.974   6.885   10.656  1.00 9.56  ? 69  ARG A NH2 1 
ATOM   510  N N   . ALA A 1 72  ? 6.576   4.901   1.939   1.00 8.03  ? 70  ALA A N   1 
ATOM   511  C CA  . ALA A 1 72  ? 5.724   4.781   0.768   1.00 8.39  ? 70  ALA A CA  1 
ATOM   512  C C   . ALA A 1 72  ? 5.852   3.389   0.180   1.00 7.99  ? 70  ALA A C   1 
ATOM   513  O O   . ALA A 1 72  ? 6.787   2.641   0.482   1.00 8.96  ? 70  ALA A O   1 
ATOM   514  C CB  . ALA A 1 72  ? 6.092   5.825   -0.289  1.00 8.61  ? 70  ALA A CB  1 
ATOM   515  N N   . ILE A 1 73  ? 4.917   3.063   -0.704  1.00 8.42  ? 71  ILE A N   1 
ATOM   516  C CA  . ILE A 1 73  ? 4.973   1.846   -1.501  1.00 8.07  ? 71  ILE A CA  1 
ATOM   517  C C   . ILE A 1 73  ? 4.933   2.277   -2.957  1.00 8.12  ? 71  ILE A C   1 
ATOM   518  O O   . ILE A 1 73  ? 4.006   2.984   -3.367  1.00 8.40  ? 71  ILE A O   1 
ATOM   519  C CB  . ILE A 1 73  ? 3.812   0.896   -1.173  1.00 9.13  ? 71  ILE A CB  1 
ATOM   520  C CG1 . ILE A 1 73  ? 3.869   0.473   0.302   1.00 9.94  ? 71  ILE A CG1 1 
ATOM   521  C CG2 . ILE A 1 73  ? 3.863   -0.321  -2.093  1.00 10.16 ? 71  ILE A CG2 1 
ATOM   522  C CD1 . ILE A 1 73  ? 2.622   -0.240  0.784   1.00 9.48  ? 71  ILE A CD1 1 
ATOM   523  N N   . LYS A 1 74  ? 5.931   1.858   -3.734  1.00 8.33  ? 72  LYS A N   1 
ATOM   524  C CA  . LYS A 1 74  ? 6.113   2.315   -5.106  1.00 8.66  ? 72  LYS A CA  1 
ATOM   525  C C   . LYS A 1 74  ? 5.944   1.155   -6.076  1.00 8.71  ? 72  LYS A C   1 
ATOM   526  O O   . LYS A 1 74  ? 6.313   0.016   -5.774  1.00 9.60  ? 72  LYS A O   1 
ATOM   527  C CB  . LYS A 1 74  ? 7.525   2.916   -5.288  1.00 9.87  ? 72  LYS A CB  1 
ATOM   528  C CG  . LYS A 1 74  ? 7.804   3.484   -6.669  1.00 10.63 ? 72  LYS A CG  1 
ATOM   529  C CD  . LYS A 1 74  ? 9.271   3.838   -6.851  1.00 14.20 ? 72  LYS A CD  1 
ATOM   530  C CE  . LYS A 1 74  ? 9.539   4.251   -8.291  1.00 16.27 ? 72  LYS A CE  1 
ATOM   531  N NZ  . LYS A 1 74  ? 10.986  4.340   -8.603  1.00 20.93 ? 72  LYS A NZ  1 
ATOM   532  N N   . PHE A 1 75  ? 5.391   1.452   -7.252  1.00 9.25  ? 73  PHE A N   1 
ATOM   533  C CA  . PHE A 1 75  ? 5.339   0.478   -8.333  1.00 8.65  ? 73  PHE A CA  1 
ATOM   534  C C   . PHE A 1 75  ? 5.381   1.221   -9.658  1.00 9.01  ? 73  PHE A C   1 
ATOM   535  O O   . PHE A 1 75  ? 5.258   2.446   -9.706  1.00 8.94  ? 73  PHE A O   1 
ATOM   536  C CB  . PHE A 1 75  ? 4.096   -0.427  -8.250  1.00 8.91  ? 73  PHE A CB  1 
ATOM   537  C CG  . PHE A 1 75  ? 2.807   0.325   -8.313  1.00 8.77  ? 73  PHE A CG  1 
ATOM   538  C CD1 . PHE A 1 75  ? 2.219   0.641   -9.532  1.00 10.29 ? 73  PHE A CD1 1 
ATOM   539  C CD2 . PHE A 1 75  ? 2.174   0.723   -7.142  1.00 8.77  ? 73  PHE A CD2 1 
ATOM   540  C CE1 . PHE A 1 75  ? 1.028   1.349   -9.578  1.00 10.41 ? 73  PHE A CE1 1 
ATOM   541  C CE2 . PHE A 1 75  ? 0.980   1.429   -7.184  1.00 10.16 ? 73  PHE A CE2 1 
ATOM   542  C CZ  . PHE A 1 75  ? 0.408   1.742   -8.407  1.00 9.96  ? 73  PHE A CZ  1 
ATOM   543  N N   . THR A 1 76  ? 5.527   0.454   -10.737 1.00 9.72  ? 74  THR A N   1 
ATOM   544  C CA  . THR A 1 76  ? 5.551   0.991   -12.093 1.00 9.96  ? 74  THR A CA  1 
ATOM   545  C C   . THR A 1 76  ? 4.491   0.289   -12.926 1.00 10.85 ? 74  THR A C   1 
ATOM   546  O O   . THR A 1 76  ? 4.410   -0.943  -12.919 1.00 12.12 ? 74  THR A O   1 
ATOM   547  C CB  . THR A 1 76  ? 6.920   0.771   -12.741 1.00 10.31 ? 74  THR A CB  1 
ATOM   548  O OG1 . THR A 1 76  ? 7.923   1.385   -11.927 1.00 11.83 ? 74  THR A OG1 1 
ATOM   549  C CG2 . THR A 1 76  ? 6.948   1.370   -14.152 1.00 12.53 ? 74  THR A CG2 1 
ATOM   550  N N   . ALA A 1 77  ? 3.683   1.069   -13.639 1.00 11.36 ? 75  ALA A N   1 
ATOM   551  C CA  . ALA A 1 77  ? 2.698   0.548   -14.578 1.00 12.46 ? 75  ALA A CA  1 
ATOM   552  C C   . ALA A 1 77  ? 3.147   0.864   -15.998 1.00 12.51 ? 75  ALA A C   1 
ATOM   553  O O   . ALA A 1 77  ? 3.720   1.928   -16.248 1.00 13.10 ? 75  ALA A O   1 
ATOM   554  C CB  . ALA A 1 77  ? 1.325   1.178   -14.333 1.00 13.56 ? 75  ALA A CB  1 
ATOM   555  N N   . SER A 1 78  ? 2.888   -0.049  -16.933 1.00 13.51 ? 76  SER A N   1 
ATOM   556  C CA  . SER A 1 78  ? 3.282   0.162   -18.324 1.00 14.71 ? 76  SER A CA  1 
ATOM   557  C C   . SER A 1 78  ? 2.152   0.697   -19.194 1.00 16.32 ? 76  SER A C   1 
ATOM   558  O O   . SER A 1 78  ? 2.381   0.999   -20.372 1.00 15.77 ? 76  SER A O   1 
ATOM   559  C CB  . SER A 1 78  ? 3.843   -1.132  -18.924 1.00 17.42 ? 76  SER A CB  1 
ATOM   560  O OG  . SER A 1 78  ? 2.882   -2.171  -18.860 1.00 16.57 ? 76  SER A OG  1 
ATOM   561  N N   . GLU A 1 79  ? 0.956   0.838   -18.649 1.00 14.69 ? 77  GLU A N   1 
ATOM   562  C CA  . GLU A 1 79  ? -0.234  1.315   -19.347 1.00 14.31 ? 77  GLU A CA  1 
ATOM   563  C C   . GLU A 1 79  ? -1.307  1.512   -18.277 1.00 13.54 ? 77  GLU A C   1 
ATOM   564  O O   . GLU A 1 79  ? -1.041  1.210   -17.103 1.00 13.69 ? 77  GLU A O   1 
ATOM   565  C CB  . GLU A 1 79  ? -0.626  0.324   -20.456 1.00 17.55 ? 77  GLU A CB  1 
ATOM   566  C CG  . GLU A 1 79  ? -1.210  -0.993  -19.988 1.00 15.77 ? 77  GLU A CG  1 
ATOM   567  C CD  . GLU A 1 79  ? -1.662  -1.855  -21.158 1.00 19.46 ? 77  GLU A CD  1 
ATOM   568  O OE1 . GLU A 1 79  ? -0.823  -2.583  -21.732 1.00 19.08 ? 77  GLU A OE1 1 
ATOM   569  O OE2 . GLU A 1 79  ? -2.853  -1.780  -21.515 1.00 23.77 ? 77  GLU A OE2 1 
ATOM   570  N N   . PRO A 1 80  ? -2.488  2.049   -18.591 1.00 12.88 ? 78  PRO A N   1 
ATOM   571  C CA  . PRO A 1 80  ? -3.488  2.253   -17.535 1.00 14.76 ? 78  PRO A CA  1 
ATOM   572  C C   . PRO A 1 80  ? -3.798  0.946   -16.821 1.00 13.29 ? 78  PRO A C   1 
ATOM   573  O O   . PRO A 1 80  ? -3.785  -0.131  -17.417 1.00 12.58 ? 78  PRO A O   1 
ATOM   574  C CB  . PRO A 1 80  ? -4.708  2.788   -18.289 1.00 13.87 ? 78  PRO A CB  1 
ATOM   575  C CG  . PRO A 1 80  ? -4.138  3.437   -19.514 1.00 15.86 ? 78  PRO A CG  1 
ATOM   576  C CD  . PRO A 1 80  ? -2.921  2.642   -19.876 1.00 15.82 ? 78  PRO A CD  1 
ATOM   577  N N   . ALA A 1 81  ? -4.052  1.048   -15.522 1.00 12.16 ? 79  ALA A N   1 
ATOM   578  C CA  . ALA A 1 81  ? -4.194  -0.138  -14.696 1.00 11.20 ? 79  ALA A CA  1 
ATOM   579  C C   . ALA A 1 81  ? -5.050  0.214   -13.490 1.00 10.82 ? 79  ALA A C   1 
ATOM   580  O O   . ALA A 1 81  ? -5.563  1.327   -13.368 1.00 11.32 ? 79  ALA A O   1 
ATOM   581  C CB  . ALA A 1 81  ? -2.825  -0.677  -14.272 1.00 11.97 ? 79  ALA A CB  1 
ATOM   582  N N   . THR A 1 82  ? -5.210  -0.763  -12.596 1.00 10.76 ? 80  THR A N   1 
ATOM   583  C CA  . THR A 1 82  ? -5.876  -0.560  -11.317 1.00 10.47 ? 80  THR A CA  1 
ATOM   584  C C   . THR A 1 82  ? -4.995  -1.110  -10.209 1.00 9.76  ? 80  THR A C   1 
ATOM   585  O O   . THR A 1 82  ? -4.546  -2.258  -10.282 1.00 10.43 ? 80  THR A O   1 
ATOM   586  C CB  . THR A 1 82  ? -7.247  -1.242  -11.277 1.00 11.84 ? 80  THR A CB  1 
ATOM   587  O OG1 . THR A 1 82  ? -7.997  -0.885  -12.447 1.00 12.69 ? 80  THR A OG1 1 
ATOM   588  C CG2 . THR A 1 82  ? -8.029  -0.824  -10.019 1.00 13.63 ? 80  THR A CG2 1 
ATOM   589  N N   . PHE A 1 83  ? -4.738  -0.285  -9.199  1.00 9.51  ? 81  PHE A N   1 
ATOM   590  C CA  . PHE A 1 83  ? -3.947  -0.672  -8.041  1.00 9.01  ? 81  PHE A CA  1 
ATOM   591  C C   . PHE A 1 83  ? -4.906  -0.996  -6.910  1.00 10.87 ? 81  PHE A C   1 
ATOM   592  O O   . PHE A 1 83  ? -5.781  -0.191  -6.581  1.00 12.03 ? 81  PHE A O   1 
ATOM   593  C CB  . PHE A 1 83  ? -3.031  0.484   -7.643  1.00 9.92  ? 81  PHE A CB  1 
ATOM   594  C CG  . PHE A 1 83  ? -2.312  0.306   -6.322  1.00 9.27  ? 81  PHE A CG  1 
ATOM   595  C CD1 . PHE A 1 83  ? -1.435  -0.738  -6.124  1.00 8.78  ? 81  PHE A CD1 1 
ATOM   596  C CD2 . PHE A 1 83  ? -2.477  1.227   -5.304  1.00 9.30  ? 81  PHE A CD2 1 
ATOM   597  C CE1 . PHE A 1 83  ? -0.749  -0.879  -4.926  1.00 9.39  ? 81  PHE A CE1 1 
ATOM   598  C CE2 . PHE A 1 83  ? -1.789  1.094   -4.102  1.00 9.75  ? 81  PHE A CE2 1 
ATOM   599  C CZ  . PHE A 1 83  ? -0.929  0.035   -3.919  1.00 9.01  ? 81  PHE A CZ  1 
ATOM   600  N N   . MET A 1 84  ? -4.759  -2.179  -6.335  1.00 9.22  ? 82  MET A N   1 
ATOM   601  C CA  . MET A 1 84  ? -5.612  -2.633  -5.251  1.00 10.30 ? 82  MET A CA  1 
ATOM   602  C C   . MET A 1 84  ? -4.771  -2.778  -4.000  1.00 9.20  ? 82  MET A C   1 
ATOM   603  O O   . MET A 1 84  ? -3.691  -3.377  -4.037  1.00 10.33 ? 82  MET A O   1 
ATOM   604  C CB  . MET A 1 84  ? -6.272  -3.955  -5.625  1.00 12.45 ? 82  MET A CB  1 
ATOM   605  C CG  . MET A 1 84  ? -7.071  -3.789  -6.898  1.00 16.05 ? 82  MET A CG  1 
ATOM   606  S SD  . MET A 1 84  ? -7.772  -5.266  -7.619  1.00 22.96 ? 82  MET A SD  1 
ATOM   607  C CE  . MET A 1 84  ? -8.675  -4.514  -8.982  1.00 19.74 ? 82  MET A CE  1 
ATOM   608  N N   . ILE A 1 85  ? -5.247  -2.201  -2.904  1.00 8.57  ? 83  ILE A N   1 
ATOM   609  C CA  . ILE A 1 85  ? -4.523  -2.233  -1.639  1.00 8.65  ? 83  ILE A CA  1 
ATOM   610  C C   . ILE A 1 85  ? -5.530  -2.496  -0.532  1.00 8.86  ? 83  ILE A C   1 
ATOM   611  O O   . ILE A 1 85  ? -6.584  -1.853  -0.473  1.00 9.70  ? 83  ILE A O   1 
ATOM   612  C CB  . ILE A 1 85  ? -3.705  -0.942  -1.407  1.00 7.97  ? 83  ILE A CB  1 
ATOM   613  C CG1 . ILE A 1 85  ? -2.913  -1.033  -0.104  1.00 8.33  ? 83  ILE A CG1 1 
ATOM   614  C CG2 . ILE A 1 85  ? -4.584  0.309   -1.461  1.00 12.25 ? 83  ILE A CG2 1 
ATOM   615  C CD1 . ILE A 1 85  ? -1.893  0.079   0.077   1.00 8.94  ? 83  ILE A CD1 1 
ATOM   616  N N   . GLU A 1 86  ? -5.248  -3.483  0.306   1.00 8.17  ? 84  GLU A N   1 
ATOM   617  C CA  . GLU A 1 86  ? -6.046  -3.691  1.504   1.00 7.84  ? 84  GLU A CA  1 
ATOM   618  C C   . GLU A 1 86  ? -5.256  -3.187  2.704   1.00 7.01  ? 84  GLU A C   1 
ATOM   619  O O   . GLU A 1 86  ? -4.129  -3.636  2.949   1.00 7.72  ? 84  GLU A O   1 
ATOM   620  C CB  . GLU A 1 86  ? -6.476  -5.148  1.670   1.00 9.15  ? 84  GLU A CB  1 
ATOM   621  C CG  . GLU A 1 86  ? -7.485  -5.283  2.808   1.00 10.28 ? 84  GLU A CG  1 
ATOM   622  C CD  . GLU A 1 86  ? -8.544  -6.353  2.600   1.00 9.19  ? 84  GLU A CD  1 
ATOM   623  O OE1 . GLU A 1 86  ? -8.275  -7.377  1.943   1.00 8.94  ? 84  GLU A OE1 1 
ATOM   624  O OE2 . GLU A 1 86  ? -9.655  -6.137  3.126   1.00 11.15 ? 84  GLU A OE2 1 
ATOM   625  N N   . ALA A 1 87  ? -5.843  -2.242  3.435   1.00 8.29  ? 85  ALA A N   1 
ATOM   626  C CA  . ALA A 1 87  ? -5.142  -1.565  4.516   1.00 8.35  ? 85  ALA A CA  1 
ATOM   627  C C   . ALA A 1 87  ? -6.147  -1.073  5.548   1.00 7.81  ? 85  ALA A C   1 
ATOM   628  O O   . ALA A 1 87  ? -7.360  -1.095  5.324   1.00 8.60  ? 85  ALA A O   1 
ATOM   629  C CB  . ALA A 1 87  ? -4.287  -0.405  3.987   1.00 9.25  ? 85  ALA A CB  1 
ATOM   630  N N   . ALA A 1 88  ? -5.622  -0.612  6.678   1.00 8.64  ? 86  ALA A N   1 
ATOM   631  C CA  . ALA A 1 88  ? -6.432  -0.102  7.774   1.00 8.36  ? 86  ALA A CA  1 
ATOM   632  C C   . ALA A 1 88  ? -5.662  1.009   8.469   1.00 8.18  ? 86  ALA A C   1 
ATOM   633  O O   . ALA A 1 88  ? -4.429  1.056   8.423   1.00 8.57  ? 86  ALA A O   1 
ATOM   634  C CB  . ALA A 1 88  ? -6.763  -1.195  8.802   1.00 11.52 ? 86  ALA A CB  1 
ATOM   635  N N   . SER A 1 89  ? -6.396  1.908   9.114   1.00 7.93  ? 87  SER A N   1 
ATOM   636  C CA  . SER A 1 89  ? -5.754  2.859   10.006  1.00 8.68  ? 87  SER A CA  1 
ATOM   637  C C   . SER A 1 89  ? -5.045  2.115   11.131  1.00 9.59  ? 87  SER A C   1 
ATOM   638  O O   . SER A 1 89  ? -5.582  1.157   11.687  1.00 10.29 ? 87  SER A O   1 
ATOM   639  C CB  . SER A 1 89  ? -6.814  3.765   10.619  1.00 9.29  ? 87  SER A CB  1 
ATOM   640  O OG  . SER A 1 89  ? -6.209  4.576   11.608  1.00 9.82  ? 87  SER A OG  1 
ATOM   641  N N   . ALA A 1 90  ? -3.840  2.575   11.498  1.00 9.25  ? 88  ALA A N   1 
ATOM   642  C CA  . ALA A 1 90  ? -3.144  1.963   12.627  1.00 10.62 ? 88  ALA A CA  1 
ATOM   643  C C   . ALA A 1 90  ? -3.794  2.308   13.959  1.00 11.22 ? 88  ALA A C   1 
ATOM   644  O O   . ALA A 1 90  ? -3.560  1.610   14.947  1.00 12.97 ? 88  ALA A O   1 
ATOM   645  C CB  . ALA A 1 90  ? -1.669  2.368   12.641  1.00 10.28 ? 88  ALA A CB  1 
ATOM   646  N N   . ASN A 1 91  ? -4.595  3.368   14.008  1.00 10.65 ? 89  ASN A N   1 
ATOM   647  C CA  . ASN A 1 91  ? -5.337  3.784   15.191  1.00 11.82 ? 89  ASN A CA  1 
ATOM   648  C C   . ASN A 1 91  ? -6.805  3.497   14.910  1.00 12.33 ? 89  ASN A C   1 
ATOM   649  O O   . ASN A 1 91  ? -7.382  4.064   13.981  1.00 11.46 ? 89  ASN A O   1 
ATOM   650  C CB  . ASN A 1 91  ? -5.128  5.282   15.408  1.00 13.22 ? 89  ASN A CB  1 
ATOM   651  C CG  . ASN A 1 91  ? -5.826  5.810   16.648  1.00 16.09 ? 89  ASN A CG  1 
ATOM   652  O OD1 . ASN A 1 91  ? -6.862  5.299   17.071  1.00 16.37 ? 89  ASN A OD1 1 
ATOM   653  N ND2 . ASN A 1 91  ? -5.257  6.856   17.236  1.00 23.10 ? 89  ASN A ND2 1 
ATOM   654  N N   . SER A 1 92  ? -7.414  2.636   15.713  1.00 15.21 ? 90  SER A N   1 
ATOM   655  C CA  . SER A 1 92  ? -8.770  2.209   15.399  1.00 17.58 ? 90  SER A CA  1 
ATOM   656  C C   . SER A 1 92  ? -9.803  3.314   15.552  1.00 15.93 ? 90  SER A C   1 
ATOM   657  O O   . SER A 1 92  ? -10.918 3.181   15.033  1.00 16.35 ? 90  SER A O   1 
ATOM   658  C CB  . SER A 1 92  ? -9.153  1.056   16.296  1.00 22.17 ? 90  SER A CB  1 
ATOM   659  O OG  . SER A 1 92  ? -9.339  1.505   17.621  1.00 25.10 ? 90  SER A OG  1 
ATOM   660  N N   . SER A 1 93  ? -9.465  4.399   16.235  1.00 12.42 ? 91  SER A N   1 
ATOM   661  C CA  . SER A 1 93  ? -10.364 5.535   16.354  1.00 13.43 ? 91  SER A CA  1 
ATOM   662  C C   . SER A 1 93  ? -10.302 6.468   15.153  1.00 12.69 ? 91  SER A C   1 
ATOM   663  O O   . SER A 1 93  ? -11.187 7.317   15.008  1.00 12.86 ? 91  SER A O   1 
ATOM   664  C CB  . SER A 1 93  ? -10.011 6.340   17.610  1.00 16.91 ? 91  SER A CB  1 
ATOM   665  O OG  . SER A 1 93  ? -10.218 5.560   18.774  1.00 25.24 ? 91  SER A OG  1 
ATOM   666  N N   . ALA A 1 94  ? -9.294  6.339   14.298  1.00 11.59 ? 92  ALA A N   1 
ATOM   667  C CA  . ALA A 1 94  ? -9.009  7.331   13.273  1.00 10.65 ? 92  ALA A CA  1 
ATOM   668  C C   . ALA A 1 94  ? -9.428  6.842   11.895  1.00 12.01 ? 92  ALA A C   1 
ATOM   669  O O   . ALA A 1 94  ? -9.474  5.640   11.616  1.00 12.17 ? 92  ALA A O   1 
ATOM   670  C CB  . ALA A 1 94  ? -7.514  7.662   13.249  1.00 11.90 ? 92  ALA A CB  1 
ATOM   671  N N   . VAL A 1 95  ? -9.727  7.805   11.033  1.00 10.61 ? 93  VAL A N   1 
ATOM   672  C CA  . VAL A 1 95  ? -9.797  7.599   9.595   1.00 10.87 ? 93  VAL A CA  1 
ATOM   673  C C   . VAL A 1 95  ? -8.636  8.368   8.985   1.00 11.32 ? 93  VAL A C   1 
ATOM   674  O O   . VAL A 1 95  ? -8.449  9.555   9.282   1.00 11.51 ? 93  VAL A O   1 
ATOM   675  C CB  . VAL A 1 95  ? -11.143 8.068   9.018   1.00 11.70 ? 93  VAL A CB  1 
ATOM   676  C CG1 . VAL A 1 95  ? -11.130 7.947   7.504   1.00 11.04 ? 93  VAL A CG1 1 
ATOM   677  C CG2 . VAL A 1 95  ? -12.298 7.253   9.608   1.00 12.61 ? 93  VAL A CG2 1 
ATOM   678  N N   . ARG A 1 96  ? -7.828  7.684   8.171   1.00 10.80 ? 94  ARG A N   1 
ATOM   679  C CA  . ARG A 1 96  ? -6.617  8.267   7.612   1.00 10.89 ? 94  ARG A CA  1 
ATOM   680  C C   . ARG A 1 96  ? -6.578  8.088   6.106   1.00 9.64  ? 94  ARG A C   1 
ATOM   681  O O   . ARG A 1 96  ? -6.964  7.041   5.584   1.00 9.98  ? 94  ARG A O   1 
ATOM   682  C CB  . ARG A 1 96  ? -5.381  7.654   8.260   1.00 10.32 ? 94  ARG A CB  1 
ATOM   683  C CG  . ARG A 1 96  ? -5.282  8.066   9.720   1.00 11.59 ? 94  ARG A CG  1 
ATOM   684  C CD  . ARG A 1 96  ? -4.303  7.244   10.501  1.00 12.23 ? 94  ARG A CD  1 
ATOM   685  N NE  . ARG A 1 96  ? -4.205  7.792   11.848  1.00 10.41 ? 94  ARG A NE  1 
ATOM   686  C CZ  . ARG A 1 96  ? -3.510  7.243   12.829  1.00 12.45 ? 94  ARG A CZ  1 
ATOM   687  N NH1 . ARG A 1 96  ? -2.861  6.101   12.660  1.00 11.39 ? 94  ARG A NH1 1 
ATOM   688  N NH2 . ARG A 1 96  ? -3.472  7.852   14.011  1.00 13.95 ? 94  ARG A NH2 1 
ATOM   689  N N   . THR A 1 97  ? -6.095  9.118   5.420   1.00 10.48 ? 95  THR A N   1 
ATOM   690  C CA  . THR A 1 97  ? -6.050  9.137   3.966   1.00 11.52 ? 95  THR A CA  1 
ATOM   691  C C   . THR A 1 97  ? -4.779  8.480   3.459   1.00 8.83  ? 95  THR A C   1 
ATOM   692  O O   . THR A 1 97  ? -3.669  8.824   3.887   1.00 11.02 ? 95  THR A O   1 
ATOM   693  C CB  . THR A 1 97  ? -6.043  10.577  3.453   1.00 12.64 ? 95  THR A CB  1 
ATOM   694  O OG1 . THR A 1 97  ? -7.168  11.285  3.984   1.00 13.81 ? 95  THR A OG1 1 
ATOM   695  C CG2 . THR A 1 97  ? -6.076  10.604  1.925   1.00 13.10 ? 95  THR A CG2 1 
ATOM   696  N N   . GLY A 1 98  ? -4.944  7.559   2.517   1.00 9.13  ? 96  GLY A N   1 
ATOM   697  C CA  . GLY A 1 98  ? -3.849  7.075   1.706   1.00 9.13  ? 96  GLY A CA  1 
ATOM   698  C C   . GLY A 1 98  ? -4.008  7.614   0.294   1.00 9.25  ? 96  GLY A C   1 
ATOM   699  O O   . GLY A 1 98  ? -5.082  7.497   -0.301  1.00 10.62 ? 96  GLY A O   1 
ATOM   700  N N   . VAL A 1 99  ? -2.948  8.228   -0.216  1.00 8.79  ? 97  VAL A N   1 
ATOM   701  C CA  . VAL A 1 99  ? -2.947  8.788   -1.563  1.00 8.76  ? 97  VAL A CA  1 
ATOM   702  C C   . VAL A 1 99  ? -2.082  7.923   -2.459  1.00 8.28  ? 97  VAL A C   1 
ATOM   703  O O   . VAL A 1 99  ? -1.093  7.321   -2.020  1.00 8.80  ? 97  VAL A O   1 
ATOM   704  C CB  . VAL A 1 99  ? -2.494  10.264  -1.644  1.00 9.64  ? 97  VAL A CB  1 
ATOM   705  C CG1 . VAL A 1 99  ? -3.474  11.164  -0.919  1.00 10.03 ? 97  VAL A CG1 1 
ATOM   706  C CG2 . VAL A 1 99  ? -1.072  10.441  -1.100  1.00 10.33 ? 97  VAL A CG2 1 
ATOM   707  N N   . LEU A 1 100 ? -2.450  7.888   -3.737  1.00 8.79  ? 98  LEU A N   1 
ATOM   708  C CA  . LEU A 1 100 ? -1.614  7.361   -4.806  1.00 8.90  ? 98  LEU A CA  1 
ATOM   709  C C   . LEU A 1 100 ? -1.221  8.534   -5.693  1.00 8.86  ? 98  LEU A C   1 
ATOM   710  O O   . LEU A 1 100 ? -2.093  9.211   -6.250  1.00 8.91  ? 98  LEU A O   1 
ATOM   711  C CB  . LEU A 1 100 ? -2.373  6.312   -5.617  1.00 9.13  ? 98  LEU A CB  1 
ATOM   712  C CG  . LEU A 1 100 ? -1.519  5.575   -6.656  1.00 8.20  ? 98  LEU A CG  1 
ATOM   713  C CD1 . LEU A 1 100 ? -0.527  4.642   -5.974  1.00 10.04 ? 98  LEU A CD1 1 
ATOM   714  C CD2 . LEU A 1 100 ? -2.403  4.807   -7.634  1.00 10.43 ? 98  LEU A CD2 1 
ATOM   715  N N   . VAL A 1 101 ? 0.081   8.787   -5.809  1.00 8.77  ? 99  VAL A N   1 
ATOM   716  C CA  . VAL A 1 101 ? 0.575   9.946   -6.546  1.00 9.49  ? 99  VAL A CA  1 
ATOM   717  C C   . VAL A 1 101 ? 1.457   9.500   -7.700  1.00 9.36  ? 99  VAL A C   1 
ATOM   718  O O   . VAL A 1 101 ? 2.071   8.430   -7.670  1.00 9.60  ? 99  VAL A O   1 
ATOM   719  C CB  . VAL A 1 101 ? 1.321   10.976  -5.665  1.00 8.91  ? 99  VAL A CB  1 
ATOM   720  C CG1 . VAL A 1 101 ? 0.449   11.416  -4.505  1.00 10.59 ? 99  VAL A CG1 1 
ATOM   721  C CG2 . VAL A 1 101 ? 2.645   10.413  -5.164  1.00 10.72 ? 99  VAL A CG2 1 
ATOM   722  N N   . ASN A 1 102 ? 1.512   10.342  -8.732  1.00 9.69  ? 100 ASN A N   1 
ATOM   723  C CA  . ASN A 1 102 ? 2.388   10.137  -9.877  1.00 9.46  ? 100 ASN A CA  1 
ATOM   724  C C   . ASN A 1 102 ? 3.762   10.747  -9.586  1.00 10.40 ? 100 ASN A C   1 
ATOM   725  O O   . ASN A 1 102 ? 4.036   11.234  -8.487  1.00 10.43 ? 100 ASN A O   1 
ATOM   726  C CB  . ASN A 1 102 ? 1.756   10.690  -11.162 1.00 10.76 ? 100 ASN A CB  1 
ATOM   727  C CG  . ASN A 1 102 ? 1.478   12.183  -11.094 1.00 10.44 ? 100 ASN A CG  1 
ATOM   728  O OD1 . ASN A 1 102 ? 2.052   12.907  -10.289 1.00 11.29 ? 100 ASN A OD1 1 
ATOM   729  N ND2 . ASN A 1 102 ? 0.595   12.650  -11.978 1.00 13.22 ? 100 ASN A ND2 1 
ATOM   730  N N   . SER A 1 103 ? 4.642   10.746  -10.595 1.00 10.53 ? 101 SER A N   1 
ATOM   731  C CA  . SER A 1 103 ? 5.997   11.261  -10.399 1.00 12.37 ? 101 SER A CA  1 
ATOM   732  C C   . SER A 1 103 ? 5.998   12.732  -10.012 1.00 12.44 ? 101 SER A C   1 
ATOM   733  O O   . SER A 1 103 ? 6.875   13.175  -9.259  1.00 14.71 ? 101 SER A O   1 
ATOM   734  C CB  . SER A 1 103 ? 6.849   11.054  -11.653 1.00 16.63 ? 101 SER A CB  1 
ATOM   735  O OG  . SER A 1 103 ? 6.983   9.682   -11.965 1.00 21.10 ? 101 SER A OG  1 
ATOM   736  N N   . ALA A 1 104 ? 5.029   13.494  -10.509 1.00 12.39 ? 102 ALA A N   1 
ATOM   737  C CA  . ALA A 1 104 ? 4.917   14.909  -10.182 1.00 14.64 ? 102 ALA A CA  1 
ATOM   738  C C   . ALA A 1 104 ? 4.360   15.144  -8.784  1.00 15.01 ? 102 ALA A C   1 
ATOM   739  O O   . ALA A 1 104 ? 4.256   16.303  -8.362  1.00 16.56 ? 102 ALA A O   1 
ATOM   740  C CB  . ALA A 1 104 ? 4.047   15.625  -11.217 1.00 16.20 ? 102 ALA A CB  1 
ATOM   741  N N   . GLY A 1 105 ? 4.010   14.088  -8.053  1.00 12.62 ? 103 GLY A N   1 
ATOM   742  C CA  . GLY A 1 105 ? 3.441   14.254  -6.737  1.00 12.69 ? 103 GLY A CA  1 
ATOM   743  C C   . GLY A 1 105 ? 1.967   14.577  -6.728  1.00 11.68 ? 103 GLY A C   1 
ATOM   744  O O   . GLY A 1 105 ? 1.437   14.936  -5.673  1.00 13.54 ? 103 GLY A O   1 
ATOM   745  N N   . GLU A 1 106 ? 1.293   14.467  -7.863  1.00 11.31 ? 104 GLU A N   1 
ATOM   746  C CA  . GLU A 1 106 ? -0.129  14.760  -7.942  1.00 12.01 ? 104 GLU A CA  1 
ATOM   747  C C   . GLU A 1 106 ? -0.924  13.529  -7.538  1.00 10.94 ? 104 GLU A C   1 
ATOM   748  O O   . GLU A 1 106 ? -0.625  12.417  -7.980  1.00 10.11 ? 104 GLU A O   1 
ATOM   749  C CB  . GLU A 1 106 ? -0.492  15.133  -9.380  1.00 13.56 ? 104 GLU A CB  1 
ATOM   750  C CG  . GLU A 1 106 ? 0.193   16.390  -9.901  1.00 15.67 ? 104 GLU A CG  1 
ATOM   751  C CD  . GLU A 1 106 ? -0.044  16.614  -11.380 1.00 22.04 ? 104 GLU A CD  1 
ATOM   752  O OE1 . GLU A 1 106 ? -0.227  15.622  -12.118 1.00 20.54 ? 104 GLU A OE1 1 
ATOM   753  O OE2 . GLU A 1 106 ? -0.042  17.789  -11.809 1.00 24.68 ? 104 GLU A OE2 1 
ATOM   754  N N   . THR A 1 107 ? -1.950  13.733  -6.713  1.00 10.80 ? 105 THR A N   1 
ATOM   755  C CA  . THR A 1 107 ? -2.844  12.633  -6.383  1.00 10.00 ? 105 THR A CA  1 
ATOM   756  C C   . THR A 1 107 ? -3.605  12.215  -7.629  1.00 10.39 ? 105 THR A C   1 
ATOM   757  O O   . THR A 1 107 ? -4.277  13.047  -8.248  1.00 12.09 ? 105 THR A O   1 
ATOM   758  C CB  . THR A 1 107 ? -3.831  13.058  -5.299  1.00 9.83  ? 105 THR A CB  1 
ATOM   759  O OG1 . THR A 1 107 ? -3.099  13.440  -4.136  1.00 10.52 ? 105 THR A OG1 1 
ATOM   760  C CG2 . THR A 1 107 ? -4.767  11.904  -4.959  1.00 10.35 ? 105 THR A CG2 1 
ATOM   761  N N   . VAL A 1 108 ? -3.503  10.939  -7.996  1.00 10.00 ? 106 VAL A N   1 
ATOM   762  C CA  . VAL A 1 108 ? -4.322  10.369  -9.061  1.00 10.83 ? 106 VAL A CA  1 
ATOM   763  C C   . VAL A 1 108 ? -5.476  9.540   -8.507  1.00 11.06 ? 106 VAL A C   1 
ATOM   764  O O   . VAL A 1 108 ? -6.434  9.266   -9.246  1.00 11.71 ? 106 VAL A O   1 
ATOM   765  C CB  . VAL A 1 108 ? -3.499  9.556   -10.088 1.00 9.85  ? 106 VAL A CB  1 
ATOM   766  C CG1 . VAL A 1 108 ? -2.379  10.413  -10.674 1.00 12.18 ? 106 VAL A CG1 1 
ATOM   767  C CG2 . VAL A 1 108 ? -2.945  8.260   -9.465  1.00 11.21 ? 106 VAL A CG2 1 
ATOM   768  N N   . ALA A 1 109 ? -5.418  9.149   -7.242  1.00 10.16 ? 107 ALA A N   1 
ATOM   769  C CA  . ALA A 1 109 ? -6.447  8.357   -6.589  1.00 10.13 ? 107 ALA A CA  1 
ATOM   770  C C   . ALA A 1 109 ? -6.181  8.438   -5.097  1.00 9.02  ? 107 ALA A C   1 
ATOM   771  O O   . ALA A 1 109 ? -5.039  8.638   -4.679  1.00 9.58  ? 107 ALA A O   1 
ATOM   772  C CB  . ALA A 1 109 ? -6.393  6.896   -7.048  1.00 11.33 ? 107 ALA A CB  1 
ATOM   773  N N   . SER A 1 110 ? -7.232  8.289   -4.301  1.00 10.10 ? 108 SER A N   1 
ATOM   774  C CA  . SER A 1 110 ? -7.067  8.285   -2.852  1.00 10.29 ? 108 SER A CA  1 
ATOM   775  C C   . SER A 1 110 ? -8.102  7.372   -2.215  1.00 9.42  ? 108 SER A C   1 
ATOM   776  O O   . SER A 1 110 ? -9.078  6.961   -2.845  1.00 10.64 ? 108 SER A O   1 
ATOM   777  C CB  . SER A 1 110 ? -7.139  9.692   -2.251  1.00 10.22 ? 108 SER A CB  1 
ATOM   778  O OG  . SER A 1 110 ? -8.316  10.372  -2.656  1.00 12.21 ? 108 SER A OG  1 
ATOM   779  N N   . GLY A 1 111 ? -7.874  7.047   -0.951  1.00 9.71  ? 109 GLY A N   1 
ATOM   780  C CA  . GLY A 1 111 ? -8.847  6.286   -0.192  1.00 10.95 ? 109 GLY A CA  1 
ATOM   781  C C   . GLY A 1 111 ? -8.733  6.668   1.264   1.00 10.22 ? 109 GLY A C   1 
ATOM   782  O O   . GLY A 1 111 ? -7.724  7.230   1.697   1.00 10.46 ? 109 GLY A O   1 
ATOM   783  N N   . GLU A 1 112 ? -9.788  6.375   2.019   1.00 9.41  ? 110 GLU A N   1 
ATOM   784  C CA  . GLU A 1 112 ? -9.798  6.612   3.454   1.00 9.77  ? 110 GLU A CA  1 
ATOM   785  C C   . GLU A 1 112 ? -9.851  5.280   4.184   1.00 9.91  ? 110 GLU A C   1 
ATOM   786  O O   . GLU A 1 112 ? -10.658 4.405   3.845   1.00 11.54 ? 110 GLU A O   1 
ATOM   787  C CB  . GLU A 1 112 ? -10.943 7.539   3.849   1.00 12.93 ? 110 GLU A CB  1 
ATOM   788  C CG  . GLU A 1 112 ? -10.839 8.861   3.103   1.00 16.26 ? 110 GLU A CG  1 
ATOM   789  C CD  . GLU A 1 112 ? -11.770 9.914   3.633   1.00 12.58 ? 110 GLU A CD  1 
ATOM   790  O OE1 . GLU A 1 112 ? -11.487 10.473  4.711   1.00 13.18 ? 110 GLU A OE1 1 
ATOM   791  O OE2 . GLU A 1 112 ? -12.791 10.162  2.966   1.00 13.51 ? 110 GLU A OE2 1 
ATOM   792  N N   . PHE A 1 113 ? -8.956  5.117   5.148   1.00 8.33  ? 111 PHE A N   1 
ATOM   793  C CA  . PHE A 1 113 ? -8.737  3.852   5.827   1.00 9.63  ? 111 PHE A CA  1 
ATOM   794  C C   . PHE A 1 113 ? -9.064  4.007   7.304   1.00 8.84  ? 111 PHE A C   1 
ATOM   795  O O   . PHE A 1 113 ? -8.612  4.956   7.947   1.00 10.69 ? 111 PHE A O   1 
ATOM   796  C CB  . PHE A 1 113 ? -7.304  3.378   5.591   1.00 9.68  ? 111 PHE A CB  1 
ATOM   797  C CG  . PHE A 1 113 ? -7.000  3.164   4.134   1.00 8.65  ? 111 PHE A CG  1 
ATOM   798  C CD1 . PHE A 1 113 ? -7.257  1.935   3.549   1.00 9.80  ? 111 PHE A CD1 1 
ATOM   799  C CD2 . PHE A 1 113 ? -6.524  4.199   3.336   1.00 8.77  ? 111 PHE A CD2 1 
ATOM   800  C CE1 . PHE A 1 113 ? -7.009  1.721   2.200   1.00 9.55  ? 111 PHE A CE1 1 
ATOM   801  C CE2 . PHE A 1 113 ? -6.269  4.000   1.979   1.00 8.25  ? 111 PHE A CE2 1 
ATOM   802  C CZ  . PHE A 1 113 ? -6.512  2.754   1.410   1.00 10.10 ? 111 PHE A CZ  1 
ATOM   803  N N   . ALA A 1 114 ? -9.895  3.101   7.821   1.00 12.11 ? 112 ALA A N   1 
ATOM   804  C CA  . ALA A 1 114 ? -10.406 3.220   9.179   1.00 10.61 ? 112 ALA A CA  1 
ATOM   805  C C   . ALA A 1 114 ? -10.062 1.970   9.963   1.00 12.78 ? 112 ALA A C   1 
ATOM   806  O O   . ALA A 1 114 ? -9.114  1.265   9.616   1.00 13.15 ? 112 ALA A O   1 
ATOM   807  C CB  . ALA A 1 114 ? -11.916 3.459   9.158   1.00 16.45 ? 112 ALA A CB  1 
ATOM   808  N N   . SER A 1 115 ? -10.834 1.683   11.010  1.00 15.42 ? 113 SER A N   1 
ATOM   809  C CA  . SER A 1 115 ? -10.509 0.557   11.882  1.00 16.04 ? 113 SER A CA  1 
ATOM   810  C C   . SER A 1 115 ? -10.580 -0.763  11.125  1.00 14.04 ? 113 SER A C   1 
ATOM   811  O O   . SER A 1 115 ? -9.649  -1.576  11.176  1.00 18.06 ? 113 SER A O   1 
ATOM   812  C CB  . SER A 1 115 ? -11.443 0.551   13.094  1.00 19.99 ? 113 SER A CB  1 
ATOM   813  O OG  . SER A 1 115 ? -12.798 0.500   12.684  1.00 25.88 ? 113 SER A OG  1 
ATOM   814  N N   . GLY A 1 116 ? -11.671 -0.984  10.409  1.00 14.00 ? 114 GLY A N   1 
ATOM   815  C CA  . GLY A 1 116 ? -11.796 -2.187  9.621   1.00 16.46 ? 114 GLY A CA  1 
ATOM   816  C C   . GLY A 1 116 ? -10.971 -2.108  8.353   1.00 14.06 ? 114 GLY A C   1 
ATOM   817  O O   . GLY A 1 116 ? -10.728 -1.036  7.801   1.00 14.58 ? 114 GLY A O   1 
ATOM   818  N N   . LEU A 1 117 ? -10.540 -3.268  7.881   1.00 11.56 ? 115 LEU A N   1 
ATOM   819  C CA  . LEU A 1 117 ? -9.767  -3.297  6.647   1.00 11.09 ? 115 LEU A CA  1 
ATOM   820  C C   . LEU A 1 117 ? -10.626 -2.843  5.473   1.00 12.10 ? 115 LEU A C   1 
ATOM   821  O O   . LEU A 1 117 ? -11.824 -3.134  5.409   1.00 12.39 ? 115 LEU A O   1 
ATOM   822  C CB  . LEU A 1 117 ? -9.229  -4.707  6.398   1.00 12.41 ? 115 LEU A CB  1 
ATOM   823  C CG  . LEU A 1 117 ? -7.859  -5.012  7.016   1.00 11.28 ? 115 LEU A CG  1 
ATOM   824  C CD1 . LEU A 1 117 ? -7.893  -4.877  8.528   1.00 12.26 ? 115 LEU A CD1 1 
ATOM   825  C CD2 . LEU A 1 117 ? -7.416  -6.404  6.636   1.00 10.25 ? 115 LEU A CD2 1 
ATOM   826  N N   . THR A 1 118 ? -10.007 -2.107  4.552   1.00 11.23 ? 116 THR A N   1 
ATOM   827  C CA  . THR A 1 118 ? -10.644 -1.658  3.320   1.00 13.06 ? 116 THR A CA  1 
ATOM   828  C C   . THR A 1 118 ? -9.785  -2.104  2.150   1.00 11.29 ? 116 THR A C   1 
ATOM   829  O O   . THR A 1 118 ? -8.576  -1.852  2.136   1.00 10.96 ? 116 THR A O   1 
ATOM   830  C CB  . THR A 1 118 ? -10.764 -0.129  3.282   1.00 15.76 ? 116 THR A CB  1 
ATOM   831  O OG1 . THR A 1 118 ? -11.702 0.296   4.274   1.00 20.49 ? 116 THR A OG1 1 
ATOM   832  C CG2 . THR A 1 118 ? -11.246 0.349   1.911   1.00 19.76 ? 116 THR A CG2 1 
ATOM   833  N N   . TYR A 1 119 ? -10.404 -2.774  1.186   1.00 11.17 ? 117 TYR A N   1 
ATOM   834  C CA  . TYR A 1 119 ? -9.758  -3.180  -0.060  1.00 10.35 ? 117 TYR A CA  1 
ATOM   835  C C   . TYR A 1 119 ? -10.108 -2.088  -1.061  1.00 11.98 ? 117 TYR A C   1 
ATOM   836  O O   . TYR A 1 119 ? -11.239 -2.024  -1.553  1.00 14.47 ? 117 TYR A O   1 
ATOM   837  C CB  . TYR A 1 119 ? -10.307 -4.540  -0.485  1.00 10.96 ? 117 TYR A CB  1 
ATOM   838  C CG  . TYR A 1 119 ? -9.624  -5.234  -1.653  1.00 11.33 ? 117 TYR A CG  1 
ATOM   839  C CD1 . TYR A 1 119 ? -9.866  -4.836  -2.968  1.00 13.66 ? 117 TYR A CD1 1 
ATOM   840  C CD2 . TYR A 1 119 ? -8.781  -6.316  -1.446  1.00 12.30 ? 117 TYR A CD2 1 
ATOM   841  C CE1 . TYR A 1 119 ? -9.259  -5.492  -4.034  1.00 13.94 ? 117 TYR A CE1 1 
ATOM   842  C CE2 . TYR A 1 119 ? -8.182  -6.975  -2.495  1.00 12.13 ? 117 TYR A CE2 1 
ATOM   843  C CZ  . TYR A 1 119 ? -8.414  -6.559  -3.790  1.00 13.65 ? 117 TYR A CZ  1 
ATOM   844  O OH  . TYR A 1 119 ? -7.808  -7.225  -4.836  1.00 14.32 ? 117 TYR A OH  1 
ATOM   845  N N   . LYS A 1 120 ? -9.161  -1.203  -1.329  1.00 10.53 ? 118 LYS A N   1 
ATOM   846  C CA  . LYS A 1 120 ? -9.401  -0.019  -2.147  1.00 11.12 ? 118 LYS A CA  1 
ATOM   847  C C   . LYS A 1 120 ? -8.877  -0.231  -3.561  1.00 11.45 ? 118 LYS A C   1 
ATOM   848  O O   . LYS A 1 120 ? -7.726  -0.635  -3.744  1.00 11.87 ? 118 LYS A O   1 
ATOM   849  C CB  . LYS A 1 120 ? -8.730  1.203   -1.518  1.00 13.60 ? 118 LYS A CB  1 
ATOM   850  C CG  . LYS A 1 120 ? -9.108  2.526   -2.171  1.00 14.10 ? 118 LYS A CG  1 
ATOM   851  C CD  . LYS A 1 120 ? -10.483 3.011   -1.722  1.00 17.52 ? 118 LYS A CD  1 
ATOM   852  C CE  . LYS A 1 120 ? -10.955 4.195   -2.564  1.00 18.77 ? 118 LYS A CE  1 
ATOM   853  N NZ  . LYS A 1 120 ? -11.347 3.799   -3.946  1.00 20.86 ? 118 LYS A NZ  1 
ATOM   854  N N   . LYS A 1 121 ? -9.720  0.055   -4.552  1.00 10.56 ? 119 LYS A N   1 
ATOM   855  C CA  . LYS A 1 121 ? -9.346  0.015   -5.958  1.00 11.89 ? 119 LYS A CA  1 
ATOM   856  C C   . LYS A 1 121 ? -8.996  1.434   -6.376  1.00 14.00 ? 119 LYS A C   1 
ATOM   857  O O   . LYS A 1 121 ? -9.813  2.350   -6.226  1.00 16.56 ? 119 LYS A O   1 
ATOM   858  C CB  . LYS A 1 121 ? -10.505 -0.528  -6.797  1.00 14.77 ? 119 LYS A CB  1 
ATOM   859  C CG  . LYS A 1 121 ? -10.916 -1.938  -6.392  1.00 17.06 ? 119 LYS A CG  1 
ATOM   860  C CD  . LYS A 1 121 ? -12.060 -2.469  -7.237  1.00 25.73 ? 119 LYS A CD  1 
ATOM   861  C CE  . LYS A 1 121 ? -12.508 -3.830  -6.730  1.00 30.55 ? 119 LYS A CE  1 
ATOM   862  N NZ  . LYS A 1 121 ? -13.415 -4.520  -7.695  1.00 30.43 ? 119 LYS A NZ  1 
ATOM   863  N N   . MET A 1 122 ? -7.780  1.624   -6.869  1.00 10.89 ? 120 MET A N   1 
ATOM   864  C CA  . MET A 1 122 ? -7.235  2.950   -7.136  1.00 11.18 ? 120 MET A CA  1 
ATOM   865  C C   . MET A 1 122 ? -6.832  3.014   -8.602  1.00 12.78 ? 120 MET A C   1 
ATOM   866  O O   . MET A 1 122 ? -6.005  2.217   -9.060  1.00 11.89 ? 120 MET A O   1 
ATOM   867  C CB  . MET A 1 122 ? -6.053  3.261   -6.204  1.00 11.59 ? 120 MET A CB  1 
ATOM   868  C CG  . MET A 1 122 ? -6.318  2.952   -4.717  1.00 10.67 ? 120 MET A CG  1 
ATOM   869  S SD  . MET A 1 122 ? -5.022  3.478   -3.562  1.00 12.47 ? 120 MET A SD  1 
ATOM   870  C CE  . MET A 1 122 ? -5.404  5.222   -3.400  1.00 12.18 ? 120 MET A CE  1 
ATOM   871  N N   . THR A 1 123 ? -7.412  3.962   -9.330  1.00 12.98 ? 121 THR A N   1 
ATOM   872  C CA  . THR A 1 123 ? -7.135  4.099   -10.756 1.00 14.84 ? 121 THR A CA  1 
ATOM   873  C C   . THR A 1 123 ? -5.689  4.510   -10.999 1.00 10.81 ? 121 THR A C   1 
ATOM   874  O O   . THR A 1 123 ? -5.195  5.475   -10.405 1.00 13.11 ? 121 THR A O   1 
ATOM   875  C CB  . THR A 1 123 ? -8.043  5.170   -11.344 1.00 15.85 ? 121 THR A CB  1 
ATOM   876  O OG1 . THR A 1 123 ? -9.409  4.829   -11.086 1.00 21.32 ? 121 THR A OG1 1 
ATOM   877  C CG2 . THR A 1 123 ? -7.823  5.285   -12.852 1.00 18.23 ? 121 THR A CG2 1 
ATOM   878  N N   . VAL A 1 124 ? -5.018  3.774   -11.877 1.00 10.71 ? 122 VAL A N   1 
ATOM   879  C CA  . VAL A 1 124 ? -3.707  4.159   -12.391 1.00 11.75 ? 122 VAL A CA  1 
ATOM   880  C C   . VAL A 1 124 ? -3.954  4.670   -13.804 1.00 12.56 ? 122 VAL A C   1 
ATOM   881  O O   . VAL A 1 124 ? -4.202  3.873   -14.717 1.00 12.36 ? 122 VAL A O   1 
ATOM   882  C CB  . VAL A 1 124 ? -2.733  2.971   -12.363 1.00 9.68  ? 122 VAL A CB  1 
ATOM   883  C CG1 . VAL A 1 124 ? -1.389  3.386   -12.917 1.00 13.38 ? 122 VAL A CG1 1 
ATOM   884  C CG2 . VAL A 1 124 ? -2.581  2.434   -10.928 1.00 10.83 ? 122 VAL A CG2 1 
ATOM   885  N N   . PRO A 1 125 ? -3.916  5.984   -14.033 1.00 12.73 ? 123 PRO A N   1 
ATOM   886  C CA  . PRO A 1 125 ? -4.481  6.514   -15.282 1.00 13.89 ? 123 PRO A CA  1 
ATOM   887  C C   . PRO A 1 125 ? -3.584  6.364   -16.501 1.00 16.88 ? 123 PRO A C   1 
ATOM   888  O O   . PRO A 1 125 ? -4.082  6.513   -17.622 1.00 16.87 ? 123 PRO A O   1 
ATOM   889  C CB  . PRO A 1 125 ? -4.714  7.996   -14.961 1.00 14.53 ? 123 PRO A CB  1 
ATOM   890  C CG  . PRO A 1 125 ? -3.640  8.308   -13.963 1.00 14.70 ? 123 PRO A CG  1 
ATOM   891  C CD  . PRO A 1 125 ? -3.500  7.057   -13.115 1.00 13.73 ? 123 PRO A CD  1 
ATOM   892  N N   . GLU A 1 126 ? -2.300  6.073   -16.341 1.00 13.67 ? 124 GLU A N   1 
ATOM   893  C CA  . GLU A 1 126 ? -1.383  6.032   -17.474 1.00 15.03 ? 124 GLU A CA  1 
ATOM   894  C C   . GLU A 1 126 ? -0.100  5.352   -17.017 1.00 14.25 ? 124 GLU A C   1 
ATOM   895  O O   . GLU A 1 126 ? 0.128   5.168   -15.819 1.00 14.05 ? 124 GLU A O   1 
ATOM   896  C CB  . GLU A 1 126 ? -1.124  7.459   -17.978 1.00 17.89 ? 124 GLU A CB  1 
ATOM   897  C CG  . GLU A 1 126 ? -0.177  8.250   -17.088 1.00 19.00 ? 124 GLU A CG  1 
ATOM   898  C CD  . GLU A 1 126 ? -0.141  9.743   -17.437 1.00 29.66 ? 124 GLU A CD  1 
ATOM   899  O OE1 . GLU A 1 126 ? -1.112  10.253  -18.044 1.00 33.03 ? 124 GLU A OE1 1 
ATOM   900  O OE2 . GLU A 1 126 ? 0.857   10.408  -17.057 1.00 35.32 ? 124 GLU A OE2 1 
ATOM   901  N N   . ALA A 1 127 ? 0.736   4.982   -17.979 1.00 14.44 ? 125 ALA A N   1 
ATOM   902  C CA  . ALA A 1 127 ? 2.031   4.394   -17.663 1.00 14.28 ? 125 ALA A CA  1 
ATOM   903  C C   . ALA A 1 127 ? 2.858   5.345   -16.802 1.00 14.38 ? 125 ALA A C   1 
ATOM   904  O O   . ALA A 1 127 ? 2.759   6.570   -16.916 1.00 15.62 ? 125 ALA A O   1 
ATOM   905  C CB  . ALA A 1 127 ? 2.789   4.084   -18.953 1.00 15.68 ? 125 ALA A CB  1 
ATOM   906  N N   . GLY A 1 128 ? 3.661   4.775   -15.919 1.00 12.63 ? 126 GLY A N   1 
ATOM   907  C CA  . GLY A 1 128 ? 4.563   5.573   -15.109 1.00 13.77 ? 126 GLY A CA  1 
ATOM   908  C C   . GLY A 1 128 ? 4.764   4.968   -13.734 1.00 10.86 ? 126 GLY A C   1 
ATOM   909  O O   . GLY A 1 128 ? 4.262   3.890   -13.418 1.00 11.96 ? 126 GLY A O   1 
ATOM   910  N N   . ASP A 1 129 ? 5.531   5.693   -12.918 1.00 10.67 ? 127 ASP A N   1 
ATOM   911  C CA  . ASP A 1 129 ? 5.784   5.315   -11.533 1.00 9.82  ? 127 ASP A CA  1 
ATOM   912  C C   . ASP A 1 129 ? 4.738   5.935   -10.617 1.00 9.06  ? 127 ASP A C   1 
ATOM   913  O O   . ASP A 1 129 ? 4.305   7.070   -10.826 1.00 9.94  ? 127 ASP A O   1 
ATOM   914  C CB  . ASP A 1 129 ? 7.160   5.808   -11.087 1.00 11.21 ? 127 ASP A CB  1 
ATOM   915  C CG  . ASP A 1 129 ? 8.299   5.144   -11.834 1.00 13.61 ? 127 ASP A CG  1 
ATOM   916  O OD1 . ASP A 1 129 ? 8.145   3.998   -12.283 1.00 13.25 ? 127 ASP A OD1 1 
ATOM   917  O OD2 . ASP A 1 129 ? 9.359   5.791   -11.975 1.00 21.17 ? 127 ASP A OD2 1 
ATOM   918  N N   . TYR A 1 130 ? 4.338   5.183   -9.589  1.00 9.86  ? 128 TYR A N   1 
ATOM   919  C CA  . TYR A 1 130 ? 3.330   5.634   -8.638  1.00 8.36  ? 128 TYR A CA  1 
ATOM   920  C C   . TYR A 1 130 ? 3.764   5.281   -7.224  1.00 8.67  ? 128 TYR A C   1 
ATOM   921  O O   . TYR A 1 130 ? 4.470   4.294   -7.004  1.00 8.91  ? 128 TYR A O   1 
ATOM   922  C CB  . TYR A 1 130 ? 1.952   5.025   -8.950  1.00 8.97  ? 128 TYR A CB  1 
ATOM   923  C CG  . TYR A 1 130 ? 1.426   5.531   -10.270 1.00 8.21  ? 128 TYR A CG  1 
ATOM   924  C CD1 . TYR A 1 130 ? 1.783   4.916   -11.468 1.00 10.06 ? 128 TYR A CD1 1 
ATOM   925  C CD2 . TYR A 1 130 ? 0.613   6.643   -10.325 1.00 9.75  ? 128 TYR A CD2 1 
ATOM   926  C CE1 . TYR A 1 130 ? 1.328   5.405   -12.691 1.00 10.88 ? 128 TYR A CE1 1 
ATOM   927  C CE2 . TYR A 1 130 ? 0.146   7.133   -11.542 1.00 11.62 ? 128 TYR A CE2 1 
ATOM   928  C CZ  . TYR A 1 130 ? 0.508   6.506   -12.709 1.00 10.68 ? 128 TYR A CZ  1 
ATOM   929  O OH  . TYR A 1 130 ? 0.041   6.981   -13.917 1.00 13.12 ? 128 TYR A OH  1 
ATOM   930  N N   . TRP A 1 131 ? 3.332   6.105   -6.269  1.00 8.31  ? 129 TRP A N   1 
ATOM   931  C CA  . TRP A 1 131 ? 3.652   5.936   -4.858  1.00 9.50  ? 129 TRP A CA  1 
ATOM   932  C C   . TRP A 1 131 ? 2.378   6.030   -4.033  1.00 8.51  ? 129 TRP A C   1 
ATOM   933  O O   . TRP A 1 131 ? 1.590   6.971   -4.199  1.00 9.31  ? 129 TRP A O   1 
ATOM   934  C CB  . TRP A 1 131 ? 4.594   7.036   -4.358  1.00 9.06  ? 129 TRP A CB  1 
ATOM   935  C CG  . TRP A 1 131 ? 5.991   7.040   -4.904  1.00 9.62  ? 129 TRP A CG  1 
ATOM   936  C CD1 . TRP A 1 131 ? 7.123   6.669   -4.237  1.00 10.43 ? 129 TRP A CD1 1 
ATOM   937  C CD2 . TRP A 1 131 ? 6.415   7.484   -6.202  1.00 9.48  ? 129 TRP A CD2 1 
ATOM   938  N NE1 . TRP A 1 131 ? 8.224   6.844   -5.046  1.00 11.71 ? 129 TRP A NE1 1 
ATOM   939  C CE2 . TRP A 1 131 ? 7.819   7.347   -6.251  1.00 10.91 ? 129 TRP A CE2 1 
ATOM   940  C CE3 . TRP A 1 131 ? 5.745   7.991   -7.323  1.00 9.80  ? 129 TRP A CE3 1 
ATOM   941  C CZ2 . TRP A 1 131 ? 8.564   7.684   -7.380  1.00 11.66 ? 129 TRP A CZ2 1 
ATOM   942  C CZ3 . TRP A 1 131 ? 6.488   8.322   -8.448  1.00 10.89 ? 129 TRP A CZ3 1 
ATOM   943  C CH2 . TRP A 1 131 ? 7.882   8.163   -8.469  1.00 11.03 ? 129 TRP A CH2 1 
ATOM   944  N N   . PHE A 1 132 ? 2.193   5.080   -3.123  1.00 8.12  ? 130 PHE A N   1 
ATOM   945  C CA  . PHE A 1 132 ? 1.128   5.121   -2.128  1.00 8.14  ? 130 PHE A CA  1 
ATOM   946  C C   . PHE A 1 132 ? 1.726   5.500   -0.777  1.00 8.17  ? 130 PHE A C   1 
ATOM   947  O O   . PHE A 1 132 ? 2.721   4.904   -0.358  1.00 7.88  ? 130 PHE A O   1 
ATOM   948  C CB  . PHE A 1 132 ? 0.453   3.750   -2.002  1.00 8.95  ? 130 PHE A CB  1 
ATOM   949  C CG  . PHE A 1 132 ? -0.565  3.688   -0.901  1.00 7.85  ? 130 PHE A CG  1 
ATOM   950  C CD1 . PHE A 1 132 ? -0.196  3.348   0.395   1.00 7.57  ? 130 PHE A CD1 1 
ATOM   951  C CD2 . PHE A 1 132 ? -1.893  3.987   -1.158  1.00 8.28  ? 130 PHE A CD2 1 
ATOM   952  C CE1 . PHE A 1 132 ? -1.132  3.327   1.415   1.00 8.63  ? 130 PHE A CE1 1 
ATOM   953  C CE2 . PHE A 1 132 ? -2.832  3.958   -0.145  1.00 8.71  ? 130 PHE A CE2 1 
ATOM   954  C CZ  . PHE A 1 132 ? -2.458  3.618   1.144   1.00 9.33  ? 130 PHE A CZ  1 
ATOM   955  N N   . TYR A 1 133 ? 1.107   6.446   -0.073  1.00 7.40  ? 131 TYR A N   1 
ATOM   956  C CA  . TYR A 1 133 ? 1.542   6.745   1.287   1.00 8.21  ? 131 TYR A CA  1 
ATOM   957  C C   . TYR A 1 133 ? 0.398   7.386   2.056   1.00 8.23  ? 131 TYR A C   1 
ATOM   958  O O   . TYR A 1 133 ? -0.582  7.861   1.474   1.00 8.98  ? 131 TYR A O   1 
ATOM   959  C CB  . TYR A 1 133 ? 2.793   7.635   1.323   1.00 9.04  ? 131 TYR A CB  1 
ATOM   960  C CG  . TYR A 1 133 ? 2.699   8.898   0.494   1.00 9.18  ? 131 TYR A CG  1 
ATOM   961  C CD1 . TYR A 1 133 ? 2.113   10.054  1.001   1.00 10.06 ? 131 TYR A CD1 1 
ATOM   962  C CD2 . TYR A 1 133 ? 3.220   8.940   -0.791  1.00 10.42 ? 131 TYR A CD2 1 
ATOM   963  C CE1 . TYR A 1 133 ? 2.042   11.214  0.236   1.00 10.66 ? 131 TYR A CE1 1 
ATOM   964  C CE2 . TYR A 1 133 ? 3.153   10.087  -1.554  1.00 11.92 ? 131 TYR A CE2 1 
ATOM   965  C CZ  . TYR A 1 133 ? 2.563   11.212  -1.034  1.00 11.45 ? 131 TYR A CZ  1 
ATOM   966  O OH  . TYR A 1 133 ? 2.517   12.344  -1.822  1.00 15.09 ? 131 TYR A OH  1 
ATOM   967  N N   . SER A 1 134 ? 0.530   7.380   3.381   1.00 8.13  ? 132 SER A N   1 
ATOM   968  C CA  . SER A 1 134 ? -0.431  8.050   4.238   1.00 8.16  ? 132 SER A CA  1 
ATOM   969  C C   . SER A 1 134 ? -0.141  9.542   4.283   1.00 7.97  ? 132 SER A C   1 
ATOM   970  O O   . SER A 1 134 ? 1.014   9.960   4.389   1.00 9.38  ? 132 SER A O   1 
ATOM   971  C CB  . SER A 1 134 ? -0.308  7.509   5.658   1.00 8.54  ? 132 SER A CB  1 
ATOM   972  O OG  . SER A 1 134 ? -1.201  8.203   6.508   1.00 8.36  ? 132 SER A OG  1 
ATOM   973  N N   . THR A 1 135 ? -1.188  10.355  4.256   1.00 9.10  ? 133 THR A N   1 
ATOM   974  C CA  . THR A 1 135 ? -0.985  11.775  4.510   1.00 10.16 ? 133 THR A CA  1 
ATOM   975  C C   . THR A 1 135 ? -1.263  12.145  5.960   1.00 9.98  ? 133 THR A C   1 
ATOM   976  O O   . THR A 1 135 ? -1.231  13.329  6.312   1.00 11.18 ? 133 THR A O   1 
ATOM   977  C CB  . THR A 1 135 ? -1.781  12.649  3.542   1.00 11.20 ? 133 THR A CB  1 
ATOM   978  O OG1 . THR A 1 135 ? -3.170  12.435  3.780   1.00 10.78 ? 133 THR A OG1 1 
ATOM   979  C CG2 . THR A 1 135 ? -1.439  12.318  2.080   1.00 11.91 ? 133 THR A CG2 1 
ATOM   980  N N   . ASP A 1 136 ? -1.529  11.157  6.819   1.00 9.37  ? 134 ASP A N   1 
ATOM   981  C CA  . ASP A 1 136 ? -1.749  11.425  8.241   1.00 10.56 ? 134 ASP A CA  1 
ATOM   982  C C   . ASP A 1 136 ? -1.446  10.149  9.026   1.00 9.78  ? 134 ASP A C   1 
ATOM   983  O O   . ASP A 1 136 ? -2.305  9.271   9.131   1.00 10.21 ? 134 ASP A O   1 
ATOM   984  C CB  . ASP A 1 136 ? -3.175  11.885  8.489   1.00 12.57 ? 134 ASP A CB  1 
ATOM   985  C CG  . ASP A 1 136 ? -3.469  12.083  9.957   1.00 15.46 ? 134 ASP A CG  1 
ATOM   986  O OD1 . ASP A 1 136 ? -2.517  12.277  10.746  1.00 15.52 ? 134 ASP A OD1 1 
ATOM   987  O OD2 . ASP A 1 136 ? -4.662  12.052  10.314  1.00 16.73 ? 134 ASP A OD2 1 
ATOM   988  N N   . SER A 1 137 ? -0.237  10.070  9.586   1.00 9.17  ? 135 SER A N   1 
ATOM   989  C CA  . SER A 1 137 ? 0.093   9.035   10.562  1.00 10.31 ? 135 SER A CA  1 
ATOM   990  C C   . SER A 1 137 ? 0.054   7.614   9.992   1.00 8.81  ? 135 SER A C   1 
ATOM   991  O O   . SER A 1 137 ? 0.187   7.418   8.780   1.00 8.98  ? 135 SER A O   1 
ATOM   992  C CB  . SER A 1 137 ? -0.801  9.172   11.800  1.00 11.28 ? 135 SER A CB  1 
ATOM   993  O OG  . SER A 1 137 ? -0.293  8.416   12.887  1.00 14.91 ? 135 SER A OG  1 
ATOM   994  N N   . GLY A 1 138 ? -0.102  6.617   10.861  1.00 9.01  ? 136 GLY A N   1 
ATOM   995  C CA  . GLY A 1 138 ? 0.122   5.229   10.469  1.00 9.39  ? 136 GLY A CA  1 
ATOM   996  C C   . GLY A 1 138 ? -1.040  4.580   9.730   1.00 7.70  ? 136 GLY A C   1 
ATOM   997  O O   . GLY A 1 138 ? -2.196  4.653   10.165  1.00 8.50  ? 136 GLY A O   1 
ATOM   998  N N   . ILE A 1 139 ? -0.717  3.924   8.615   1.00 7.57  ? 137 ILE A N   1 
ATOM   999  C CA  . ILE A 1 139 ? -1.607  3.028   7.888   1.00 8.19  ? 137 ILE A CA  1 
ATOM   1000 C C   . ILE A 1 139 ? -0.906  1.678   7.805   1.00 7.10  ? 137 ILE A C   1 
ATOM   1001 O O   . ILE A 1 139 ? 0.299   1.617   7.525   1.00 7.83  ? 137 ILE A O   1 
ATOM   1002 C CB  . ILE A 1 139 ? -1.927  3.572   6.480   1.00 7.92  ? 137 ILE A CB  1 
ATOM   1003 C CG1 . ILE A 1 139 ? -2.800  4.830   6.583   1.00 9.46  ? 137 ILE A CG1 1 
ATOM   1004 C CG2 . ILE A 1 139 ? -2.605  2.511   5.615   1.00 8.91  ? 137 ILE A CG2 1 
ATOM   1005 C CD1 . ILE A 1 139 ? -3.152  5.462   5.229   1.00 10.07 ? 137 ILE A CD1 1 
ATOM   1006 N N   . ASN A 1 140 ? -1.650  0.613   8.091   1.00 7.74  ? 138 ASN A N   1 
ATOM   1007 C CA  . ASN A 1 140 ? -1.135  -0.748  8.094   1.00 6.89  ? 138 ASN A CA  1 
ATOM   1008 C C   . ASN A 1 140 ? -1.635  -1.469  6.853   1.00 6.81  ? 138 ASN A C   1 
ATOM   1009 O O   . ASN A 1 140 ? -2.844  -1.503  6.593   1.00 8.61  ? 138 ASN A O   1 
ATOM   1010 C CB  . ASN A 1 140 ? -1.627  -1.488  9.339   1.00 8.05  ? 138 ASN A CB  1 
ATOM   1011 C CG  . ASN A 1 140 ? -1.080  -0.892  10.618  1.00 8.40  ? 138 ASN A CG  1 
ATOM   1012 O OD1 . ASN A 1 140 ? -0.085  -0.170  10.598  1.00 8.32  ? 138 ASN A OD1 1 
ATOM   1013 N ND2 . ASN A 1 140 ? -1.703  -1.218  11.742  1.00 8.48  ? 138 ASN A ND2 1 
ATOM   1014 N N   . VAL A 1 141 ? -0.715  -2.056  6.098   1.00 7.69  ? 139 VAL A N   1 
ATOM   1015 C CA  . VAL A 1 141 ? -1.015  -2.628  4.790   1.00 7.15  ? 139 VAL A CA  1 
ATOM   1016 C C   . VAL A 1 141 ? -0.953  -4.147  4.859   1.00 6.94  ? 139 VAL A C   1 
ATOM   1017 O O   . VAL A 1 141 ? -0.011  -4.713  5.427   1.00 7.54  ? 139 VAL A O   1 
ATOM   1018 C CB  . VAL A 1 141 ? -0.034  -2.067  3.744   1.00 7.07  ? 139 VAL A CB  1 
ATOM   1019 C CG1 . VAL A 1 141 ? -0.269  -2.683  2.386   1.00 8.70  ? 139 VAL A CG1 1 
ATOM   1020 C CG2 . VAL A 1 141 ? -0.140  -0.540  3.681   1.00 9.06  ? 139 VAL A CG2 1 
ATOM   1021 N N   . TYR A 1 142 ? -1.937  -4.807  4.251   1.00 7.19  ? 140 TYR A N   1 
ATOM   1022 C CA  . TYR A 1 142 ? -2.002  -6.264  4.236   1.00 7.34  ? 140 TYR A CA  1 
ATOM   1023 C C   . TYR A 1 142 ? -1.758  -6.885  2.873   1.00 8.18  ? 140 TYR A C   1 
ATOM   1024 O O   . TYR A 1 142 ? -1.310  -8.032  2.804   1.00 8.71  ? 140 TYR A O   1 
ATOM   1025 C CB  . TYR A 1 142 ? -3.366  -6.744  4.741   1.00 7.55  ? 140 TYR A CB  1 
ATOM   1026 C CG  . TYR A 1 142 ? -3.626  -6.405  6.182   1.00 7.42  ? 140 TYR A CG  1 
ATOM   1027 C CD1 . TYR A 1 142 ? -4.004  -5.117  6.569   1.00 8.41  ? 140 TYR A CD1 1 
ATOM   1028 C CD2 . TYR A 1 142 ? -3.505  -7.377  7.165   1.00 8.10  ? 140 TYR A CD2 1 
ATOM   1029 C CE1 . TYR A 1 142 ? -4.241  -4.814  7.902   1.00 8.77  ? 140 TYR A CE1 1 
ATOM   1030 C CE2 . TYR A 1 142 ? -3.737  -7.086  8.498   1.00 8.31  ? 140 TYR A CE2 1 
ATOM   1031 C CZ  . TYR A 1 142 ? -4.100  -5.806  8.858   1.00 8.57  ? 140 TYR A CZ  1 
ATOM   1032 O OH  . TYR A 1 142 ? -4.355  -5.492  10.177  1.00 10.55 ? 140 TYR A OH  1 
ATOM   1033 N N   . TYR A 1 143 ? -2.059  -6.177  1.788   1.00 7.45  ? 141 TYR A N   1 
ATOM   1034 C CA  . TYR A 1 143 ? -2.119  -6.817  0.484   1.00 8.18  ? 141 TYR A CA  1 
ATOM   1035 C C   . TYR A 1 143 ? -2.001  -5.754  -0.593  1.00 7.88  ? 141 TYR A C   1 
ATOM   1036 O O   . TYR A 1 143 ? -2.532  -4.649  -0.441  1.00 8.01  ? 141 TYR A O   1 
ATOM   1037 C CB  . TYR A 1 143 ? -3.456  -7.543  0.336   1.00 8.91  ? 141 TYR A CB  1 
ATOM   1038 C CG  . TYR A 1 143 ? -3.589  -8.322  -0.947  1.00 9.29  ? 141 TYR A CG  1 
ATOM   1039 C CD1 . TYR A 1 143 ? -4.323  -7.825  -2.012  1.00 10.27 ? 141 TYR A CD1 1 
ATOM   1040 C CD2 . TYR A 1 143 ? -2.951  -9.552  -1.101  1.00 10.15 ? 141 TYR A CD2 1 
ATOM   1041 C CE1 . TYR A 1 143 ? -4.453  -8.550  -3.189  1.00 11.07 ? 141 TYR A CE1 1 
ATOM   1042 C CE2 . TYR A 1 143 ? -3.073  -10.282 -2.274  1.00 11.00 ? 141 TYR A CE2 1 
ATOM   1043 C CZ  . TYR A 1 143 ? -3.815  -9.766  -3.312  1.00 10.76 ? 141 TYR A CZ  1 
ATOM   1044 O OH  . TYR A 1 143 ? -3.936  -10.467 -4.492  1.00 13.76 ? 141 TYR A OH  1 
ATOM   1045 N N   . LEU A 1 144 ? -1.305  -6.109  -1.674  1.00 7.89  ? 142 LEU A N   1 
ATOM   1046 C CA  . LEU A 1 144 ? -1.049  -5.238  -2.812  1.00 8.19  ? 142 LEU A CA  1 
ATOM   1047 C C   . LEU A 1 144 ? -1.290  -5.987  -4.115  1.00 8.51  ? 142 LEU A C   1 
ATOM   1048 O O   . LEU A 1 144 ? -0.888  -7.144  -4.265  1.00 8.61  ? 142 LEU A O   1 
ATOM   1049 C CB  . LEU A 1 144 ? 0.407   -4.773  -2.825  1.00 9.96  ? 142 LEU A CB  1 
ATOM   1050 C CG  . LEU A 1 144 ? 0.867   -3.989  -1.605  1.00 8.41  ? 142 LEU A CG  1 
ATOM   1051 C CD1 . LEU A 1 144 ? 2.393   -3.998  -1.486  1.00 11.76 ? 142 LEU A CD1 1 
ATOM   1052 C CD2 . LEU A 1 144 ? 0.319   -2.568  -1.654  1.00 9.69  ? 142 LEU A CD2 1 
ATOM   1053 N N   . LYS A 1 145 ? -1.900  -5.301  -5.077  1.00 8.90  ? 143 LYS A N   1 
ATOM   1054 C CA  . LYS A 1 145 ? -2.135  -5.906  -6.384  1.00 9.89  ? 143 LYS A CA  1 
ATOM   1055 C C   . LYS A 1 145 ? -2.155  -4.829  -7.458  1.00 9.06  ? 143 LYS A C   1 
ATOM   1056 O O   . LYS A 1 145 ? -2.736  -3.758  -7.271  1.00 9.84  ? 143 LYS A O   1 
ATOM   1057 C CB  . LYS A 1 145 ? -3.448  -6.700  -6.409  1.00 9.86  ? 143 LYS A CB  1 
ATOM   1058 C CG  . LYS A 1 145 ? -3.811  -7.292  -7.770  1.00 11.93 ? 143 LYS A CG  1 
ATOM   1059 C CD  . LYS A 1 145 ? -4.916  -8.318  -7.620  1.00 12.83 ? 143 LYS A CD  1 
ATOM   1060 C CE  . LYS A 1 145 ? -5.067  -9.154  -8.871  1.00 16.00 ? 143 LYS A CE  1 
ATOM   1061 N NZ  . LYS A 1 145 ? -6.317  -9.966  -8.805  1.00 17.98 ? 143 LYS A NZ  1 
ATOM   1062 N N   . LEU A 1 146 ? -1.513  -5.119  -8.579  1.00 8.86  ? 144 LEU A N   1 
ATOM   1063 C CA  . LEU A 1 146 ? -1.642  -4.293  -9.772  1.00 9.26  ? 144 LEU A CA  1 
ATOM   1064 C C   . LEU A 1 146 ? -2.229  -5.161  -10.870 1.00 8.54  ? 144 LEU A C   1 
ATOM   1065 O O   . LEU A 1 146 ? -1.662  -6.205  -11.202 1.00 10.05 ? 144 LEU A O   1 
ATOM   1066 C CB  . LEU A 1 146 ? -0.288  -3.734  -10.206 1.00 10.11 ? 144 LEU A CB  1 
ATOM   1067 C CG  . LEU A 1 146 ? -0.348  -2.755  -11.375 1.00 10.63 ? 144 LEU A CG  1 
ATOM   1068 C CD1 . LEU A 1 146 ? -1.046  -1.481  -10.929 1.00 12.08 ? 144 LEU A CD1 1 
ATOM   1069 C CD2 . LEU A 1 146 ? 1.057   -2.462  -11.868 1.00 13.12 ? 144 LEU A CD2 1 
ATOM   1070 N N   . THR A 1 147 ? -3.368  -4.745  -11.409 1.00 10.58 ? 145 THR A N   1 
ATOM   1071 C CA  . THR A 1 147 ? -4.026  -5.491  -12.470 1.00 11.25 ? 145 THR A CA  1 
ATOM   1072 C C   . THR A 1 147 ? -4.315  -4.583  -13.653 1.00 10.34 ? 145 THR A C   1 
ATOM   1073 O O   . THR A 1 147 ? -4.666  -3.412  -13.485 1.00 11.67 ? 145 THR A O   1 
ATOM   1074 C CB  . THR A 1 147 ? -5.309  -6.171  -11.982 1.00 12.41 ? 145 THR A CB  1 
ATOM   1075 O OG1 . THR A 1 147 ? -5.872  -6.935  -13.055 1.00 13.14 ? 145 THR A OG1 1 
ATOM   1076 C CG2 . THR A 1 147 ? -6.331  -5.158  -11.495 1.00 13.32 ? 145 THR A CG2 1 
ATOM   1077 N N   . TYR A 1 148 ? -4.177  -5.150  -14.851 1.00 11.60 ? 146 TYR A N   1 
ATOM   1078 C CA  . TYR A 1 148 ? -4.493  -4.468  -16.096 1.00 13.81 ? 146 TYR A CA  1 
ATOM   1079 C C   . TYR A 1 148 ? -5.825  -4.918  -16.670 1.00 16.27 ? 146 TYR A C   1 
ATOM   1080 O O   . TYR A 1 148 ? -6.210  -4.461  -17.750 1.00 18.16 ? 146 TYR A O   1 
ATOM   1081 C CB  . TYR A 1 148 ? -3.370  -4.690  -17.108 1.00 14.44 ? 146 TYR A CB  1 
ATOM   1082 C CG  . TYR A 1 148 ? -2.064  -4.079  -16.673 1.00 13.03 ? 146 TYR A CG  1 
ATOM   1083 C CD1 . TYR A 1 148 ? -1.749  -2.773  -17.006 1.00 13.24 ? 146 TYR A CD1 1 
ATOM   1084 C CD2 . TYR A 1 148 ? -1.140  -4.808  -15.929 1.00 14.51 ? 146 TYR A CD2 1 
ATOM   1085 C CE1 . TYR A 1 148 ? -0.558  -2.203  -16.616 1.00 14.78 ? 146 TYR A CE1 1 
ATOM   1086 C CE2 . TYR A 1 148 ? 0.061   -4.243  -15.532 1.00 14.11 ? 146 TYR A CE2 1 
ATOM   1087 C CZ  . TYR A 1 148 ? 0.342   -2.938  -15.876 1.00 13.72 ? 146 TYR A CZ  1 
ATOM   1088 O OH  . TYR A 1 148 ? 1.541   -2.371  -15.501 1.00 15.09 ? 146 TYR A OH  1 
ATOM   1089 N N   . GLU A 1 149 ? -6.539  -5.779  -15.956 1.00 15.38 ? 147 GLU A N   1 
ATOM   1090 C CA  . GLU A 1 149 ? -7.823  -6.285  -16.416 1.00 20.48 ? 147 GLU A CA  1 
ATOM   1091 C C   . GLU A 1 149 ? -8.848  -5.160  -16.444 1.00 24.82 ? 147 GLU A C   1 
ATOM   1092 O O   . GLU A 1 149 ? -8.864  -4.288  -15.570 1.00 19.28 ? 147 GLU A O   1 
ATOM   1093 C CB  . GLU A 1 149 ? -8.282  -7.401  -15.475 1.00 24.44 ? 147 GLU A CB  1 
ATOM   1094 C CG  . GLU A 1 149 ? -9.771  -7.442  -15.185 1.00 33.97 ? 147 GLU A CG  1 
ATOM   1095 C CD  . GLU A 1 149 ? -10.222 -8.790  -14.651 1.00 34.40 ? 147 GLU A CD  1 
ATOM   1096 O OE1 . GLU A 1 149 ? -9.403  -9.479  -14.003 1.00 38.59 ? 147 GLU A OE1 1 
ATOM   1097 O OE2 . GLU A 1 149 ? -11.394 -9.159  -14.877 1.00 43.11 ? 147 GLU A OE2 1 
ATOM   1098 N N   . VAL A 1 150 ? -9.706  -5.177  -17.466 1.00 24.55 ? 148 VAL A N   1 
ATOM   1099 C CA  . VAL A 1 150 ? -10.749 -4.166  -17.578 1.00 26.57 ? 148 VAL A CA  1 
ATOM   1100 C C   . VAL A 1 150 ? -11.667 -4.255  -16.371 1.00 24.16 ? 148 VAL A C   1 
ATOM   1101 O O   . VAL A 1 150 ? -12.093 -5.345  -15.970 1.00 25.30 ? 148 VAL A O   1 
ATOM   1102 C CB  . VAL A 1 150 ? -11.520 -4.342  -18.895 1.00 26.82 ? 148 VAL A CB  1 
ATOM   1103 C CG1 . VAL A 1 150 ? -12.688 -3.371  -18.962 1.00 29.57 ? 148 VAL A CG1 1 
ATOM   1104 C CG2 . VAL A 1 150 ? -10.591 -4.147  -20.080 1.00 30.35 ? 148 VAL A CG2 1 
ATOM   1105 N N   . GLN A 1 151 ? -11.965 -3.103  -15.775 1.00 25.41 ? 149 GLN A N   1 
ATOM   1106 C CA  . GLN A 1 151 ? -12.822 -3.028  -14.600 1.00 25.50 ? 149 GLN A CA  1 
ATOM   1107 C C   . GLN A 1 151 ? -14.272 -2.797  -15.015 1.00 30.28 ? 149 GLN A C   1 
ATOM   1108 O O   . GLN A 1 151 ? -14.537 -2.046  -15.957 1.00 33.75 ? 149 GLN A O   1 
ATOM   1109 C CB  . GLN A 1 151 ? -12.378 -1.883  -13.696 1.00 25.48 ? 149 GLN A CB  1 
ATOM   1110 C CG  . GLN A 1 151 ? -10.928 -1.994  -13.265 1.00 24.59 ? 149 GLN A CG  1 
ATOM   1111 C CD  . GLN A 1 151 ? -10.719 -3.158  -12.327 1.00 25.41 ? 149 GLN A CD  1 
ATOM   1112 O OE1 . GLN A 1 151 ? -11.276 -3.195  -11.233 1.00 26.94 ? 149 GLN A OE1 1 
ATOM   1113 N NE2 . GLN A 1 151 ? -9.940  -4.135  -12.766 1.00 22.83 ? 149 GLN A NE2 1 
ATOM   1114 N N   . PRO A 1 152 ? -15.219 -3.426  -14.328 1.00 32.74 ? 150 PRO A N   1 
ATOM   1115 C CA  . PRO A 1 152 ? -16.632 -3.149  -14.590 1.00 34.37 ? 150 PRO A CA  1 
ATOM   1116 C C   . PRO A 1 152 ? -17.013 -1.790  -14.031 1.00 36.05 ? 150 PRO A C   1 
ATOM   1117 O O   . PRO A 1 152 ? -16.358 -1.288  -13.105 1.00 38.87 ? 150 PRO A O   1 
ATOM   1118 C CB  . PRO A 1 152 ? -17.355 -4.278  -13.842 1.00 35.95 ? 150 PRO A CB  1 
ATOM   1119 C CG  . PRO A 1 152 ? -16.428 -4.668  -12.748 1.00 36.22 ? 150 PRO A CG  1 
ATOM   1120 C CD  . PRO A 1 152 ? -15.025 -4.356  -13.200 1.00 30.04 ? 150 PRO A CD  1 
ATOM   1121 N N   . PRO A 1 153 ? -18.068 -1.155  -14.567 1.00 37.88 ? 151 PRO A N   1 
ATOM   1122 C CA  . PRO A 1 153 ? -18.470 0.185   -14.119 1.00 39.75 ? 151 PRO A CA  1 
ATOM   1123 C C   . PRO A 1 153 ? -19.098 0.187   -12.728 1.00 39.33 ? 151 PRO A C   1 
ATOM   1124 O O   . PRO A 1 153 ? -18.979 -0.801  -12.005 1.00 42.13 ? 151 PRO A O   1 
ATOM   1125 C CB  . PRO A 1 153 ? -19.509 0.599   -15.164 1.00 37.63 ? 151 PRO A CB  1 
ATOM   1126 C CG  . PRO A 1 153 ? -20.085 -0.692  -15.639 1.00 37.86 ? 151 PRO A CG  1 
ATOM   1127 C CD  . PRO A 1 153 ? -18.929 -1.654  -15.655 1.00 37.68 ? 151 PRO A CD  1 
HETATM 1128 O O   . HOH B 2 .   ? -4.260  -4.316  -21.336 1.00 35.72 ? 201 HOH A O   1 
HETATM 1129 O O   . HOH B 2 .   ? -10.332 2.718   -11.777 1.00 42.61 ? 202 HOH A O   1 
HETATM 1130 O O   . HOH B 2 .   ? -0.467  13.623  10.952  1.00 29.15 ? 203 HOH A O   1 
HETATM 1131 O O   . HOH B 2 .   ? 17.242  -2.848  9.469   1.00 33.90 ? 204 HOH A O   1 
HETATM 1132 O O   . HOH B 2 .   ? -11.436 2.241   18.699  1.00 33.02 ? 205 HOH A O   1 
HETATM 1133 O O   . HOH B 2 .   ? 1.545   2.870   13.385  1.00 21.53 ? 206 HOH A O   1 
HETATM 1134 O O   . HOH B 2 .   ? 1.829   19.168  -10.888 1.00 35.70 ? 207 HOH A O   1 
HETATM 1135 O O   . HOH B 2 .   ? -1.847  -15.210 3.759   1.00 24.62 ? 208 HOH A O   1 
HETATM 1136 O O   . HOH B 2 .   ? -1.162  -10.103 -22.916 1.00 32.86 ? 209 HOH A O   1 
HETATM 1137 O O   . HOH B 2 .   ? -3.476  10.544  -17.137 1.00 33.26 ? 210 HOH A O   1 
HETATM 1138 O O   . HOH B 2 .   ? 8.708   -8.864  -12.329 1.00 29.21 ? 211 HOH A O   1 
HETATM 1139 O O   . HOH B 2 .   ? -4.656  -0.799  -19.936 1.00 22.00 ? 212 HOH A O   1 
HETATM 1140 O O   . HOH B 2 .   ? -6.787  11.808  8.835   1.00 17.62 ? 213 HOH A O   1 
HETATM 1141 O O   . HOH B 2 .   ? -0.803  -11.186 -19.523 1.00 25.93 ? 214 HOH A O   1 
HETATM 1142 O O   . HOH B 2 .   ? 9.349   8.587   -12.020 1.00 25.92 ? 215 HOH A O   1 
HETATM 1143 O O   . HOH B 2 .   ? -7.391  -0.401  12.757  1.00 30.85 ? 216 HOH A O   1 
HETATM 1144 O O   . HOH B 2 .   ? 0.672   14.202  -1.580  1.00 23.25 ? 217 HOH A O   1 
HETATM 1145 O O   . HOH B 2 .   ? -5.898  -6.168  -20.928 1.00 32.66 ? 218 HOH A O   1 
HETATM 1146 O O   . HOH B 2 .   ? 6.636   8.172   -14.094 1.00 18.80 ? 219 HOH A O   1 
HETATM 1147 O O   . HOH B 2 .   ? 1.655   14.536  9.702   1.00 34.89 ? 220 HOH A O   1 
HETATM 1148 O O   . HOH B 2 .   ? -10.031 -6.444  -11.488 1.00 30.00 ? 221 HOH A O   1 
HETATM 1149 O O   . HOH B 2 .   ? -7.383  -10.354 -11.584 1.00 32.16 ? 222 HOH A O   1 
HETATM 1150 O O   . HOH B 2 .   ? -6.762  -2.369  -19.270 1.00 24.82 ? 223 HOH A O   1 
HETATM 1151 O O   . HOH B 2 .   ? 6.913   10.157  11.433  1.00 24.10 ? 224 HOH A O   1 
HETATM 1152 O O   . HOH B 2 .   ? -10.622 -16.835 8.644   1.00 14.71 ? 225 HOH A O   1 
HETATM 1153 O O   . HOH B 2 .   ? -5.339  -15.070 10.122  1.00 19.20 ? 226 HOH A O   1 
HETATM 1154 O O   . HOH B 2 .   ? 7.031   15.497  -5.826  1.00 31.26 ? 227 HOH A O   1 
HETATM 1155 O O   . HOH B 2 .   ? 4.571   -8.463  -7.190  1.00 14.07 ? 228 HOH A O   1 
HETATM 1156 O O   . HOH B 2 .   ? -9.572  0.742   6.204   1.00 18.87 ? 229 HOH A O   1 
HETATM 1157 O O   . HOH B 2 .   ? -11.860 -6.429  -8.695  1.00 39.36 ? 230 HOH A O   1 
HETATM 1158 O O   . HOH B 2 .   ? 11.621  2.600   8.075   1.00 10.56 ? 231 HOH A O   1 
HETATM 1159 O O   . HOH B 2 .   ? 10.188  3.150   -13.766 1.00 33.75 ? 232 HOH A O   1 
HETATM 1160 O O   . HOH B 2 .   ? -9.391  -3.890  12.477  1.00 31.28 ? 233 HOH A O   1 
HETATM 1161 O O   . HOH B 2 .   ? -12.181 -6.300  2.035   1.00 13.13 ? 234 HOH A O   1 
HETATM 1162 O O   . HOH B 2 .   ? 9.626   -10.510 1.264   1.00 24.96 ? 235 HOH A O   1 
HETATM 1163 O O   . HOH B 2 .   ? 13.678  5.834   11.451  1.00 19.48 ? 236 HOH A O   1 
HETATM 1164 O O   . HOH B 2 .   ? -1.130  -9.820  5.070   1.00 9.25  ? 237 HOH A O   1 
HETATM 1165 O O   . HOH B 2 .   ? 4.156   8.902   -12.777 1.00 12.33 ? 238 HOH A O   1 
HETATM 1166 O O   . HOH B 2 .   ? 0.732   -6.179  -13.070 1.00 20.51 ? 239 HOH A O   1 
HETATM 1167 O O   . HOH B 2 .   ? -1.567  10.129  -20.687 1.00 29.47 ? 240 HOH A O   1 
HETATM 1168 O O   . HOH B 2 .   ? -12.378 9.789   0.339   1.00 21.07 ? 241 HOH A O   1 
HETATM 1169 O O   . HOH B 2 .   ? 14.125  6.062   -1.922  1.00 17.25 ? 242 HOH A O   1 
HETATM 1170 O O   . HOH B 2 .   ? -9.020  10.193  5.748   1.00 18.24 ? 243 HOH A O   1 
HETATM 1171 O O   . HOH B 2 .   ? 19.927  2.435   2.190   1.00 12.15 ? 244 HOH A O   1 
HETATM 1172 O O   . HOH B 2 .   ? -6.627  -9.903  -0.774  1.00 12.51 ? 245 HOH A O   1 
HETATM 1173 O O   . HOH B 2 .   ? -6.486  -9.047  14.891  1.00 28.32 ? 246 HOH A O   1 
HETATM 1174 O O   . HOH B 2 .   ? -14.626 8.187   2.879   1.00 15.12 ? 247 HOH A O   1 
HETATM 1175 O O   . HOH B 2 .   ? -5.931  11.935  6.292   1.00 20.58 ? 248 HOH A O   1 
HETATM 1176 O O   . HOH B 2 .   ? -8.054  -14.569 10.014  1.00 22.72 ? 249 HOH A O   1 
HETATM 1177 O O   . HOH B 2 .   ? -10.335 9.358   -1.175  1.00 20.43 ? 250 HOH A O   1 
HETATM 1178 O O   . HOH B 2 .   ? 13.965  5.519   2.069   1.00 10.22 ? 251 HOH A O   1 
HETATM 1179 O O   . HOH B 2 .   ? 1.857   -2.463  -21.385 1.00 16.60 ? 252 HOH A O   1 
HETATM 1180 O O   . HOH B 2 .   ? 6.455   11.610  8.940   1.00 24.09 ? 253 HOH A O   1 
HETATM 1181 O O   . HOH B 2 .   ? 1.983   13.483  3.032   1.00 22.29 ? 254 HOH A O   1 
HETATM 1182 O O   . HOH B 2 .   ? -3.328  -7.826  -15.595 1.00 15.67 ? 255 HOH A O   1 
HETATM 1183 O O   . HOH B 2 .   ? 5.972   8.278   12.931  1.00 24.51 ? 256 HOH A O   1 
HETATM 1184 O O   . HOH B 2 .   ? 4.384   -4.194  -17.848 1.00 30.54 ? 257 HOH A O   1 
HETATM 1185 O O   . HOH B 2 .   ? -13.113 -5.483  5.867   1.00 17.37 ? 258 HOH A O   1 
HETATM 1186 O O   . HOH B 2 .   ? 4.641   -17.184 3.442   1.00 34.52 ? 259 HOH A O   1 
HETATM 1187 O O   . HOH B 2 .   ? 11.228  -8.765  -7.228  1.00 23.37 ? 260 HOH A O   1 
HETATM 1188 O O   . HOH B 2 .   ? -11.661 4.270   12.490  1.00 14.40 ? 261 HOH A O   1 
HETATM 1189 O O   . HOH B 2 .   ? -7.158  -2.388  -14.610 1.00 16.68 ? 262 HOH A O   1 
HETATM 1190 O O   . HOH B 2 .   ? 2.811   -12.649 -1.990  1.00 14.63 ? 263 HOH A O   1 
HETATM 1191 O O   . HOH B 2 .   ? -15.590 -5.424  4.658   1.00 27.15 ? 264 HOH A O   1 
HETATM 1192 O O   . HOH B 2 .   ? 12.443  12.188  2.388   1.00 25.84 ? 265 HOH A O   1 
HETATM 1193 O O   . HOH B 2 .   ? 0.852   -13.024 -12.802 1.00 16.03 ? 266 HOH A O   1 
HETATM 1194 O O   . HOH B 2 .   ? 15.509  4.085   7.934   1.00 22.80 ? 267 HOH A O   1 
HETATM 1195 O O   . HOH B 2 .   ? 4.478   -5.367  17.150  1.00 17.44 ? 268 HOH A O   1 
HETATM 1196 O O   . HOH B 2 .   ? -13.289 2.110   15.902  1.00 27.59 ? 269 HOH A O   1 
HETATM 1197 O O   . HOH B 2 .   ? 19.754  0.420   8.199   1.00 24.42 ? 270 HOH A O   1 
HETATM 1198 O O   . HOH B 2 .   ? 4.143   -12.179 -4.879  1.00 28.84 ? 271 HOH A O   1 
HETATM 1199 O O   . HOH B 2 .   ? 2.922   16.015  -3.623  1.00 27.23 ? 272 HOH A O   1 
HETATM 1200 O O   . HOH B 2 .   ? -2.271  7.280   16.424  1.00 29.39 ? 273 HOH A O   1 
HETATM 1201 O O   . HOH B 2 .   ? 6.357   -2.288  -10.415 1.00 15.33 ? 274 HOH A O   1 
HETATM 1202 O O   . HOH B 2 .   ? 11.849  12.454  5.643   1.00 27.25 ? 275 HOH A O   1 
HETATM 1203 O O   . HOH B 2 .   ? -5.916  -11.331 -6.208  1.00 21.07 ? 276 HOH A O   1 
HETATM 1204 O O   . HOH B 2 .   ? -6.874  -9.809  -5.079  1.00 21.78 ? 277 HOH A O   1 
HETATM 1205 O O   . HOH B 2 .   ? 7.040   -15.869 8.165   1.00 29.74 ? 278 HOH A O   1 
HETATM 1206 O O   . HOH B 2 .   ? 2.675   -15.322 9.875   1.00 17.19 ? 279 HOH A O   1 
HETATM 1207 O O   . HOH B 2 .   ? -0.617  -3.293  -24.393 1.00 29.20 ? 280 HOH A O   1 
HETATM 1208 O O   . HOH B 2 .   ? -8.170  -8.037  -11.986 1.00 28.31 ? 281 HOH A O   1 
HETATM 1209 O O   . HOH B 2 .   ? 11.560  14.402  10.668  1.00 34.51 ? 282 HOH A O   1 
HETATM 1210 O O   . HOH B 2 .   ? -5.448  10.404  12.393  1.00 17.74 ? 283 HOH A O   1 
HETATM 1211 O O   . HOH B 2 .   ? 3.228   -4.279  -14.419 1.00 25.35 ? 284 HOH A O   1 
HETATM 1212 O O   . HOH B 2 .   ? -6.708  6.161   -18.423 1.00 29.95 ? 285 HOH A O   1 
HETATM 1213 O O   . HOH B 2 .   ? 10.954  7.182   -4.198  1.00 20.78 ? 286 HOH A O   1 
HETATM 1214 O O   . HOH B 2 .   ? -1.127  15.159  8.391   1.00 28.75 ? 287 HOH A O   1 
HETATM 1215 O O   . HOH B 2 .   ? -1.330  5.456   14.882  1.00 22.70 ? 288 HOH A O   1 
HETATM 1216 O O   . HOH B 2 .   ? 0.044   -16.418 6.306   1.00 22.95 ? 289 HOH A O   1 
HETATM 1217 O O   . HOH B 2 .   ? 23.037  -2.158  4.431   1.00 24.32 ? 290 HOH A O   1 
HETATM 1218 O O   . HOH B 2 .   ? -2.542  -17.615 6.131   1.00 24.91 ? 291 HOH A O   1 
HETATM 1219 O O   . HOH B 2 .   ? 6.753   7.467   15.693  1.00 36.16 ? 292 HOH A O   1 
HETATM 1220 O O   . HOH B 2 .   ? 10.360  -7.061  7.619   1.00 14.82 ? 293 HOH A O   1 
HETATM 1221 O O   . HOH B 2 .   ? 1.382   2.192   10.711  1.00 8.72  ? 294 HOH A O   1 
HETATM 1222 O O   . HOH B 2 .   ? 2.895   6.523   4.948   1.00 8.23  ? 295 HOH A O   1 
HETATM 1223 O O   . HOH B 2 .   ? -3.875  -3.226  11.732  1.00 10.50 ? 296 HOH A O   1 
HETATM 1224 O O   . HOH B 2 .   ? 13.977  7.672   0.459   1.00 12.91 ? 297 HOH A O   1 
HETATM 1225 O O   . HOH B 2 .   ? -13.214 -3.065  -3.239  1.00 26.73 ? 298 HOH A O   1 
HETATM 1226 O O   . HOH B 2 .   ? 3.374   -10.471 -12.742 1.00 25.63 ? 299 HOH A O   1 
HETATM 1227 O O   . HOH B 2 .   ? -8.126  3.809   19.416  1.00 29.49 ? 300 HOH A O   1 
HETATM 1228 O O   . HOH B 2 .   ? -8.813  1.636   -13.361 1.00 24.47 ? 301 HOH A O   1 
HETATM 1229 O O   . HOH B 2 .   ? 17.164  -3.340  1.632   1.00 18.65 ? 302 HOH A O   1 
HETATM 1230 O O   . HOH B 2 .   ? -8.977  8.095   -9.057  1.00 21.87 ? 303 HOH A O   1 
HETATM 1231 O O   . HOH B 2 .   ? 9.848   13.188  -1.788  1.00 25.17 ? 304 HOH A O   1 
HETATM 1232 O O   . HOH B 2 .   ? 9.089   -5.778  -12.453 1.00 24.67 ? 305 HOH A O   1 
HETATM 1233 O O   . HOH B 2 .   ? -14.599 2.653   12.571  1.00 35.17 ? 306 HOH A O   1 
HETATM 1234 O O   . HOH B 2 .   ? 9.253   -1.507  -7.775  1.00 11.28 ? 307 HOH A O   1 
HETATM 1235 O O   . HOH B 2 .   ? -1.626  -0.410  14.633  1.00 18.07 ? 308 HOH A O   1 
HETATM 1236 O O   . HOH B 2 .   ? 6.163   -0.585  14.905  1.00 17.86 ? 309 HOH A O   1 
HETATM 1237 O O   . HOH B 2 .   ? 1.634   5.335   7.555   1.00 8.45  ? 310 HOH A O   1 
HETATM 1238 O O   . HOH B 2 .   ? 0.427   15.091  4.866   1.00 26.17 ? 311 HOH A O   1 
HETATM 1239 O O   . HOH B 2 .   ? -13.133 -11.184 7.961   1.00 25.97 ? 312 HOH A O   1 
HETATM 1240 O O   . HOH B 2 .   ? -0.679  14.980  -3.794  1.00 15.04 ? 313 HOH A O   1 
HETATM 1241 O O   . HOH B 2 .   ? -11.284 -7.403  5.065   1.00 11.90 ? 314 HOH A O   1 
HETATM 1242 O O   . HOH B 2 .   ? -14.148 -5.184  -2.357  1.00 28.01 ? 315 HOH A O   1 
HETATM 1243 O O   . HOH B 2 .   ? -9.112  -11.544 13.344  1.00 22.24 ? 316 HOH A O   1 
HETATM 1244 O O   . HOH B 2 .   ? 14.392  7.558   9.400   1.00 18.12 ? 317 HOH A O   1 
HETATM 1245 O O   . HOH B 2 .   ? -1.743  -7.607  16.140  1.00 22.28 ? 318 HOH A O   1 
HETATM 1246 O O   . HOH B 2 .   ? -4.345  14.047  5.804   1.00 16.40 ? 319 HOH A O   1 
HETATM 1247 O O   . HOH B 2 .   ? 8.770   0.808   -9.272  1.00 16.65 ? 320 HOH A O   1 
HETATM 1248 O O   . HOH B 2 .   ? 8.899   -0.416  14.285  1.00 17.88 ? 321 HOH A O   1 
HETATM 1249 O O   . HOH B 2 .   ? -5.696  -18.416 12.903  1.00 32.50 ? 322 HOH A O   1 
HETATM 1250 O O   . HOH B 2 .   ? 11.403  -8.775  0.530   1.00 28.59 ? 323 HOH A O   1 
HETATM 1251 O O   . HOH B 2 .   ? 1.200   2.459   -22.525 1.00 26.75 ? 324 HOH A O   1 
HETATM 1252 O O   . HOH B 2 .   ? -9.127  5.235   -5.122  1.00 17.49 ? 325 HOH A O   1 
HETATM 1253 O O   . HOH B 2 .   ? 18.447  3.784   6.172   1.00 27.10 ? 326 HOH A O   1 
HETATM 1254 O O   . HOH B 2 .   ? -6.608  9.271   -12.102 1.00 22.66 ? 327 HOH A O   1 
HETATM 1255 O O   . HOH B 2 .   ? -2.811  -2.665  16.416  1.00 25.76 ? 328 HOH A O   1 
HETATM 1256 O O   . HOH B 2 .   ? -10.770 -0.698  -16.772 1.00 35.12 ? 329 HOH A O   1 
HETATM 1257 O O   . HOH B 2 .   ? 15.706  -3.143  6.388   1.00 22.59 ? 330 HOH A O   1 
HETATM 1258 O O   . HOH B 2 .   ? 1.937   17.454  -13.859 1.00 33.48 ? 331 HOH A O   1 
HETATM 1259 O O   . HOH B 2 .   ? 16.547  5.879   5.870   1.00 23.06 ? 332 HOH A O   1 
HETATM 1260 O O   . HOH B 2 .   ? 13.952  -5.254  4.569   1.00 25.08 ? 333 HOH A O   1 
HETATM 1261 O O   . HOH B 2 .   ? -14.136 -1.970  6.658   1.00 30.87 ? 334 HOH A O   1 
HETATM 1262 O O   . HOH B 2 .   ? -12.389 0.989   -4.019  1.00 19.97 ? 335 HOH A O   1 
HETATM 1263 O O   . HOH B 2 .   ? -11.483 -5.691  9.135   1.00 17.31 ? 336 HOH A O   1 
HETATM 1264 O O   . HOH B 2 .   ? 7.714   3.686   18.766  1.00 39.48 ? 337 HOH A O   1 
HETATM 1265 O O   . HOH B 2 .   ? -2.555  12.231  13.636  1.00 27.14 ? 338 HOH A O   1 
HETATM 1266 O O   . HOH B 2 .   ? 10.618  -9.731  3.829   1.00 26.34 ? 339 HOH A O   1 
HETATM 1267 O O   . HOH B 2 .   ? 2.709   -11.484 -8.686  1.00 15.82 ? 340 HOH A O   1 
HETATM 1268 O O   . HOH B 2 .   ? -7.111  2.796   -15.327 1.00 22.63 ? 341 HOH A O   1 
HETATM 1269 O O   . HOH B 2 .   ? -5.811  1.398   17.785  1.00 25.79 ? 342 HOH A O   1 
HETATM 1270 O O   . HOH B 2 .   ? -13.135 -3.633  1.660   1.00 17.04 ? 343 HOH A O   1 
HETATM 1271 O O   . HOH B 2 .   ? -6.127  -5.093  14.603  1.00 29.12 ? 344 HOH A O   1 
HETATM 1272 O O   . HOH B 2 .   ? 6.225   2.833   -17.420 1.00 23.61 ? 345 HOH A O   1 
HETATM 1273 O O   . HOH B 2 .   ? 17.270  10.526  6.627   1.00 35.61 ? 346 HOH A O   1 
HETATM 1274 O O   . HOH B 2 .   ? 12.707  3.210   14.918  1.00 23.56 ? 347 HOH A O   1 
HETATM 1275 O O   . HOH B 2 .   ? 8.147   4.697   -15.122 1.00 34.44 ? 348 HOH A O   1 
HETATM 1276 O O   . HOH B 2 .   ? -4.781  13.728  -11.046 1.00 26.99 ? 349 HOH A O   1 
HETATM 1277 O O   . HOH B 2 .   ? 17.190  2.845   1.890   1.00 10.94 ? 350 HOH A O   1 
HETATM 1278 O O   . HOH B 2 .   ? 10.585  13.601  3.886   1.00 33.16 ? 351 HOH A O   1 
HETATM 1279 O O   . HOH B 2 .   ? 18.951  -2.814  7.221   1.00 27.61 ? 352 HOH A O   1 
HETATM 1280 O O   . HOH B 2 .   ? -9.828  8.409   -5.671  1.00 13.25 ? 353 HOH A O   1 
HETATM 1281 O O   . HOH B 2 .   ? -13.253 0.116   -1.491  1.00 25.50 ? 354 HOH A O   1 
HETATM 1282 O O   . HOH B 2 .   ? 17.379  3.930   -0.615  1.00 13.93 ? 355 HOH A O   1 
HETATM 1283 O O   . HOH B 2 .   ? 0.679   -16.369 3.371   1.00 27.07 ? 356 HOH A O   1 
HETATM 1284 O O   . HOH B 2 .   ? -2.109  16.620  -6.139  1.00 21.64 ? 357 HOH A O   1 
HETATM 1285 O O   . HOH B 2 .   ? 3.134   10.736  11.365  1.00 21.37 ? 358 HOH A O   1 
HETATM 1286 O O   . HOH B 2 .   ? -12.151 5.549   0.450   1.00 18.88 ? 359 HOH A O   1 
HETATM 1287 O O   . HOH B 2 .   ? -2.664  -18.160 11.569  1.00 33.47 ? 360 HOH A O   1 
HETATM 1288 O O   . HOH B 2 .   ? 9.131   -14.049 9.857   1.00 20.78 ? 361 HOH A O   1 
HETATM 1289 O O   . HOH B 2 .   ? -10.858 -10.293 9.531   1.00 15.74 ? 362 HOH A O   1 
HETATM 1290 O O   . HOH B 2 .   ? 13.307  -7.408  8.996   1.00 24.55 ? 363 HOH A O   1 
HETATM 1291 O O   . HOH B 2 .   ? 6.687   12.673  5.539   1.00 23.65 ? 364 HOH A O   1 
HETATM 1292 O O   . HOH B 2 .   ? -14.362 -2.019  12.500  1.00 34.93 ? 365 HOH A O   1 
HETATM 1293 O O   . HOH B 2 .   ? 9.110   8.301   16.380  1.00 30.45 ? 366 HOH A O   1 
HETATM 1294 O O   . HOH B 2 .   ? -9.447  5.645   -7.959  1.00 15.50 ? 367 HOH A O   1 
HETATM 1295 O O   . HOH B 2 .   ? -0.134  4.766   -20.823 1.00 19.53 ? 368 HOH A O   1 
HETATM 1296 O O   . HOH B 2 .   ? 1.937   9.200   -14.534 1.00 24.18 ? 369 HOH A O   1 
HETATM 1297 O O   . HOH B 2 .   ? -11.570 3.781   -8.185  1.00 39.05 ? 370 HOH A O   1 
HETATM 1298 O O   . HOH B 2 .   ? -9.231  -7.364  -19.481 1.00 31.62 ? 371 HOH A O   1 
HETATM 1299 O O   . HOH B 2 .   ? 5.362   -10.203 -9.084  1.00 26.54 ? 372 HOH A O   1 
HETATM 1300 O O   . HOH B 2 .   ? 1.375   -17.103 11.974  1.00 23.66 ? 373 HOH A O   1 
HETATM 1301 O O   . HOH B 2 .   ? 7.506   -13.698 -1.298  1.00 40.82 ? 374 HOH A O   1 
HETATM 1302 O O   . HOH B 2 .   ? 15.627  12.590  9.765   1.00 33.43 ? 375 HOH A O   1 
HETATM 1303 O O   . HOH B 2 .   ? 5.874   -1.801  -15.499 1.00 24.21 ? 376 HOH A O   1 
HETATM 1304 O O   . HOH B 2 .   ? -6.420  -10.412 -14.573 1.00 30.52 ? 377 HOH A O   1 
HETATM 1305 O O   . HOH B 2 .   ? -14.222 0.627   9.666   1.00 30.08 ? 378 HOH A O   1 
HETATM 1306 O O   . HOH B 2 .   ? 5.302   14.379  4.202   1.00 24.04 ? 379 HOH A O   1 
HETATM 1307 O O   . HOH B 2 .   ? -4.969  -1.047  15.768  1.00 30.14 ? 380 HOH A O   1 
HETATM 1308 O O   . HOH B 2 .   ? 0.918   5.534   13.607  1.00 24.27 ? 381 HOH A O   1 
HETATM 1309 O O   . HOH B 2 .   ? -12.149 -0.304  -10.387 1.00 33.57 ? 382 HOH A O   1 
HETATM 1310 O O   . HOH B 2 .   ? 4.648   -3.904  -11.840 1.00 30.80 ? 383 HOH A O   1 
HETATM 1311 O O   . HOH B 2 .   ? 2.768   9.001   13.472  1.00 28.18 ? 384 HOH A O   1 
HETATM 1312 O O   . HOH B 2 .   ? 2.046   18.366  -7.406  1.00 27.42 ? 385 HOH A O   1 
HETATM 1313 O O   . HOH B 2 .   ? -14.862 -13.706 -1.185  1.00 24.07 ? 386 HOH A O   1 
HETATM 1314 O O   . HOH B 2 .   ? -10.664 2.246   -9.725  1.00 39.75 ? 387 HOH A O   1 
HETATM 1315 O O   . HOH B 2 .   ? -0.305  10.175  -13.870 1.00 24.64 ? 388 HOH A O   1 
HETATM 1316 O O   . HOH B 2 .   ? -12.005 6.546   -5.488  1.00 35.66 ? 389 HOH A O   1 
HETATM 1317 O O   . HOH B 2 .   ? -11.339 9.404   -3.205  1.00 32.71 ? 390 HOH A O   1 
HETATM 1318 O O   . HOH B 2 .   ? -14.347 -13.746 2.401   1.00 22.71 ? 391 HOH A O   1 
HETATM 1319 O O   . HOH B 2 .   ? -10.591 -7.999  7.768   1.00 15.69 ? 392 HOH A O   1 
HETATM 1320 O O   . HOH B 2 .   ? -12.213 7.098   -1.940  1.00 34.48 ? 393 HOH A O   1 
HETATM 1321 O O   . HOH B 2 .   ? -1.665  3.495   16.828  1.00 33.06 ? 394 HOH A O   1 
HETATM 1322 O O   . HOH B 2 .   ? -1.713  -5.418  17.814  1.00 32.37 ? 395 HOH A O   1 
HETATM 1323 O O   . HOH B 2 .   ? 7.227   -2.972  -12.902 1.00 26.23 ? 396 HOH A O   1 
HETATM 1324 O O   . HOH B 2 .   ? -2.973  13.677  -13.055 1.00 33.35 ? 397 HOH A O   1 
HETATM 1325 O O   . HOH B 2 .   ? 4.916   17.329  -5.060  1.00 29.98 ? 398 HOH A O   1 
HETATM 1326 O O   . HOH B 2 .   ? -15.739 1.857   14.124  1.00 36.79 ? 399 HOH A O   1 
HETATM 1327 O O   . HOH B 2 .   ? 13.026  5.820   15.995  1.00 34.70 ? 400 HOH A O   1 
HETATM 1328 O O   . HOH B 2 .   ? -21.386 -0.131  -9.465  1.00 41.22 ? 401 HOH A O   1 
HETATM 1329 O O   . HOH B 2 .   ? -9.598  9.710   17.151  1.00 27.87 ? 402 HOH A O   1 
HETATM 1330 O O   . HOH B 2 .   ? 5.084   -13.782 -2.574  1.00 27.91 ? 403 HOH A O   1 
HETATM 1331 O O   . HOH B 2 .   ? 14.622  14.347  8.759   1.00 37.25 ? 404 HOH A O   1 
HETATM 1332 O O   . HOH B 2 .   ? 2.351   14.962  -14.649 1.00 33.74 ? 405 HOH A O   1 
HETATM 1333 O O   . HOH B 2 .   ? 3.209   -5.214  -12.222 1.00 26.21 ? 406 HOH A O   1 
HETATM 1334 O O   . HOH B 2 .   ? -11.137 2.993   21.310  1.00 37.04 ? 407 HOH A O   1 
HETATM 1335 O O   . HOH B 2 .   ? -15.007 -2.945  3.453   1.00 29.32 ? 408 HOH A O   1 
HETATM 1336 O O   . HOH B 2 .   ? 1.389   18.674  -5.526  1.00 29.25 ? 409 HOH A O   1 
HETATM 1337 O O   . HOH B 2 .   ? -3.546  15.945  7.673   1.00 32.78 ? 410 HOH A O   1 
HETATM 1338 O O   . HOH B 2 .   ? 7.158   -11.989 -5.257  1.00 29.60 ? 411 HOH A O   1 
HETATM 1339 O O   . HOH B 2 .   ? -14.696 -14.547 0.675   1.00 26.30 ? 412 HOH A O   1 
HETATM 1340 O O   . HOH B 2 .   ? -2.225  -19.149 8.337   1.00 31.23 ? 413 HOH A O   1 
HETATM 1341 O O   . HOH B 2 .   ? -7.810  -0.866  -16.878 1.00 26.35 ? 414 HOH A O   1 
HETATM 1342 O O   . HOH B 2 .   ? -12.670 -3.671  12.936  1.00 27.36 ? 415 HOH A O   1 
HETATM 1343 O O   . HOH B 2 .   ? 1.587   12.595  12.546  1.00 32.89 ? 416 HOH A O   1 
HETATM 1344 O O   . HOH B 2 .   ? 3.438   -3.716  -9.843  1.00 21.68 ? 417 HOH A O   1 
HETATM 1345 O O   . HOH B 2 .   ? 15.843  5.963   13.371  1.00 33.22 ? 418 HOH A O   1 
HETATM 1346 O O   . HOH B 2 .   ? 3.607   -13.555 -6.669  1.00 32.20 ? 419 HOH A O   1 
HETATM 1347 O O   . HOH B 2 .   ? 8.071   13.978  7.262   1.00 38.24 ? 420 HOH A O   1 
HETATM 1348 O O   . HOH B 2 .   ? 17.032  7.675   13.362  1.00 35.99 ? 421 HOH A O   1 
HETATM 1349 O O   . HOH B 2 .   ? 1.944   -13.725 -10.297 1.00 22.73 ? 422 HOH A O   1 
HETATM 1350 O O   . HOH B 2 .   ? 16.400  5.144   3.190   1.00 13.37 ? 423 HOH A O   1 
HETATM 1351 O O   . HOH B 2 .   ? -2.686  11.506  -14.527 1.00 27.58 ? 424 HOH A O   1 
HETATM 1352 O O   . HOH B 2 .   ? -5.975  -2.551  13.314  1.00 27.15 ? 425 HOH A O   1 
HETATM 1353 O O   . HOH B 2 .   ? -5.871  0.961   -21.493 1.00 24.98 ? 426 HOH A O   1 
HETATM 1354 O O   . HOH B 2 .   ? -2.824  16.270  9.958   1.00 39.20 ? 427 HOH A O   1 
HETATM 1355 O O   . HOH B 2 .   ? 17.511  9.747   10.949  1.00 34.18 ? 428 HOH A O   1 
HETATM 1356 O O   . HOH B 2 .   ? -15.254 -12.689 5.026   1.00 24.34 ? 429 HOH A O   1 
HETATM 1357 O O   . HOH B 2 .   ? 13.712  3.482   9.927   1.00 19.10 ? 430 HOH A O   1 
HETATM 1358 O O   . HOH B 2 .   ? -5.521  15.802  8.693   1.00 36.02 ? 431 HOH A O   1 
HETATM 1359 O O   . HOH B 2 .   ? 0.595   1.095   15.435  1.00 24.83 ? 432 HOH A O   1 
HETATM 1360 O O   . HOH B 2 .   ? 2.212   -16.666 -3.628  1.00 36.93 ? 433 HOH A O   1 
HETATM 1361 O O   . HOH B 2 .   ? 13.167  -11.497 4.102   1.00 38.24 ? 434 HOH A O   1 
HETATM 1362 O O   . HOH B 2 .   ? -13.656 5.479   6.680   1.00 22.92 ? 435 HOH A O   1 
HETATM 1363 O O   . HOH B 2 .   ? 1.589   7.221   -21.514 1.00 30.48 ? 436 HOH A O   1 
HETATM 1364 O O   . HOH B 2 .   ? -7.946  5.225   -16.279 1.00 28.53 ? 437 HOH A O   1 
HETATM 1365 O O   . HOH B 2 .   ? -10.968 -10.124 12.269  1.00 26.75 ? 438 HOH A O   1 
HETATM 1366 O O   . HOH B 2 .   ? 17.317  -4.317  4.299   1.00 36.34 ? 439 HOH A O   1 
HETATM 1367 O O   . HOH B 2 .   ? -11.200 -5.557  11.805  1.00 28.17 ? 440 HOH A O   1 
HETATM 1368 O O   . HOH B 2 .   ? -12.724 -13.219 10.100  1.00 33.10 ? 441 HOH A O   1 
HETATM 1369 O O   . HOH B 2 .   ? 17.101  7.991   9.415   1.00 35.23 ? 442 HOH A O   1 
HETATM 1370 O O   . HOH B 2 .   ? 17.781  8.442   6.092   1.00 29.75 ? 443 HOH A O   1 
HETATM 1371 O O   . HOH B 2 .   ? 4.301   -16.923 8.502   1.00 31.90 ? 444 HOH A O   1 
HETATM 1372 O O   . HOH B 2 .   ? -9.027  8.718   -13.144 1.00 29.08 ? 445 HOH A O   1 
HETATM 1373 O O   . HOH B 2 .   ? -2.572  5.832   -21.719 1.00 29.70 ? 446 HOH A O   1 
HETATM 1374 O O   . HOH B 2 .   ? 11.696  -6.979  5.062   1.00 26.82 ? 447 HOH A O   1 
HETATM 1375 O O   . HOH B 2 .   ? 16.055  9.401   0.466   1.00 25.11 ? 448 HOH A O   1 
HETATM 1376 O O   . HOH B 2 .   ? 2.111   15.839  4.747   1.00 39.45 ? 449 HOH A O   1 
HETATM 1377 O O   . HOH B 2 .   ? -1.262  18.049  -3.933  1.00 25.81 ? 450 HOH A O   1 
HETATM 1378 O O   . HOH B 2 .   ? 0.160   -19.029 7.592   1.00 38.19 ? 451 HOH A O   1 
HETATM 1379 O O   . HOH B 2 .   ? 15.344  1.873   11.444  1.00 23.27 ? 452 HOH A O   1 
HETATM 1380 O O   . HOH B 2 .   ? -14.138 -5.934  8.421   1.00 28.35 ? 453 HOH A O   1 
HETATM 1381 O O   . HOH B 2 .   ? 17.141  14.622  7.527   1.00 37.52 ? 454 HOH A O   1 
HETATM 1382 O O   . HOH B 2 .   ? -10.783 1.576   -15.039 1.00 32.05 ? 455 HOH A O   1 
HETATM 1383 O O   . HOH B 2 .   ? 9.030   3.145   -16.665 1.00 31.50 ? 456 HOH A O   1 
HETATM 1384 O O   . HOH B 2 .   ? -11.566 -7.764  13.314  1.00 35.89 ? 457 HOH A O   1 
HETATM 1385 O O   . HOH B 2 .   ? -14.917 6.114   4.508   1.00 27.45 ? 458 HOH A O   1 
HETATM 1386 O O   . HOH B 2 .   ? -5.369  11.757  -13.008 1.00 29.49 ? 459 HOH A O   1 
HETATM 1387 O O   . HOH B 2 .   ? 11.170  14.562  -8.100  1.00 38.29 ? 460 HOH A O   1 
HETATM 1388 O O   . HOH B 2 .   ? -14.211 0.713   -5.984  1.00 30.60 ? 461 HOH A O   1 
HETATM 1389 O O   . HOH B 2 .   ? -2.248  -20.550 12.829  1.00 34.50 ? 462 HOH A O   1 
HETATM 1390 O O   . HOH B 2 .   ? 2.148   18.276  -2.318  1.00 36.42 ? 463 HOH A O   1 
HETATM 1391 O O   . HOH B 2 .   ? -13.553 2.178   0.013   1.00 32.95 ? 464 HOH A O   1 
HETATM 1392 O O   . HOH B 2 .   ? -4.177  2.803   -23.236 1.00 37.27 ? 465 HOH A O   1 
HETATM 1393 O O   . HOH B 2 .   ? -15.497 -10.349 8.610   1.00 39.00 ? 466 HOH A O   1 
HETATM 1394 O O   . HOH B 2 .   ? -8.793  7.825   -15.844 1.00 38.86 ? 467 HOH A O   1 
HETATM 1395 O O   . HOH B 2 .   ? -0.894  19.676  -5.992  1.00 34.26 ? 468 HOH A O   1 
HETATM 1396 O O   . HOH B 2 .   ? -23.189 -1.496  -8.384  1.00 43.32 ? 469 HOH A O   1 
HETATM 1397 O O   . HOH B 2 .   ? -7.645  10.531  -15.891 1.00 39.27 ? 470 HOH A O   1 
HETATM 1398 O O   . HOH B 2 .   ? -8.134  2.448   -20.122 1.00 38.44 ? 471 HOH A O   1 
# 
